data_2EU0
#
_entry.id   2EU0
#
loop_
_entity.id
_entity.type
_entity.pdbx_description
1 polymer 'Tyrosine-protein kinase ITK/TSK'
2 polymer 'Lymphocyte cytosolic protein 2 phosphopeptide fragment'
#
loop_
_entity_poly.entity_id
_entity_poly.type
_entity_poly.pdbx_seq_one_letter_code
_entity_poly.pdbx_strand_id
1 'polypeptide(L)'
;(ACE)NNLETYEWYNKSISRDKAEKLLLDTGKEGAFMVRDSRTPGTYTVSVFTKAIISENPCIKHYHIKETNDSPKRYYV
AEKYVFDSIPLLIQYHQYNGGGLVTRLRYPVCG
;
A
2 'polypeptide(L)' (ACE)AD(PTR)EPP(NH2) B
#
# COMPACT_ATOMS: atom_id res chain seq x y z
N ASN A 2 6.36 15.55 1.82
CA ASN A 2 5.84 14.23 2.14
C ASN A 2 6.07 13.28 0.98
N ASN A 3 7.35 13.07 0.66
CA ASN A 3 7.72 12.19 -0.44
C ASN A 3 6.59 11.23 -0.77
N LEU A 4 5.92 10.74 0.26
CA LEU A 4 4.81 9.81 0.10
C LEU A 4 3.69 10.44 -0.71
N GLU A 5 3.30 11.63 -0.30
CA GLU A 5 2.22 12.36 -0.95
C GLU A 5 2.60 12.74 -2.37
N THR A 6 3.87 12.61 -2.71
CA THR A 6 4.33 12.95 -4.05
C THR A 6 4.34 11.74 -4.97
N TYR A 7 4.09 10.56 -4.41
CA TYR A 7 4.06 9.34 -5.19
C TYR A 7 2.70 9.14 -5.83
N GLU A 8 2.65 8.29 -6.83
CA GLU A 8 1.41 8.01 -7.53
C GLU A 8 0.50 7.10 -6.71
N TRP A 9 0.59 7.19 -5.39
CA TRP A 9 -0.23 6.33 -4.56
C TRP A 9 -0.62 6.95 -3.21
N TYR A 10 -0.04 8.09 -2.83
CA TYR A 10 -0.41 8.67 -1.56
C TYR A 10 -1.70 9.47 -1.66
N ASN A 11 -2.73 8.94 -1.04
CA ASN A 11 -4.03 9.55 -1.01
C ASN A 11 -4.19 10.36 0.27
N LYS A 12 -4.76 11.55 0.17
CA LYS A 12 -4.93 12.44 1.31
C LYS A 12 -5.44 11.68 2.54
N SER A 13 -6.05 12.40 3.47
CA SER A 13 -6.58 11.82 4.69
C SER A 13 -7.71 10.84 4.42
N ILE A 14 -7.93 10.55 3.15
CA ILE A 14 -8.98 9.65 2.75
C ILE A 14 -8.64 8.20 3.14
N SER A 15 -9.20 7.75 4.25
CA SER A 15 -8.96 6.39 4.72
C SER A 15 -8.91 5.42 3.55
N ARG A 16 -8.30 4.26 3.78
CA ARG A 16 -8.19 3.24 2.75
C ARG A 16 -9.56 2.83 2.22
N ASP A 17 -10.60 3.03 3.03
CA ASP A 17 -11.94 2.68 2.63
C ASP A 17 -12.34 3.43 1.37
N LYS A 18 -11.97 4.71 1.34
CA LYS A 18 -12.25 5.54 0.20
C LYS A 18 -11.27 5.21 -0.90
N ALA A 19 -10.02 5.00 -0.50
CA ALA A 19 -8.99 4.62 -1.43
C ALA A 19 -9.39 3.30 -2.06
N GLU A 20 -9.83 2.37 -1.21
CA GLU A 20 -10.28 1.07 -1.65
C GLU A 20 -11.56 1.22 -2.45
N LYS A 21 -12.52 1.94 -1.88
CA LYS A 21 -13.79 2.18 -2.56
C LYS A 21 -13.55 2.85 -3.90
N LEU A 22 -12.79 3.93 -3.87
CA LEU A 22 -12.46 4.66 -5.08
C LEU A 22 -11.53 3.85 -5.99
N LEU A 23 -10.50 3.25 -5.38
CA LEU A 23 -9.53 2.47 -6.15
C LEU A 23 -10.12 1.15 -6.65
N LEU A 24 -10.77 0.42 -5.76
CA LEU A 24 -11.36 -0.86 -6.13
C LEU A 24 -12.34 -0.69 -7.28
N ASP A 25 -12.99 0.46 -7.32
CA ASP A 25 -13.96 0.76 -8.37
C ASP A 25 -13.27 0.89 -9.72
N THR A 26 -12.05 1.42 -9.71
CA THR A 26 -11.29 1.60 -10.93
C THR A 26 -10.83 0.27 -11.50
N GLY A 27 -10.60 -0.69 -10.61
CA GLY A 27 -10.17 -2.01 -11.04
C GLY A 27 -8.82 -1.98 -11.72
N LYS A 28 -7.81 -1.48 -11.02
CA LYS A 28 -6.46 -1.41 -11.56
C LYS A 28 -5.60 -2.56 -11.06
N GLU A 29 -5.16 -3.43 -11.96
CA GLU A 29 -4.32 -4.52 -11.54
C GLU A 29 -3.23 -3.98 -10.64
N GLY A 30 -3.14 -4.51 -9.43
CA GLY A 30 -2.15 -4.04 -8.49
C GLY A 30 -2.20 -2.54 -8.30
N ALA A 31 -3.42 -1.99 -8.26
CA ALA A 31 -3.58 -0.55 -8.06
C ALA A 31 -3.40 -0.22 -6.59
N PHE A 32 -2.41 0.60 -6.27
CA PHE A 32 -2.15 0.94 -4.87
C PHE A 32 -2.15 2.43 -4.59
N MET A 33 -2.26 2.73 -3.29
CA MET A 33 -2.25 4.08 -2.76
C MET A 33 -1.80 4.01 -1.31
N VAL A 34 -1.37 5.13 -0.73
CA VAL A 34 -0.93 5.13 0.65
C VAL A 34 -1.40 6.38 1.38
N ARG A 35 -2.17 6.19 2.45
CA ARG A 35 -2.69 7.30 3.23
C ARG A 35 -2.27 7.20 4.69
N ASP A 36 -2.25 8.35 5.36
CA ASP A 36 -1.88 8.41 6.77
C ASP A 36 -3.08 8.07 7.66
N SER A 37 -2.98 6.96 8.38
CA SER A 37 -4.05 6.51 9.27
C SER A 37 -4.25 7.46 10.44
N ARG A 38 -5.48 7.50 10.95
CA ARG A 38 -5.83 8.36 12.09
C ARG A 38 -4.72 8.35 13.12
N THR A 39 -3.90 7.29 13.08
CA THR A 39 -2.78 7.15 13.99
C THR A 39 -1.50 7.53 13.26
N PRO A 40 -1.44 8.77 12.76
CA PRO A 40 -0.29 9.30 12.02
C PRO A 40 1.05 8.79 12.53
N GLY A 41 1.25 7.49 12.37
CA GLY A 41 2.50 6.86 12.77
C GLY A 41 3.04 6.02 11.64
N THR A 42 2.13 5.36 10.95
CA THR A 42 2.45 4.51 9.82
C THR A 42 1.61 4.92 8.62
N TYR A 43 2.06 4.58 7.42
CA TYR A 43 1.33 4.93 6.21
C TYR A 43 0.51 3.73 5.73
N THR A 44 -0.74 3.97 5.38
CA THR A 44 -1.61 2.90 4.92
C THR A 44 -1.66 2.87 3.40
N VAL A 45 -1.23 1.76 2.83
CA VAL A 45 -1.21 1.61 1.38
C VAL A 45 -2.42 0.81 0.86
N SER A 46 -3.22 1.46 0.03
CA SER A 46 -4.40 0.84 -0.57
C SER A 46 -4.02 0.24 -1.92
N VAL A 47 -4.09 -1.09 -2.04
CA VAL A 47 -3.73 -1.77 -3.28
C VAL A 47 -4.86 -2.60 -3.85
N PHE A 48 -4.91 -2.68 -5.17
CA PHE A 48 -5.92 -3.46 -5.87
C PHE A 48 -5.28 -4.46 -6.82
N THR A 49 -5.61 -5.73 -6.64
CA THR A 49 -5.08 -6.80 -7.47
C THR A 49 -6.11 -7.27 -8.49
N LYS A 50 -5.63 -7.54 -9.71
CA LYS A 50 -6.52 -8.00 -10.78
C LYS A 50 -6.73 -9.51 -10.69
N ALA A 51 -7.96 -9.92 -10.39
CA ALA A 51 -8.30 -11.33 -10.28
C ALA A 51 -9.08 -11.81 -11.49
N ILE A 52 -8.79 -13.04 -11.91
CA ILE A 52 -9.46 -13.64 -13.05
C ILE A 52 -10.83 -14.19 -12.64
N ILE A 53 -10.87 -14.84 -11.49
CA ILE A 53 -12.11 -15.42 -10.97
C ILE A 53 -13.32 -14.57 -11.34
N SER A 54 -14.51 -15.13 -11.14
CA SER A 54 -15.75 -14.43 -11.45
C SER A 54 -16.14 -13.47 -10.33
N GLU A 55 -15.67 -13.77 -9.12
CA GLU A 55 -15.97 -12.93 -7.97
C GLU A 55 -15.41 -11.51 -8.15
N ASN A 56 -14.50 -11.37 -9.12
CA ASN A 56 -13.90 -10.07 -9.40
C ASN A 56 -12.51 -9.96 -8.79
N PRO A 57 -11.73 -8.95 -9.22
CA PRO A 57 -10.38 -8.73 -8.73
C PRO A 57 -10.33 -8.57 -7.21
N CYS A 58 -9.14 -8.78 -6.63
CA CYS A 58 -8.97 -8.64 -5.19
C CYS A 58 -8.05 -7.47 -4.87
N ILE A 59 -8.62 -6.46 -4.21
CA ILE A 59 -7.86 -5.27 -3.82
C ILE A 59 -7.66 -5.23 -2.31
N LYS A 60 -6.45 -4.87 -1.89
CA LYS A 60 -6.14 -4.80 -0.46
C LYS A 60 -5.20 -3.65 -0.13
N HIS A 61 -5.24 -3.24 1.14
CA HIS A 61 -4.41 -2.15 1.64
C HIS A 61 -3.51 -2.66 2.78
N TYR A 62 -2.39 -1.99 3.00
CA TYR A 62 -1.49 -2.38 4.08
C TYR A 62 -0.90 -1.15 4.78
N HIS A 63 -0.92 -1.17 6.11
CA HIS A 63 -0.38 -0.07 6.89
C HIS A 63 1.12 -0.24 7.03
N ILE A 64 1.87 0.72 6.50
CA ILE A 64 3.33 0.66 6.56
C ILE A 64 3.83 0.74 7.99
N LYS A 65 4.50 -0.31 8.43
CA LYS A 65 5.05 -0.37 9.78
C LYS A 65 6.42 0.30 9.83
N GLU A 66 6.59 1.22 10.77
CA GLU A 66 7.86 1.94 10.91
C GLU A 66 8.71 1.31 12.00
N THR A 67 10.02 1.59 11.95
CA THR A 67 10.94 1.06 12.93
C THR A 67 12.03 2.07 13.26
N ASN A 68 13.03 1.63 14.01
CA ASN A 68 14.14 2.49 14.41
C ASN A 68 15.47 1.92 13.93
N ASP A 69 15.51 1.46 12.68
CA ASP A 69 16.73 0.90 12.14
C ASP A 69 16.80 1.08 10.62
N SER A 70 17.83 1.78 10.15
CA SER A 70 18.00 1.99 8.72
C SER A 70 18.59 0.76 8.05
N PRO A 71 17.99 0.31 6.93
CA PRO A 71 16.82 0.95 6.34
C PRO A 71 15.52 0.37 6.88
N LYS A 72 15.63 -0.72 7.62
CA LYS A 72 14.46 -1.40 8.19
C LYS A 72 13.62 -0.44 9.03
N ARG A 73 13.08 0.58 8.37
CA ARG A 73 12.25 1.57 9.05
C ARG A 73 10.77 1.31 8.79
N TYR A 74 10.37 1.35 7.52
CA TYR A 74 8.98 1.11 7.14
C TYR A 74 8.81 -0.30 6.61
N TYR A 75 7.73 -0.94 7.02
CA TYR A 75 7.44 -2.29 6.55
C TYR A 75 5.97 -2.64 6.65
N VAL A 76 5.47 -3.27 5.61
CA VAL A 76 4.10 -3.75 5.58
C VAL A 76 4.17 -5.25 5.38
N ALA A 77 4.96 -5.85 6.24
CA ALA A 77 5.21 -7.28 6.26
C ALA A 77 6.25 -7.54 7.33
N GLU A 78 6.37 -8.77 7.78
CA GLU A 78 7.34 -9.07 8.84
C GLU A 78 8.71 -9.41 8.28
N LYS A 79 9.30 -8.45 7.59
CA LYS A 79 10.63 -8.60 7.03
C LYS A 79 10.91 -7.51 6.00
N TYR A 80 9.85 -6.91 5.48
CA TYR A 80 9.97 -5.82 4.51
C TYR A 80 10.03 -4.47 5.21
N VAL A 81 11.20 -4.14 5.77
CA VAL A 81 11.36 -2.87 6.47
C VAL A 81 12.36 -1.98 5.76
N PHE A 82 11.92 -0.77 5.42
CA PHE A 82 12.78 0.18 4.73
C PHE A 82 12.49 1.62 5.15
N ASP A 83 13.49 2.49 5.00
CA ASP A 83 13.35 3.90 5.35
C ASP A 83 12.63 4.66 4.25
N SER A 84 11.93 3.95 3.39
CA SER A 84 11.21 4.56 2.28
C SER A 84 10.00 3.73 1.89
N ILE A 85 8.81 4.22 2.23
CA ILE A 85 7.59 3.51 1.90
C ILE A 85 7.53 3.32 0.39
N PRO A 86 7.89 4.36 -0.35
CA PRO A 86 7.91 4.33 -1.82
C PRO A 86 8.88 3.26 -2.30
N LEU A 87 10.07 3.24 -1.69
CA LEU A 87 11.07 2.24 -2.02
C LEU A 87 10.49 0.89 -1.65
N LEU A 88 9.97 0.83 -0.44
CA LEU A 88 9.34 -0.36 0.04
C LEU A 88 8.19 -0.65 -0.91
N ILE A 89 7.55 0.42 -1.38
CA ILE A 89 6.49 0.30 -2.37
C ILE A 89 7.10 -0.36 -3.58
N GLN A 90 8.26 0.18 -3.98
CA GLN A 90 8.98 -0.36 -5.12
C GLN A 90 9.37 -1.80 -4.82
N TYR A 91 9.71 -2.05 -3.56
CA TYR A 91 10.10 -3.38 -3.13
C TYR A 91 8.89 -4.29 -3.15
N HIS A 92 7.74 -3.74 -2.77
CA HIS A 92 6.50 -4.48 -2.73
C HIS A 92 6.11 -4.97 -4.13
N GLN A 93 6.98 -4.68 -5.11
CA GLN A 93 6.74 -5.08 -6.48
C GLN A 93 8.04 -5.51 -7.15
N TYR A 94 9.11 -4.81 -6.82
CA TYR A 94 10.42 -5.11 -7.37
C TYR A 94 10.97 -6.42 -6.79
N ASN A 95 10.27 -6.93 -5.78
CA ASN A 95 10.67 -8.16 -5.12
C ASN A 95 9.47 -9.10 -4.96
N GLY A 96 9.72 -10.39 -5.18
CA GLY A 96 8.65 -11.38 -5.06
C GLY A 96 7.40 -10.81 -4.41
N GLY A 97 7.57 -10.22 -3.22
CA GLY A 97 6.44 -9.66 -2.50
C GLY A 97 5.59 -10.70 -1.84
N GLY A 98 4.59 -10.26 -1.08
CA GLY A 98 3.72 -11.18 -0.38
C GLY A 98 2.31 -10.65 -0.24
N LEU A 99 2.03 -9.52 -0.88
CA LEU A 99 0.72 -8.90 -0.81
C LEU A 99 0.06 -8.82 -2.19
N VAL A 100 -1.26 -8.98 -2.22
CA VAL A 100 -2.01 -8.92 -3.47
C VAL A 100 -1.10 -8.55 -4.65
N THR A 101 -0.88 -9.50 -5.54
CA THR A 101 -0.04 -9.27 -6.71
C THR A 101 0.94 -8.13 -6.47
N ARG A 102 1.45 -8.04 -5.24
CA ARG A 102 2.41 -7.00 -4.88
C ARG A 102 1.98 -5.65 -5.44
N LEU A 103 2.73 -4.60 -5.11
CA LEU A 103 2.41 -3.25 -5.60
C LEU A 103 2.57 -3.21 -7.11
N ARG A 104 1.54 -2.77 -7.81
CA ARG A 104 1.59 -2.70 -9.26
C ARG A 104 1.33 -1.30 -9.79
N TYR A 105 0.06 -0.88 -9.74
CA TYR A 105 -0.32 0.43 -10.23
C TYR A 105 -0.61 1.40 -9.09
N PRO A 106 0.04 2.56 -9.11
CA PRO A 106 -0.15 3.59 -8.09
C PRO A 106 -1.43 4.39 -8.33
N VAL A 107 -2.56 3.84 -7.90
CA VAL A 107 -3.84 4.50 -8.07
C VAL A 107 -4.12 5.48 -6.94
N CYS A 108 -3.18 6.39 -6.70
CA CYS A 108 -3.34 7.38 -5.65
C CYS A 108 -4.73 7.98 -5.69
N GLY A 109 -5.66 7.33 -5.00
CA GLY A 109 -7.03 7.80 -4.96
C GLY A 109 -7.29 8.92 -5.94
N ALA B 2 -2.87 -6.87 12.57
CA ALA B 2 -3.82 -7.95 12.37
C ALA B 2 -5.08 -7.44 11.66
N ASP B 3 -5.57 -6.28 12.09
CA ASP B 3 -6.76 -5.69 11.49
C ASP B 3 -6.46 -5.14 10.11
N GLU B 5 -5.02 -5.31 6.88
CA GLU B 5 -4.47 -6.31 5.96
C GLU B 5 -3.13 -6.83 6.47
N PRO B 6 -3.16 -7.70 7.49
CA PRO B 6 -1.96 -8.28 8.08
C PRO B 6 -0.87 -8.57 7.06
N PRO B 7 -0.01 -7.57 6.79
CA PRO B 7 1.09 -7.71 5.83
C PRO B 7 1.89 -8.99 6.05
N ASN A 2 7.87 13.10 4.68
CA ASN A 2 7.45 11.79 4.20
C ASN A 2 7.20 11.82 2.70
N ASN A 3 7.02 13.03 2.17
CA ASN A 3 6.76 13.20 0.74
C ASN A 3 5.98 12.02 0.16
N LEU A 4 5.23 11.34 1.02
CA LEU A 4 4.44 10.19 0.61
C LEU A 4 3.18 10.62 -0.13
N GLU A 5 2.52 11.62 0.43
CA GLU A 5 1.29 12.16 -0.14
C GLU A 5 1.51 12.68 -1.56
N THR A 6 2.77 12.87 -1.92
CA THR A 6 3.12 13.38 -3.25
C THR A 6 3.29 12.24 -4.24
N TYR A 7 3.14 11.01 -3.77
CA TYR A 7 3.28 9.85 -4.63
C TYR A 7 1.97 9.55 -5.34
N GLU A 8 2.04 8.69 -6.35
CA GLU A 8 0.87 8.33 -7.13
C GLU A 8 0.02 7.32 -6.37
N TRP A 9 0.06 7.36 -5.06
CA TRP A 9 -0.71 6.41 -4.28
C TRP A 9 -1.11 6.93 -2.89
N TYR A 10 -0.45 7.98 -2.40
CA TYR A 10 -0.79 8.50 -1.08
C TYR A 10 -1.95 9.48 -1.15
N ASN A 11 -3.06 9.08 -0.57
CA ASN A 11 -4.26 9.91 -0.52
C ASN A 11 -4.43 10.47 0.89
N LYS A 12 -4.78 11.75 0.98
CA LYS A 12 -4.95 12.40 2.27
C LYS A 12 -5.74 11.53 3.25
N SER A 13 -6.37 12.18 4.22
CA SER A 13 -7.15 11.48 5.24
C SER A 13 -8.21 10.59 4.60
N ILE A 14 -8.23 10.57 3.28
CA ILE A 14 -9.18 9.76 2.55
C ILE A 14 -9.56 8.49 3.31
N SER A 15 -8.55 7.67 3.62
CA SER A 15 -8.78 6.43 4.35
C SER A 15 -8.76 5.25 3.39
N ARG A 16 -8.49 4.06 3.91
CA ARG A 16 -8.46 2.87 3.08
C ARG A 16 -9.79 2.69 2.37
N ASP A 17 -10.83 3.28 2.95
CA ASP A 17 -12.15 3.21 2.35
C ASP A 17 -12.15 3.94 1.02
N LYS A 18 -11.45 5.07 1.02
CA LYS A 18 -11.31 5.85 -0.19
C LYS A 18 -10.40 5.10 -1.13
N ALA A 19 -9.24 4.71 -0.62
CA ALA A 19 -8.29 3.95 -1.40
C ALA A 19 -9.02 2.77 -2.02
N GLU A 20 -9.75 2.06 -1.18
CA GLU A 20 -10.54 0.94 -1.65
C GLU A 20 -11.60 1.44 -2.60
N LYS A 21 -12.26 2.52 -2.21
CA LYS A 21 -13.28 3.13 -3.04
C LYS A 21 -12.75 3.41 -4.42
N LEU A 22 -11.61 4.09 -4.49
CA LEU A 22 -10.99 4.38 -5.78
C LEU A 22 -10.48 3.08 -6.39
N LEU A 23 -9.94 2.21 -5.55
CA LEU A 23 -9.40 0.94 -6.00
C LEU A 23 -10.47 0.08 -6.66
N LEU A 24 -11.59 -0.11 -5.98
CA LEU A 24 -12.68 -0.92 -6.54
C LEU A 24 -13.25 -0.25 -7.78
N ASP A 25 -13.55 1.03 -7.65
CA ASP A 25 -14.10 1.80 -8.76
C ASP A 25 -13.11 1.80 -9.92
N THR A 26 -11.82 1.82 -9.59
CA THR A 26 -10.77 1.82 -10.59
C THR A 26 -10.66 0.46 -11.24
N GLY A 27 -10.69 -0.57 -10.42
CA GLY A 27 -10.58 -1.93 -10.92
C GLY A 27 -9.31 -2.18 -11.70
N LYS A 28 -8.22 -1.59 -11.22
CA LYS A 28 -6.92 -1.76 -11.89
C LYS A 28 -6.04 -2.71 -11.10
N GLU A 29 -5.65 -3.82 -11.72
CA GLU A 29 -4.79 -4.78 -11.05
C GLU A 29 -3.54 -4.05 -10.58
N GLY A 30 -3.25 -4.14 -9.28
CA GLY A 30 -2.09 -3.46 -8.76
C GLY A 30 -2.36 -2.02 -8.45
N ALA A 31 -3.63 -1.61 -8.49
CA ALA A 31 -3.94 -0.21 -8.19
C ALA A 31 -3.86 0.00 -6.69
N PHE A 32 -2.92 0.84 -6.26
CA PHE A 32 -2.75 1.10 -4.85
C PHE A 32 -2.78 2.57 -4.47
N MET A 33 -2.93 2.79 -3.17
CA MET A 33 -2.92 4.12 -2.58
C MET A 33 -2.38 4.01 -1.16
N VAL A 34 -2.03 5.12 -0.54
CA VAL A 34 -1.50 5.08 0.82
C VAL A 34 -2.06 6.22 1.65
N ARG A 35 -2.66 5.88 2.79
CA ARG A 35 -3.23 6.89 3.65
C ARG A 35 -2.64 6.83 5.06
N ASP A 36 -2.69 7.96 5.75
CA ASP A 36 -2.18 8.05 7.12
C ASP A 36 -3.25 7.64 8.12
N SER A 37 -3.08 6.48 8.72
CA SER A 37 -4.04 5.96 9.69
C SER A 37 -4.32 6.96 10.82
N ARG A 38 -5.55 6.95 11.33
CA ARG A 38 -5.96 7.84 12.40
C ARG A 38 -4.81 7.99 13.40
N THR A 39 -3.95 6.99 13.43
CA THR A 39 -2.79 7.01 14.30
C THR A 39 -1.55 7.42 13.50
N PRO A 40 -1.60 8.63 12.91
CA PRO A 40 -0.52 9.17 12.08
C PRO A 40 0.86 8.75 12.56
N GLY A 41 1.15 7.47 12.39
CA GLY A 41 2.45 6.93 12.75
C GLY A 41 3.00 6.10 11.62
N THR A 42 2.10 5.36 10.98
CA THR A 42 2.45 4.53 9.84
C THR A 42 1.55 4.87 8.66
N TYR A 43 1.99 4.51 7.46
CA TYR A 43 1.20 4.79 6.26
C TYR A 43 0.46 3.54 5.81
N THR A 44 -0.79 3.69 5.42
CA THR A 44 -1.60 2.57 4.98
C THR A 44 -1.75 2.58 3.47
N VAL A 45 -1.18 1.56 2.83
CA VAL A 45 -1.25 1.46 1.37
C VAL A 45 -2.37 0.54 0.91
N SER A 46 -3.23 1.06 0.04
CA SER A 46 -4.34 0.30 -0.51
C SER A 46 -4.05 -0.09 -1.96
N VAL A 47 -3.89 -1.40 -2.20
CA VAL A 47 -3.62 -1.90 -3.54
C VAL A 47 -4.75 -2.79 -4.04
N PHE A 48 -5.04 -2.68 -5.34
CA PHE A 48 -6.11 -3.44 -5.95
C PHE A 48 -5.63 -4.23 -7.17
N THR A 49 -5.92 -5.53 -7.18
CA THR A 49 -5.57 -6.41 -8.28
C THR A 49 -6.81 -6.91 -9.00
N LYS A 50 -6.74 -6.98 -10.32
CA LYS A 50 -7.86 -7.43 -11.13
C LYS A 50 -7.64 -8.85 -11.63
N ALA A 51 -8.46 -9.77 -11.15
CA ALA A 51 -8.37 -11.17 -11.54
C ALA A 51 -9.12 -11.43 -12.85
N ILE A 52 -8.68 -12.43 -13.59
CA ILE A 52 -9.30 -12.77 -14.86
C ILE A 52 -10.82 -12.61 -14.78
N ILE A 53 -11.36 -12.70 -13.56
CA ILE A 53 -12.78 -12.56 -13.34
C ILE A 53 -13.10 -11.23 -12.66
N SER A 54 -14.38 -10.95 -12.49
CA SER A 54 -14.82 -9.72 -11.85
C SER A 54 -14.75 -9.84 -10.33
N GLU A 55 -15.20 -10.98 -9.82
CA GLU A 55 -15.18 -11.23 -8.38
C GLU A 55 -13.78 -11.60 -7.90
N ASN A 56 -13.11 -12.46 -8.65
CA ASN A 56 -11.76 -12.90 -8.30
C ASN A 56 -10.90 -11.73 -7.86
N PRO A 57 -10.97 -10.60 -8.60
CA PRO A 57 -10.19 -9.40 -8.28
C PRO A 57 -10.20 -9.09 -6.79
N CYS A 58 -9.02 -9.17 -6.16
CA CYS A 58 -8.89 -8.90 -4.74
C CYS A 58 -8.01 -7.68 -4.49
N ILE A 59 -8.59 -6.67 -3.84
CA ILE A 59 -7.86 -5.44 -3.53
C ILE A 59 -7.62 -5.34 -2.02
N LYS A 60 -6.40 -4.99 -1.63
CA LYS A 60 -6.08 -4.88 -0.21
C LYS A 60 -5.11 -3.74 0.10
N HIS A 61 -5.17 -3.27 1.34
CA HIS A 61 -4.30 -2.20 1.82
C HIS A 61 -3.44 -2.68 2.98
N TYR A 62 -2.29 -2.06 3.19
CA TYR A 62 -1.41 -2.44 4.29
C TYR A 62 -0.85 -1.21 4.99
N HIS A 63 -0.64 -1.32 6.31
CA HIS A 63 -0.10 -0.22 7.09
C HIS A 63 1.42 -0.31 7.16
N ILE A 64 2.09 0.73 6.68
CA ILE A 64 3.54 0.78 6.69
C ILE A 64 4.09 1.01 8.09
N LYS A 65 4.78 0.01 8.62
CA LYS A 65 5.36 0.12 9.96
C LYS A 65 6.75 0.75 9.90
N GLU A 66 7.07 1.54 10.91
CA GLU A 66 8.37 2.22 10.98
C GLU A 66 9.28 1.57 12.02
N THR A 67 10.58 1.70 11.82
CA THR A 67 11.55 1.13 12.75
C THR A 67 12.68 2.12 13.03
N ASN A 68 13.83 1.60 13.47
CA ASN A 68 14.98 2.44 13.76
C ASN A 68 15.95 2.40 12.58
N ASP A 69 15.41 1.99 11.44
CA ASP A 69 16.18 1.90 10.21
C ASP A 69 17.24 0.81 10.30
N SER A 70 17.05 -0.25 9.53
CA SER A 70 17.99 -1.35 9.50
C SER A 70 18.91 -1.31 8.27
N PRO A 71 19.08 -0.15 7.60
CA PRO A 71 18.46 1.12 8.00
C PRO A 71 16.98 1.20 7.65
N LYS A 72 16.40 0.08 7.21
CA LYS A 72 14.99 0.06 6.86
C LYS A 72 14.16 0.74 7.95
N ARG A 73 13.46 1.81 7.57
CA ARG A 73 12.65 2.57 8.51
C ARG A 73 11.20 2.09 8.55
N TYR A 74 10.55 2.01 7.38
CA TYR A 74 9.16 1.56 7.34
C TYR A 74 9.07 0.17 6.72
N TYR A 75 7.96 -0.51 7.00
CA TYR A 75 7.75 -1.85 6.45
C TYR A 75 6.27 -2.20 6.42
N VAL A 76 5.86 -2.82 5.33
CA VAL A 76 4.48 -3.28 5.20
C VAL A 76 4.52 -4.79 5.16
N ALA A 77 5.19 -5.34 6.17
CA ALA A 77 5.37 -6.77 6.33
C ALA A 77 6.27 -7.01 7.54
N GLU A 78 6.24 -8.22 8.07
CA GLU A 78 7.06 -8.53 9.23
C GLU A 78 8.39 -9.15 8.82
N LYS A 79 9.18 -8.37 8.12
CA LYS A 79 10.49 -8.78 7.64
C LYS A 79 10.93 -7.85 6.52
N TYR A 80 9.94 -7.34 5.79
CA TYR A 80 10.17 -6.41 4.70
C TYR A 80 10.16 -4.98 5.23
N VAL A 81 11.34 -4.45 5.56
CA VAL A 81 11.43 -3.10 6.10
C VAL A 81 12.29 -2.20 5.22
N PHE A 82 11.80 -1.00 4.99
CA PHE A 82 12.50 -0.03 4.18
C PHE A 82 12.25 1.39 4.70
N ASP A 83 13.26 2.24 4.63
CA ASP A 83 13.15 3.61 5.10
C ASP A 83 12.47 4.51 4.08
N SER A 84 11.73 3.89 3.16
CA SER A 84 11.02 4.62 2.13
C SER A 84 9.78 3.86 1.68
N ILE A 85 8.62 4.50 1.83
CA ILE A 85 7.37 3.87 1.44
C ILE A 85 7.41 3.49 -0.03
N PRO A 86 7.94 4.39 -0.89
CA PRO A 86 8.05 4.14 -2.31
C PRO A 86 9.02 3.01 -2.60
N LEU A 87 10.18 3.06 -1.96
CA LEU A 87 11.17 2.00 -2.12
C LEU A 87 10.55 0.73 -1.59
N LEU A 88 9.91 0.87 -0.43
CA LEU A 88 9.21 -0.25 0.18
C LEU A 88 8.15 -0.70 -0.81
N ILE A 89 7.45 0.29 -1.37
CA ILE A 89 6.46 0.02 -2.39
C ILE A 89 7.16 -0.67 -3.55
N GLN A 90 8.36 -0.17 -3.86
CA GLN A 90 9.17 -0.74 -4.92
C GLN A 90 9.49 -2.18 -4.58
N TYR A 91 9.90 -2.40 -3.34
CA TYR A 91 10.21 -3.73 -2.86
C TYR A 91 8.97 -4.60 -2.93
N HIS A 92 7.84 -4.01 -2.56
CA HIS A 92 6.57 -4.74 -2.59
C HIS A 92 5.96 -4.69 -3.99
N GLN A 93 6.82 -4.54 -5.00
CA GLN A 93 6.36 -4.48 -6.39
C GLN A 93 7.38 -5.12 -7.33
N TYR A 94 8.64 -4.86 -7.07
CA TYR A 94 9.70 -5.41 -7.91
C TYR A 94 10.65 -6.28 -7.08
N ASN A 95 10.22 -6.63 -5.88
CA ASN A 95 11.01 -7.46 -4.99
C ASN A 95 10.16 -8.58 -4.38
N GLY A 96 10.65 -9.19 -3.32
CA GLY A 96 9.91 -10.26 -2.66
C GLY A 96 8.41 -10.02 -2.67
N GLY A 97 7.96 -9.13 -1.79
CA GLY A 97 6.54 -8.83 -1.71
C GLY A 97 5.86 -9.51 -0.54
N GLY A 98 4.54 -9.65 -0.63
CA GLY A 98 3.79 -10.29 0.43
C GLY A 98 2.32 -9.91 0.40
N LEU A 99 1.99 -8.85 -0.33
CA LEU A 99 0.60 -8.39 -0.43
C LEU A 99 0.01 -8.76 -1.79
N VAL A 100 -1.11 -8.13 -2.12
CA VAL A 100 -1.78 -8.38 -3.39
C VAL A 100 -0.88 -8.02 -4.57
N THR A 101 -0.57 -9.01 -5.39
CA THR A 101 0.30 -8.79 -6.55
C THR A 101 1.26 -7.65 -6.29
N ARG A 102 1.67 -7.51 -5.03
CA ARG A 102 2.61 -6.47 -4.65
C ARG A 102 2.21 -5.13 -5.26
N LEU A 103 2.83 -4.04 -4.78
CA LEU A 103 2.56 -2.71 -5.30
C LEU A 103 2.72 -2.70 -6.81
N ARG A 104 1.68 -2.33 -7.53
CA ARG A 104 1.73 -2.30 -8.98
C ARG A 104 1.39 -0.92 -9.54
N TYR A 105 0.10 -0.62 -9.60
CA TYR A 105 -0.36 0.66 -10.14
C TYR A 105 -0.79 1.60 -9.02
N PRO A 106 -0.22 2.81 -8.97
CA PRO A 106 -0.55 3.81 -7.96
C PRO A 106 -1.84 4.55 -8.27
N VAL A 107 -2.95 4.06 -7.73
CA VAL A 107 -4.25 4.69 -7.96
C VAL A 107 -4.59 5.65 -6.84
N CYS A 108 -3.66 6.56 -6.52
CA CYS A 108 -3.88 7.55 -5.47
C CYS A 108 -5.20 8.28 -5.67
N GLY A 109 -6.30 7.56 -5.46
CA GLY A 109 -7.61 8.16 -5.62
C GLY A 109 -7.58 9.39 -6.49
N ALA B 2 -4.29 -4.55 13.89
CA ALA B 2 -5.41 -5.44 13.62
C ALA B 2 -6.28 -4.92 12.48
N ASP B 3 -6.70 -3.66 12.59
CA ASP B 3 -7.54 -3.04 11.57
C ASP B 3 -6.88 -3.16 10.20
N GLU B 5 -5.23 -5.20 8.08
CA GLU B 5 -4.88 -6.58 7.77
C GLU B 5 -3.37 -6.72 7.55
N PRO B 6 -2.92 -6.45 6.30
CA PRO B 6 -1.50 -6.54 5.96
C PRO B 6 -0.72 -5.31 6.39
N PRO B 7 0.58 -5.49 6.69
CA PRO B 7 1.44 -4.38 7.11
C PRO B 7 1.91 -3.53 5.94
N ASN A 2 4.88 14.92 4.45
CA ASN A 2 5.42 13.57 4.58
C ASN A 2 6.16 13.15 3.32
N ASN A 3 5.92 13.86 2.22
CA ASN A 3 6.56 13.56 0.95
C ASN A 3 5.89 12.38 0.25
N LEU A 4 5.19 11.57 1.03
CA LEU A 4 4.48 10.41 0.49
C LEU A 4 3.16 10.84 -0.16
N GLU A 5 2.43 11.69 0.54
CA GLU A 5 1.14 12.18 0.07
C GLU A 5 1.29 12.78 -1.34
N THR A 6 2.52 13.00 -1.76
CA THR A 6 2.79 13.57 -3.07
C THR A 6 3.00 12.47 -4.11
N TYR A 7 2.89 11.22 -3.68
CA TYR A 7 3.06 10.10 -4.58
C TYR A 7 1.76 9.78 -5.31
N GLU A 8 1.84 8.83 -6.23
CA GLU A 8 0.68 8.43 -7.02
C GLU A 8 -0.20 7.45 -6.27
N TRP A 9 -0.06 7.41 -4.95
CA TRP A 9 -0.85 6.47 -4.16
C TRP A 9 -1.18 6.97 -2.76
N TYR A 10 -0.50 8.00 -2.29
CA TYR A 10 -0.79 8.50 -0.95
C TYR A 10 -1.99 9.42 -0.94
N ASN A 11 -3.07 8.92 -0.38
CA ASN A 11 -4.31 9.68 -0.26
C ASN A 11 -4.43 10.25 1.15
N LYS A 12 -4.83 11.51 1.26
CA LYS A 12 -4.96 12.15 2.56
C LYS A 12 -5.67 11.24 3.55
N SER A 13 -6.24 11.83 4.60
CA SER A 13 -6.94 11.07 5.61
C SER A 13 -8.23 10.48 5.04
N ILE A 14 -8.30 10.46 3.72
CA ILE A 14 -9.46 9.93 3.02
C ILE A 14 -10.00 8.67 3.68
N SER A 15 -9.15 7.64 3.77
CA SER A 15 -9.54 6.37 4.39
C SER A 15 -9.43 5.24 3.38
N ARG A 16 -9.15 4.03 3.87
CA ARG A 16 -9.02 2.87 3.02
C ARG A 16 -10.29 2.66 2.21
N ASP A 17 -11.41 3.19 2.72
CA ASP A 17 -12.67 3.07 2.03
C ASP A 17 -12.57 3.79 0.70
N LYS A 18 -11.92 4.94 0.75
CA LYS A 18 -11.69 5.72 -0.44
C LYS A 18 -10.64 5.01 -1.26
N ALA A 19 -9.60 4.55 -0.56
CA ALA A 19 -8.55 3.79 -1.20
C ALA A 19 -9.20 2.69 -2.01
N GLU A 20 -10.09 1.96 -1.35
CA GLU A 20 -10.85 0.93 -2.02
C GLU A 20 -11.74 1.57 -3.06
N LYS A 21 -12.34 2.69 -2.67
CA LYS A 21 -13.21 3.43 -3.58
C LYS A 21 -12.47 3.75 -4.88
N LEU A 22 -11.28 4.32 -4.74
CA LEU A 22 -10.46 4.64 -5.90
C LEU A 22 -9.94 3.36 -6.54
N LEU A 23 -9.46 2.45 -5.70
CA LEU A 23 -8.90 1.19 -6.17
C LEU A 23 -9.94 0.30 -6.83
N LEU A 24 -11.06 0.08 -6.16
CA LEU A 24 -12.11 -0.77 -6.71
C LEU A 24 -12.76 -0.12 -7.93
N ASP A 25 -12.78 1.21 -7.94
CA ASP A 25 -13.36 1.95 -9.06
C ASP A 25 -12.52 1.74 -10.32
N THR A 26 -11.22 1.82 -10.15
CA THR A 26 -10.28 1.64 -11.25
C THR A 26 -10.21 0.19 -11.65
N GLY A 27 -10.17 -0.69 -10.65
CA GLY A 27 -10.10 -2.12 -10.92
C GLY A 27 -8.81 -2.53 -11.62
N LYS A 28 -7.71 -1.88 -11.26
CA LYS A 28 -6.42 -2.20 -11.86
C LYS A 28 -5.62 -3.12 -10.95
N GLU A 29 -5.40 -4.35 -11.39
CA GLU A 29 -4.63 -5.28 -10.58
C GLU A 29 -3.37 -4.59 -10.10
N GLY A 30 -3.17 -4.57 -8.79
CA GLY A 30 -2.01 -3.94 -8.23
C GLY A 30 -2.22 -2.44 -8.00
N ALA A 31 -3.47 -2.02 -7.95
CA ALA A 31 -3.76 -0.60 -7.73
C ALA A 31 -3.61 -0.28 -6.26
N PHE A 32 -2.68 0.63 -5.93
CA PHE A 32 -2.45 0.97 -4.54
C PHE A 32 -2.55 2.45 -4.23
N MET A 33 -2.65 2.71 -2.93
CA MET A 33 -2.71 4.06 -2.37
C MET A 33 -2.23 3.99 -0.93
N VAL A 34 -1.85 5.11 -0.32
CA VAL A 34 -1.36 5.07 1.05
C VAL A 34 -1.88 6.25 1.87
N ARG A 35 -2.42 5.95 3.05
CA ARG A 35 -2.94 6.98 3.93
C ARG A 35 -2.30 6.95 5.31
N ASP A 36 -2.32 8.09 5.99
CA ASP A 36 -1.76 8.20 7.34
C ASP A 36 -2.84 7.88 8.37
N SER A 37 -2.72 6.73 9.01
CA SER A 37 -3.69 6.29 10.01
C SER A 37 -3.73 7.23 11.22
N ARG A 38 -4.91 7.33 11.85
CA ARG A 38 -5.10 8.17 13.02
C ARG A 38 -3.92 8.03 13.97
N THR A 39 -3.17 6.96 13.80
CA THR A 39 -1.99 6.70 14.62
C THR A 39 -0.74 7.09 13.83
N PRO A 40 -0.67 8.34 13.39
CA PRO A 40 0.44 8.87 12.60
C PRO A 40 1.79 8.30 13.01
N GLY A 41 1.94 7.00 12.77
CA GLY A 41 3.18 6.31 13.06
C GLY A 41 3.62 5.50 11.87
N THR A 42 2.62 4.89 11.22
CA THR A 42 2.84 4.09 10.04
C THR A 42 1.90 4.54 8.92
N TYR A 43 2.27 4.26 7.69
CA TYR A 43 1.44 4.64 6.55
C TYR A 43 0.62 3.45 6.07
N THR A 44 -0.65 3.69 5.77
CA THR A 44 -1.53 2.62 5.31
C THR A 44 -1.63 2.63 3.80
N VAL A 45 -1.22 1.54 3.17
CA VAL A 45 -1.26 1.43 1.72
C VAL A 45 -2.43 0.59 1.23
N SER A 46 -3.27 1.21 0.40
CA SER A 46 -4.42 0.53 -0.19
C SER A 46 -4.04 0.00 -1.57
N VAL A 47 -4.06 -1.34 -1.72
CA VAL A 47 -3.71 -1.97 -2.99
C VAL A 47 -4.86 -2.82 -3.53
N PHE A 48 -5.02 -2.82 -4.85
CA PHE A 48 -6.10 -3.57 -5.49
C PHE A 48 -5.57 -4.50 -6.58
N THR A 49 -5.96 -5.78 -6.48
CA THR A 49 -5.57 -6.79 -7.45
C THR A 49 -6.75 -7.27 -8.26
N LYS A 50 -6.54 -7.48 -9.55
CA LYS A 50 -7.60 -7.94 -10.45
C LYS A 50 -7.39 -9.40 -10.83
N ALA A 51 -8.34 -10.25 -10.44
CA ALA A 51 -8.27 -11.67 -10.73
C ALA A 51 -8.87 -11.98 -12.10
N ILE A 52 -8.38 -13.04 -12.72
CA ILE A 52 -8.86 -13.45 -14.04
C ILE A 52 -10.38 -13.30 -14.14
N ILE A 53 -11.09 -13.94 -13.21
CA ILE A 53 -12.54 -13.88 -13.20
C ILE A 53 -13.12 -14.79 -12.12
N SER A 54 -12.38 -15.84 -11.79
CA SER A 54 -12.81 -16.79 -10.76
C SER A 54 -12.38 -16.32 -9.37
N GLU A 55 -11.15 -15.82 -9.28
CA GLU A 55 -10.62 -15.35 -8.01
C GLU A 55 -11.17 -13.96 -7.68
N ASN A 56 -11.54 -13.22 -8.71
CA ASN A 56 -12.08 -11.87 -8.53
C ASN A 56 -10.98 -10.89 -8.14
N PRO A 57 -11.13 -9.62 -8.54
CA PRO A 57 -10.14 -8.57 -8.22
C PRO A 57 -10.05 -8.31 -6.73
N CYS A 58 -9.10 -8.96 -6.07
CA CYS A 58 -8.91 -8.80 -4.63
C CYS A 58 -8.08 -7.55 -4.34
N ILE A 59 -8.70 -6.58 -3.68
CA ILE A 59 -8.03 -5.34 -3.34
C ILE A 59 -7.81 -5.25 -1.83
N LYS A 60 -6.57 -4.98 -1.42
CA LYS A 60 -6.25 -4.89 0.00
C LYS A 60 -5.22 -3.80 0.29
N HIS A 61 -5.22 -3.33 1.54
CA HIS A 61 -4.29 -2.31 1.99
C HIS A 61 -3.41 -2.83 3.12
N TYR A 62 -2.23 -2.24 3.28
CA TYR A 62 -1.31 -2.64 4.34
C TYR A 62 -0.72 -1.43 5.04
N HIS A 63 -0.61 -1.49 6.36
CA HIS A 63 -0.05 -0.39 7.13
C HIS A 63 1.47 -0.50 7.16
N ILE A 64 2.14 0.52 6.62
CA ILE A 64 3.59 0.54 6.58
C ILE A 64 4.17 0.76 7.97
N LYS A 65 4.91 -0.22 8.46
CA LYS A 65 5.51 -0.14 9.78
C LYS A 65 6.86 0.58 9.73
N GLU A 66 7.09 1.44 10.71
CA GLU A 66 8.34 2.20 10.77
C GLU A 66 9.27 1.63 11.85
N THR A 67 10.57 1.73 11.62
CA THR A 67 11.55 1.22 12.58
C THR A 67 12.57 2.30 12.95
N ASN A 68 13.82 1.89 13.07
CA ASN A 68 14.90 2.82 13.41
C ASN A 68 15.78 3.07 12.19
N ASP A 69 15.81 2.08 11.31
CA ASP A 69 16.57 2.17 10.07
C ASP A 69 17.67 1.11 10.02
N SER A 70 17.50 0.15 9.13
CA SER A 70 18.47 -0.91 8.95
C SER A 70 19.32 -0.71 7.68
N PRO A 71 19.37 0.52 7.10
CA PRO A 71 18.66 1.70 7.62
C PRO A 71 17.16 1.68 7.32
N LYS A 72 16.65 0.52 6.92
CA LYS A 72 15.23 0.38 6.62
C LYS A 72 14.39 1.06 7.70
N ARG A 73 13.47 1.92 7.28
CA ARG A 73 12.63 2.64 8.22
C ARG A 73 11.21 2.08 8.28
N TYR A 74 10.49 2.13 7.16
CA TYR A 74 9.13 1.64 7.11
C TYR A 74 9.05 0.25 6.51
N TYR A 75 7.99 -0.47 6.84
CA TYR A 75 7.80 -1.81 6.31
C TYR A 75 6.36 -2.25 6.35
N VAL A 76 5.91 -2.89 5.28
CA VAL A 76 4.57 -3.42 5.22
C VAL A 76 4.70 -4.94 5.17
N ALA A 77 5.46 -5.42 6.16
CA ALA A 77 5.75 -6.83 6.31
C ALA A 77 6.72 -7.02 7.49
N GLU A 78 6.79 -8.23 8.02
CA GLU A 78 7.68 -8.50 9.14
C GLU A 78 9.03 -9.00 8.67
N LYS A 79 9.73 -8.14 7.97
CA LYS A 79 11.05 -8.45 7.44
C LYS A 79 11.38 -7.49 6.31
N TYR A 80 10.33 -7.01 5.65
CA TYR A 80 10.45 -6.07 4.55
C TYR A 80 10.41 -4.64 5.09
N VAL A 81 11.58 -4.11 5.46
CA VAL A 81 11.65 -2.76 5.99
C VAL A 81 12.40 -1.85 5.03
N PHE A 82 11.85 -0.66 4.84
CA PHE A 82 12.45 0.31 3.94
C PHE A 82 12.20 1.72 4.45
N ASP A 83 13.19 2.60 4.27
CA ASP A 83 13.07 3.98 4.70
C ASP A 83 12.31 4.80 3.66
N SER A 84 11.52 4.13 2.84
CA SER A 84 10.76 4.79 1.81
C SER A 84 9.55 3.97 1.42
N ILE A 85 8.36 4.53 1.65
CA ILE A 85 7.14 3.83 1.31
C ILE A 85 7.11 3.52 -0.18
N PRO A 86 7.53 4.48 -1.00
CA PRO A 86 7.59 4.31 -2.46
C PRO A 86 8.57 3.22 -2.83
N LEU A 87 9.77 3.27 -2.24
CA LEU A 87 10.77 2.27 -2.49
C LEU A 87 10.25 0.95 -1.97
N LEU A 88 9.69 1.03 -0.77
CA LEU A 88 9.09 -0.12 -0.15
C LEU A 88 7.98 -0.60 -1.09
N ILE A 89 7.23 0.37 -1.61
CA ILE A 89 6.20 0.08 -2.59
C ILE A 89 6.86 -0.59 -3.78
N GLN A 90 7.98 -0.01 -4.21
CA GLN A 90 8.73 -0.54 -5.33
C GLN A 90 9.20 -1.95 -5.00
N TYR A 91 9.62 -2.14 -3.76
CA TYR A 91 10.07 -3.44 -3.31
C TYR A 91 8.91 -4.41 -3.25
N HIS A 92 7.76 -3.92 -2.80
CA HIS A 92 6.56 -4.74 -2.71
C HIS A 92 6.03 -5.08 -4.11
N GLN A 93 6.85 -4.83 -5.13
CA GLN A 93 6.46 -5.12 -6.50
C GLN A 93 7.69 -5.30 -7.38
N TYR A 94 8.48 -4.25 -7.48
CA TYR A 94 9.69 -4.28 -8.28
C TYR A 94 10.72 -5.24 -7.70
N ASN A 95 10.40 -5.78 -6.52
CA ASN A 95 11.28 -6.73 -5.86
C ASN A 95 10.51 -7.95 -5.36
N GLY A 96 11.12 -8.70 -4.45
CA GLY A 96 10.46 -9.89 -3.93
C GLY A 96 8.97 -9.69 -3.75
N GLY A 97 8.58 -8.94 -2.73
CA GLY A 97 7.17 -8.70 -2.48
C GLY A 97 6.52 -9.84 -1.72
N GLY A 98 5.36 -9.57 -1.13
CA GLY A 98 4.65 -10.59 -0.39
C GLY A 98 3.24 -10.17 -0.02
N LEU A 99 2.69 -9.21 -0.77
CA LEU A 99 1.35 -8.72 -0.52
C LEU A 99 0.46 -8.92 -1.75
N VAL A 100 -0.70 -8.28 -1.74
CA VAL A 100 -1.63 -8.38 -2.87
C VAL A 100 -0.94 -8.06 -4.18
N THR A 101 -0.84 -9.07 -5.04
CA THR A 101 -0.21 -8.90 -6.34
C THR A 101 0.82 -7.77 -6.31
N ARG A 102 1.49 -7.62 -5.17
CA ARG A 102 2.50 -6.58 -5.01
C ARG A 102 1.98 -5.22 -5.50
N LEU A 103 2.64 -4.15 -5.06
CA LEU A 103 2.25 -2.80 -5.46
C LEU A 103 2.40 -2.65 -6.98
N ARG A 104 1.32 -2.27 -7.64
CA ARG A 104 1.35 -2.11 -9.09
C ARG A 104 0.95 -0.72 -9.56
N TYR A 105 -0.35 -0.43 -9.48
CA TYR A 105 -0.87 0.86 -9.92
C TYR A 105 -1.15 1.78 -8.74
N PRO A 106 -0.59 2.99 -8.77
CA PRO A 106 -0.77 3.98 -7.73
C PRO A 106 -2.03 4.82 -7.93
N VAL A 107 -3.14 4.37 -7.35
CA VAL A 107 -4.40 5.08 -7.47
C VAL A 107 -4.62 6.04 -6.31
N CYS A 108 -3.84 7.11 -6.28
CA CYS A 108 -3.95 8.11 -5.22
C CYS A 108 -5.26 8.89 -5.35
N GLY A 109 -6.35 8.16 -5.57
CA GLY A 109 -7.64 8.80 -5.72
C GLY A 109 -7.53 10.24 -6.19
N ALA B 2 -4.68 -6.03 13.88
CA ALA B 2 -6.07 -6.23 13.52
C ALA B 2 -6.65 -4.97 12.87
N ASP B 3 -6.08 -3.82 13.20
CA ASP B 3 -6.54 -2.55 12.66
C ASP B 3 -6.00 -2.34 11.24
N GLU B 5 -4.46 -5.01 8.09
CA GLU B 5 -3.99 -6.28 7.59
C GLU B 5 -2.52 -6.51 7.96
N PRO B 6 -2.28 -7.24 9.05
CA PRO B 6 -0.93 -7.53 9.54
C PRO B 6 -0.03 -8.11 8.43
N PRO B 7 0.80 -7.26 7.83
CA PRO B 7 1.72 -7.67 6.77
C PRO B 7 2.22 -9.10 6.96
N ASN A 2 7.95 11.23 5.49
CA ASN A 2 7.10 10.24 4.83
C ASN A 2 6.62 10.73 3.47
N ASN A 3 6.57 12.05 3.32
CA ASN A 3 6.15 12.68 2.07
C ASN A 3 5.59 11.64 1.09
N LEU A 4 4.60 10.88 1.52
CA LEU A 4 3.99 9.87 0.67
C LEU A 4 2.95 10.48 -0.26
N GLU A 5 2.13 11.38 0.29
CA GLU A 5 1.08 12.03 -0.48
C GLU A 5 1.62 12.58 -1.80
N THR A 6 2.93 12.65 -1.93
CA THR A 6 3.54 13.15 -3.15
C THR A 6 3.76 12.04 -4.17
N TYR A 7 3.64 10.80 -3.72
CA TYR A 7 3.82 9.66 -4.59
C TYR A 7 2.54 9.33 -5.33
N GLU A 8 2.66 8.55 -6.39
CA GLU A 8 1.50 8.16 -7.20
C GLU A 8 0.67 7.12 -6.48
N TRP A 9 0.72 7.10 -5.16
CA TRP A 9 -0.02 6.10 -4.44
C TRP A 9 -0.38 6.51 -3.01
N TYR A 10 -0.14 7.77 -2.63
CA TYR A 10 -0.51 8.18 -1.28
C TYR A 10 -1.85 8.88 -1.28
N ASN A 11 -2.63 8.61 -0.24
CA ASN A 11 -3.95 9.20 -0.11
C ASN A 11 -4.08 9.95 1.22
N LYS A 12 -4.15 11.27 1.13
CA LYS A 12 -4.28 12.11 2.31
C LYS A 12 -5.73 12.37 2.67
N SER A 13 -6.06 12.24 3.95
CA SER A 13 -7.40 12.46 4.44
C SER A 13 -8.38 11.42 3.88
N ILE A 14 -7.88 10.51 3.07
CA ILE A 14 -8.71 9.47 2.47
C ILE A 14 -8.33 8.09 2.98
N SER A 15 -9.08 7.61 3.97
CA SER A 15 -8.83 6.30 4.55
C SER A 15 -8.88 5.21 3.48
N ARG A 16 -8.47 4.00 3.87
CA ARG A 16 -8.46 2.86 2.95
C ARG A 16 -9.84 2.60 2.36
N ASP A 17 -10.89 2.98 3.08
CA ASP A 17 -12.25 2.77 2.59
C ASP A 17 -12.50 3.59 1.33
N LYS A 18 -12.00 4.82 1.36
CA LYS A 18 -12.13 5.71 0.22
C LYS A 18 -11.23 5.21 -0.89
N ALA A 19 -10.01 4.90 -0.51
CA ALA A 19 -9.03 4.36 -1.43
C ALA A 19 -9.55 3.03 -1.97
N GLU A 20 -10.12 2.23 -1.08
CA GLU A 20 -10.68 0.94 -1.46
C GLU A 20 -11.89 1.15 -2.36
N LYS A 21 -12.79 2.02 -1.93
CA LYS A 21 -13.98 2.32 -2.73
C LYS A 21 -13.54 2.90 -4.06
N LEU A 22 -12.59 3.83 -4.01
CA LEU A 22 -12.07 4.45 -5.22
C LEU A 22 -11.26 3.43 -6.01
N LEU A 23 -10.50 2.59 -5.28
CA LEU A 23 -9.67 1.58 -5.91
C LEU A 23 -10.49 0.48 -6.57
N LEU A 24 -11.42 -0.09 -5.82
CA LEU A 24 -12.26 -1.15 -6.36
C LEU A 24 -13.10 -0.63 -7.52
N ASP A 25 -13.46 0.65 -7.45
CA ASP A 25 -14.25 1.28 -8.48
C ASP A 25 -13.45 1.41 -9.77
N THR A 26 -12.18 1.77 -9.62
CA THR A 26 -11.30 1.93 -10.77
C THR A 26 -11.08 0.62 -11.49
N GLY A 27 -10.77 -0.43 -10.73
CA GLY A 27 -10.55 -1.72 -11.31
C GLY A 27 -9.20 -1.85 -11.98
N LYS A 28 -8.18 -1.20 -11.41
CA LYS A 28 -6.83 -1.25 -11.96
C LYS A 28 -5.98 -2.26 -11.22
N GLU A 29 -5.63 -3.35 -11.89
CA GLU A 29 -4.80 -4.36 -11.26
C GLU A 29 -3.54 -3.70 -10.73
N GLY A 30 -3.27 -3.85 -9.44
CA GLY A 30 -2.10 -3.24 -8.87
C GLY A 30 -2.32 -1.80 -8.52
N ALA A 31 -3.57 -1.33 -8.55
CA ALA A 31 -3.81 0.06 -8.22
C ALA A 31 -3.72 0.25 -6.72
N PHE A 32 -2.74 1.03 -6.26
CA PHE A 32 -2.58 1.24 -4.84
C PHE A 32 -2.55 2.71 -4.43
N MET A 33 -2.75 2.92 -3.14
CA MET A 33 -2.70 4.24 -2.53
C MET A 33 -2.35 4.13 -1.05
N VAL A 34 -1.43 4.97 -0.58
CA VAL A 34 -0.98 4.93 0.80
C VAL A 34 -1.61 6.06 1.60
N ARG A 35 -2.35 5.70 2.63
CA ARG A 35 -2.99 6.68 3.48
C ARG A 35 -2.58 6.53 4.93
N ASP A 36 -2.29 7.66 5.58
CA ASP A 36 -1.89 7.64 6.98
C ASP A 36 -3.09 7.28 7.87
N SER A 37 -3.05 6.08 8.43
CA SER A 37 -4.14 5.59 9.27
C SER A 37 -4.35 6.46 10.52
N ARG A 38 -5.45 6.20 11.23
CA ARG A 38 -5.80 6.93 12.43
C ARG A 38 -4.57 7.12 13.31
N THR A 39 -3.54 6.33 13.05
CA THR A 39 -2.29 6.43 13.79
C THR A 39 -1.27 7.21 12.98
N PRO A 40 -1.63 8.45 12.60
CA PRO A 40 -0.77 9.33 11.79
C PRO A 40 0.71 9.21 12.14
N GLY A 41 1.25 8.02 11.91
CA GLY A 41 2.66 7.78 12.16
C GLY A 41 3.34 7.35 10.88
N THR A 42 2.63 6.54 10.11
CA THR A 42 3.12 6.05 8.83
C THR A 42 2.02 6.17 7.78
N TYR A 43 2.13 5.40 6.71
CA TYR A 43 1.13 5.45 5.65
C TYR A 43 0.72 4.05 5.23
N THR A 44 -0.59 3.82 5.09
CA THR A 44 -1.08 2.51 4.66
C THR A 44 -1.39 2.53 3.18
N VAL A 45 -0.78 1.61 2.44
CA VAL A 45 -0.98 1.54 1.01
C VAL A 45 -2.12 0.62 0.62
N SER A 46 -3.03 1.17 -0.17
CA SER A 46 -4.19 0.43 -0.65
C SER A 46 -3.97 0.04 -2.11
N VAL A 47 -3.77 -1.25 -2.35
CA VAL A 47 -3.54 -1.76 -3.69
C VAL A 47 -4.71 -2.59 -4.19
N PHE A 48 -5.02 -2.43 -5.48
CA PHE A 48 -6.14 -3.14 -6.09
C PHE A 48 -5.71 -3.90 -7.35
N THR A 49 -6.07 -5.18 -7.37
CA THR A 49 -5.75 -6.07 -8.49
C THR A 49 -6.99 -6.35 -9.33
N LYS A 50 -6.81 -6.38 -10.65
CA LYS A 50 -7.90 -6.64 -11.58
C LYS A 50 -7.77 -8.03 -12.19
N ALA A 51 -8.85 -8.82 -12.12
CA ALA A 51 -8.84 -10.18 -12.65
C ALA A 51 -9.64 -10.26 -13.96
N ILE A 52 -9.27 -11.21 -14.80
CA ILE A 52 -9.93 -11.41 -16.07
C ILE A 52 -11.44 -11.27 -15.97
N ILE A 53 -12.06 -12.10 -15.12
CA ILE A 53 -13.50 -12.05 -14.95
C ILE A 53 -13.95 -12.62 -13.59
N SER A 54 -14.63 -13.75 -13.62
CA SER A 54 -15.12 -14.39 -12.39
C SER A 54 -14.03 -14.53 -11.35
N GLU A 55 -12.80 -14.76 -11.80
CA GLU A 55 -11.67 -14.92 -10.88
C GLU A 55 -11.46 -13.64 -10.06
N ASN A 56 -12.07 -12.55 -10.51
CA ASN A 56 -11.97 -11.26 -9.84
C ASN A 56 -10.95 -11.29 -8.70
N PRO A 57 -10.03 -10.32 -8.69
CA PRO A 57 -8.98 -10.20 -7.68
C PRO A 57 -9.48 -9.47 -6.43
N CYS A 58 -8.63 -9.44 -5.41
CA CYS A 58 -8.97 -8.77 -4.15
C CYS A 58 -8.05 -7.58 -3.89
N ILE A 59 -8.63 -6.39 -3.88
CA ILE A 59 -7.86 -5.18 -3.62
C ILE A 59 -7.58 -5.06 -2.12
N LYS A 60 -6.33 -4.75 -1.76
CA LYS A 60 -5.98 -4.65 -0.35
C LYS A 60 -4.97 -3.54 -0.06
N HIS A 61 -5.02 -3.04 1.16
CA HIS A 61 -4.13 -1.98 1.61
C HIS A 61 -3.29 -2.43 2.79
N TYR A 62 -2.12 -1.81 2.97
CA TYR A 62 -1.24 -2.16 4.08
C TYR A 62 -0.65 -0.92 4.73
N HIS A 63 -0.72 -0.86 6.06
CA HIS A 63 -0.19 0.27 6.80
C HIS A 63 1.32 0.12 6.98
N ILE A 64 2.08 0.99 6.33
CA ILE A 64 3.53 0.94 6.42
C ILE A 64 3.99 1.06 7.87
N LYS A 65 4.58 0.00 8.40
CA LYS A 65 5.06 -0.01 9.77
C LYS A 65 6.49 0.52 9.84
N GLU A 66 6.74 1.40 10.81
CA GLU A 66 8.06 2.00 10.97
C GLU A 66 8.84 1.31 12.09
N THR A 67 10.17 1.41 12.03
CA THR A 67 11.02 0.81 13.04
C THR A 67 12.12 1.77 13.46
N ASN A 68 13.18 1.23 14.07
CA ASN A 68 14.29 2.05 14.53
C ASN A 68 15.60 1.62 13.89
N ASP A 69 15.58 1.35 12.59
CA ASP A 69 16.79 0.93 11.88
C ASP A 69 16.64 1.05 10.37
N SER A 70 17.63 1.66 9.74
CA SER A 70 17.62 1.82 8.29
C SER A 70 18.35 0.65 7.62
N PRO A 71 17.82 0.15 6.50
CA PRO A 71 16.58 0.66 5.91
C PRO A 71 15.34 0.07 6.57
N LYS A 72 15.56 -0.79 7.55
CA LYS A 72 14.45 -1.43 8.26
C LYS A 72 13.63 -0.39 9.03
N ARG A 73 13.24 0.67 8.33
CA ARG A 73 12.45 1.74 8.93
C ARG A 73 10.96 1.44 8.81
N TYR A 74 10.41 1.58 7.61
CA TYR A 74 9.00 1.30 7.39
C TYR A 74 8.83 -0.08 6.80
N TYR A 75 7.68 -0.68 7.03
CA TYR A 75 7.41 -2.00 6.49
C TYR A 75 5.92 -2.29 6.37
N VAL A 76 5.54 -2.88 5.25
CA VAL A 76 4.16 -3.29 5.06
C VAL A 76 4.15 -4.81 5.01
N ALA A 77 4.76 -5.37 6.04
CA ALA A 77 4.90 -6.80 6.20
C ALA A 77 5.75 -7.08 7.44
N GLU A 78 5.67 -8.30 7.97
CA GLU A 78 6.43 -8.66 9.15
C GLU A 78 7.79 -9.22 8.80
N LYS A 79 8.61 -8.38 8.18
CA LYS A 79 9.96 -8.74 7.78
C LYS A 79 10.44 -7.81 6.69
N TYR A 80 9.50 -7.24 5.95
CA TYR A 80 9.81 -6.30 4.89
C TYR A 80 9.85 -4.87 5.43
N VAL A 81 11.02 -4.44 5.88
CA VAL A 81 11.19 -3.11 6.43
C VAL A 81 12.11 -2.28 5.53
N PHE A 82 11.70 -1.05 5.30
CA PHE A 82 12.46 -0.14 4.45
C PHE A 82 12.32 1.29 4.93
N ASP A 83 13.40 2.06 4.82
CA ASP A 83 13.40 3.45 5.24
C ASP A 83 12.79 4.32 4.15
N SER A 84 11.95 3.73 3.33
CA SER A 84 11.31 4.44 2.24
C SER A 84 10.03 3.73 1.82
N ILE A 85 8.89 4.41 2.00
CA ILE A 85 7.62 3.83 1.64
C ILE A 85 7.59 3.49 0.16
N PRO A 86 8.12 4.39 -0.69
CA PRO A 86 8.19 4.16 -2.13
C PRO A 86 9.14 3.02 -2.45
N LEU A 87 10.31 3.05 -1.83
CA LEU A 87 11.29 1.98 -2.02
C LEU A 87 10.66 0.72 -1.49
N LEU A 88 10.05 0.85 -0.34
CA LEU A 88 9.35 -0.24 0.28
C LEU A 88 8.27 -0.69 -0.70
N ILE A 89 7.57 0.29 -1.27
CA ILE A 89 6.57 0.02 -2.28
C ILE A 89 7.27 -0.70 -3.43
N GLN A 90 8.45 -0.18 -3.78
CA GLN A 90 9.25 -0.75 -4.84
C GLN A 90 9.62 -2.18 -4.50
N TYR A 91 10.01 -2.39 -3.25
CA TYR A 91 10.38 -3.71 -2.79
C TYR A 91 9.16 -4.61 -2.74
N HIS A 92 8.02 -4.03 -2.38
CA HIS A 92 6.77 -4.78 -2.29
C HIS A 92 6.28 -5.20 -3.66
N GLN A 93 7.13 -5.07 -4.67
CA GLN A 93 6.77 -5.45 -6.04
C GLN A 93 7.99 -5.96 -6.80
N TYR A 94 9.13 -5.35 -6.53
CA TYR A 94 10.38 -5.76 -7.18
C TYR A 94 10.96 -7.00 -6.51
N ASN A 95 10.27 -7.49 -5.49
CA ASN A 95 10.70 -8.67 -4.76
C ASN A 95 9.55 -9.64 -4.56
N GLY A 96 9.73 -10.57 -3.62
CA GLY A 96 8.69 -11.55 -3.36
C GLY A 96 7.78 -11.12 -2.23
N GLY A 97 7.20 -9.94 -2.35
CA GLY A 97 6.29 -9.44 -1.34
C GLY A 97 5.17 -10.40 -1.04
N GLY A 98 4.13 -9.90 -0.36
CA GLY A 98 2.99 -10.75 -0.02
C GLY A 98 1.67 -10.08 -0.32
N LEU A 99 1.59 -8.78 -0.02
CA LEU A 99 0.37 -8.01 -0.26
C LEU A 99 -0.25 -8.37 -1.61
N VAL A 100 -1.36 -7.72 -1.95
CA VAL A 100 -2.04 -7.97 -3.21
C VAL A 100 -1.09 -7.76 -4.39
N THR A 101 -0.90 -8.82 -5.17
CA THR A 101 -0.01 -8.76 -6.33
C THR A 101 1.05 -7.69 -6.14
N ARG A 102 1.50 -7.51 -4.91
CA ARG A 102 2.53 -6.53 -4.59
C ARG A 102 2.19 -5.18 -5.22
N LEU A 103 2.87 -4.12 -4.76
CA LEU A 103 2.63 -2.78 -5.30
C LEU A 103 2.82 -2.80 -6.82
N ARG A 104 1.74 -2.62 -7.55
CA ARG A 104 1.81 -2.66 -9.00
C ARG A 104 1.57 -1.28 -9.63
N TYR A 105 0.34 -0.80 -9.55
CA TYR A 105 -0.01 0.48 -10.15
C TYR A 105 -0.46 1.51 -9.11
N PRO A 106 0.18 2.69 -9.12
CA PRO A 106 -0.15 3.79 -8.22
C PRO A 106 -1.32 4.60 -8.75
N VAL A 107 -2.53 4.24 -8.34
CA VAL A 107 -3.72 4.94 -8.80
C VAL A 107 -4.04 6.16 -7.95
N CYS A 108 -3.00 6.73 -7.33
CA CYS A 108 -3.17 7.92 -6.50
C CYS A 108 -4.48 8.64 -6.83
N GLY A 109 -5.58 8.15 -6.27
CA GLY A 109 -6.87 8.75 -6.52
C GLY A 109 -6.76 10.18 -7.02
N ALA B 2 -4.39 -4.56 14.58
CA ALA B 2 -5.21 -3.41 14.95
C ALA B 2 -4.56 -2.11 14.52
N ASP B 3 -3.24 -2.12 14.36
CA ASP B 3 -2.50 -0.94 13.95
C ASP B 3 -2.77 -0.62 12.49
N GLU B 5 -3.79 -3.59 9.41
CA GLU B 5 -3.74 -4.88 8.73
C GLU B 5 -2.29 -5.31 8.50
N PRO B 6 -1.81 -6.29 9.30
CA PRO B 6 -0.45 -6.79 9.18
C PRO B 6 0.02 -6.91 7.75
N PRO B 7 0.69 -5.86 7.23
CA PRO B 7 1.19 -5.83 5.86
C PRO B 7 1.76 -7.19 5.43
N ASN A 2 8.14 12.60 3.17
CA ASN A 2 8.19 11.21 2.73
C ASN A 2 7.87 11.10 1.24
N ASN A 3 7.46 12.22 0.64
CA ASN A 3 7.12 12.25 -0.77
C ASN A 3 6.03 11.23 -1.10
N LEU A 4 5.50 10.58 -0.07
CA LEU A 4 4.45 9.58 -0.25
C LEU A 4 3.21 10.19 -0.89
N GLU A 5 2.87 11.39 -0.44
CA GLU A 5 1.71 12.11 -0.94
C GLU A 5 1.89 12.56 -2.38
N THR A 6 3.14 12.55 -2.85
CA THR A 6 3.43 12.97 -4.21
C THR A 6 3.46 11.79 -5.17
N TYR A 7 3.27 10.59 -4.62
CA TYR A 7 3.28 9.38 -5.43
C TYR A 7 1.89 9.13 -6.03
N GLU A 8 1.83 8.18 -6.96
CA GLU A 8 0.57 7.85 -7.62
C GLU A 8 -0.25 6.90 -6.76
N TRP A 9 -0.27 7.13 -5.45
CA TRP A 9 -1.03 6.23 -4.58
C TRP A 9 -1.30 6.81 -3.18
N TYR A 10 -0.62 7.89 -2.79
CA TYR A 10 -0.87 8.46 -1.47
C TYR A 10 -2.00 9.48 -1.50
N ASN A 11 -3.07 9.18 -0.77
CA ASN A 11 -4.23 10.06 -0.70
C ASN A 11 -4.37 10.67 0.70
N LYS A 12 -4.21 12.00 0.78
CA LYS A 12 -4.28 12.70 2.06
C LYS A 12 -5.72 13.03 2.48
N SER A 13 -5.95 13.02 3.79
CA SER A 13 -7.25 13.34 4.36
C SER A 13 -8.37 12.65 3.61
N ILE A 14 -8.07 11.46 3.10
CA ILE A 14 -9.05 10.70 2.34
C ILE A 14 -9.51 9.47 3.12
N SER A 15 -8.60 8.51 3.27
CA SER A 15 -8.91 7.28 3.97
C SER A 15 -8.74 6.09 3.03
N ARG A 16 -8.16 5.01 3.51
CA ARG A 16 -7.94 3.84 2.69
C ARG A 16 -9.26 3.36 2.12
N ASP A 17 -10.36 3.67 2.81
CA ASP A 17 -11.67 3.27 2.34
C ASP A 17 -12.04 4.01 1.07
N LYS A 18 -11.72 5.30 1.04
CA LYS A 18 -11.97 6.12 -0.12
C LYS A 18 -10.97 5.76 -1.19
N ALA A 19 -9.71 5.70 -0.80
CA ALA A 19 -8.66 5.32 -1.72
C ALA A 19 -8.94 3.90 -2.21
N GLU A 20 -9.20 3.01 -1.25
CA GLU A 20 -9.52 1.62 -1.57
C GLU A 20 -10.74 1.59 -2.46
N LYS A 21 -11.78 2.30 -2.03
CA LYS A 21 -13.00 2.39 -2.81
C LYS A 21 -12.68 3.01 -4.16
N LEU A 22 -11.80 3.99 -4.13
CA LEU A 22 -11.36 4.68 -5.34
C LEU A 22 -10.53 3.74 -6.21
N LEU A 23 -9.59 3.03 -5.58
CA LEU A 23 -8.72 2.12 -6.30
C LEU A 23 -9.46 0.87 -6.76
N LEU A 24 -10.19 0.24 -5.85
CA LEU A 24 -10.93 -0.96 -6.20
C LEU A 24 -11.90 -0.67 -7.34
N ASP A 25 -12.40 0.56 -7.37
CA ASP A 25 -13.34 0.99 -8.39
C ASP A 25 -12.67 1.06 -9.76
N THR A 26 -11.41 1.43 -9.77
CA THR A 26 -10.65 1.54 -11.00
C THR A 26 -10.62 0.23 -11.77
N GLY A 27 -10.64 -0.86 -11.02
CA GLY A 27 -10.64 -2.18 -11.64
C GLY A 27 -9.32 -2.49 -12.32
N LYS A 28 -8.22 -2.04 -11.72
CA LYS A 28 -6.88 -2.29 -12.27
C LYS A 28 -6.10 -3.24 -11.40
N GLU A 29 -5.43 -4.20 -12.03
CA GLU A 29 -4.61 -5.15 -11.28
C GLU A 29 -3.39 -4.43 -10.72
N GLY A 30 -3.21 -4.50 -9.41
CA GLY A 30 -2.07 -3.84 -8.80
C GLY A 30 -2.36 -2.40 -8.48
N ALA A 31 -3.61 -2.04 -8.24
CA ALA A 31 -3.91 -0.66 -7.93
C ALA A 31 -3.74 -0.41 -6.44
N PHE A 32 -2.80 0.47 -6.08
CA PHE A 32 -2.56 0.75 -4.67
C PHE A 32 -2.66 2.23 -4.33
N MET A 33 -2.74 2.47 -3.03
CA MET A 33 -2.79 3.82 -2.49
C MET A 33 -2.20 3.79 -1.07
N VAL A 34 -1.91 4.96 -0.51
CA VAL A 34 -1.35 5.02 0.83
C VAL A 34 -2.04 6.08 1.68
N ARG A 35 -2.33 5.75 2.93
CA ARG A 35 -2.99 6.66 3.84
C ARG A 35 -2.16 6.89 5.10
N ASP A 36 -2.10 8.15 5.54
CA ASP A 36 -1.35 8.51 6.72
C ASP A 36 -1.94 7.86 7.97
N SER A 37 -1.07 7.48 8.89
CA SER A 37 -1.51 6.83 10.13
C SER A 37 -2.56 7.68 10.85
N ARG A 38 -3.80 7.59 10.38
CA ARG A 38 -4.89 8.33 10.99
C ARG A 38 -5.22 7.76 12.36
N THR A 39 -5.70 6.53 12.38
CA THR A 39 -6.04 5.85 13.62
C THR A 39 -4.82 5.12 14.18
N PRO A 40 -4.01 4.53 13.29
CA PRO A 40 -2.80 3.81 13.67
C PRO A 40 -1.62 4.74 13.92
N GLY A 41 -0.41 4.21 13.76
CA GLY A 41 0.78 5.01 13.97
C GLY A 41 1.62 5.14 12.71
N THR A 42 1.20 4.48 11.64
CA THR A 42 1.92 4.53 10.38
C THR A 42 0.99 4.77 9.20
N TYR A 43 1.54 4.73 8.00
CA TYR A 43 0.76 4.93 6.79
C TYR A 43 0.31 3.60 6.22
N THR A 44 -0.90 3.56 5.68
CA THR A 44 -1.42 2.33 5.11
C THR A 44 -1.50 2.42 3.59
N VAL A 45 -1.22 1.31 2.92
CA VAL A 45 -1.26 1.28 1.46
C VAL A 45 -2.42 0.44 0.94
N SER A 46 -3.30 1.07 0.15
CA SER A 46 -4.45 0.39 -0.44
C SER A 46 -4.04 -0.21 -1.78
N VAL A 47 -4.05 -1.54 -1.86
CA VAL A 47 -3.67 -2.22 -3.09
C VAL A 47 -4.79 -3.08 -3.63
N PHE A 48 -4.95 -3.06 -4.95
CA PHE A 48 -5.98 -3.83 -5.61
C PHE A 48 -5.39 -4.71 -6.72
N THR A 49 -5.62 -6.01 -6.61
CA THR A 49 -5.13 -6.96 -7.58
C THR A 49 -6.25 -7.40 -8.52
N LYS A 50 -5.93 -7.52 -9.80
CA LYS A 50 -6.92 -7.93 -10.81
C LYS A 50 -6.97 -9.45 -10.92
N ALA A 51 -8.17 -10.00 -10.78
CA ALA A 51 -8.37 -11.44 -10.87
C ALA A 51 -9.01 -11.84 -12.19
N ILE A 52 -8.73 -13.06 -12.63
CA ILE A 52 -9.28 -13.57 -13.87
C ILE A 52 -10.72 -13.10 -14.08
N ILE A 53 -11.48 -13.07 -12.99
CA ILE A 53 -12.87 -12.65 -13.04
C ILE A 53 -13.80 -13.78 -12.61
N SER A 54 -13.30 -15.00 -12.67
CA SER A 54 -14.08 -16.17 -12.27
C SER A 54 -13.96 -16.42 -10.77
N GLU A 55 -12.75 -16.28 -10.26
CA GLU A 55 -12.49 -16.49 -8.84
C GLU A 55 -12.93 -15.28 -8.03
N ASN A 56 -12.60 -14.09 -8.53
CA ASN A 56 -12.95 -12.85 -7.85
C ASN A 56 -11.70 -12.06 -7.46
N PRO A 57 -11.56 -10.83 -7.97
CA PRO A 57 -10.42 -9.97 -7.68
C PRO A 57 -10.36 -9.56 -6.21
N CYS A 58 -9.15 -9.53 -5.65
CA CYS A 58 -8.98 -9.16 -4.26
C CYS A 58 -8.17 -7.87 -4.11
N ILE A 59 -8.82 -6.83 -3.61
CA ILE A 59 -8.18 -5.53 -3.39
C ILE A 59 -8.02 -5.26 -1.90
N LYS A 60 -6.79 -5.04 -1.45
CA LYS A 60 -6.54 -4.81 -0.04
C LYS A 60 -5.43 -3.79 0.20
N HIS A 61 -5.41 -3.24 1.41
CA HIS A 61 -4.41 -2.25 1.81
C HIS A 61 -3.57 -2.77 2.97
N TYR A 62 -2.33 -2.31 3.06
CA TYR A 62 -1.47 -2.74 4.16
C TYR A 62 -0.87 -1.54 4.88
N HIS A 63 -0.96 -1.55 6.21
CA HIS A 63 -0.42 -0.47 7.02
C HIS A 63 1.10 -0.53 7.02
N ILE A 64 1.74 0.45 6.40
CA ILE A 64 3.19 0.50 6.34
C ILE A 64 3.78 0.52 7.74
N LYS A 65 4.51 -0.53 8.09
CA LYS A 65 5.12 -0.64 9.42
C LYS A 65 6.47 0.06 9.46
N GLU A 66 6.72 0.80 10.53
CA GLU A 66 7.96 1.52 10.72
C GLU A 66 8.92 0.71 11.61
N THR A 67 10.21 1.00 11.51
CA THR A 67 11.19 0.27 12.31
C THR A 67 12.19 1.21 12.97
N ASN A 68 13.39 0.71 13.22
CA ASN A 68 14.45 1.50 13.85
C ASN A 68 15.49 1.89 12.79
N ASP A 69 15.19 1.53 11.55
CA ASP A 69 16.04 1.83 10.42
C ASP A 69 17.12 0.77 10.24
N SER A 70 16.98 -0.02 9.18
CA SER A 70 17.96 -1.04 8.86
C SER A 70 18.86 -0.62 7.71
N PRO A 71 18.95 0.69 7.38
CA PRO A 71 18.24 1.77 8.08
C PRO A 71 16.76 1.87 7.69
N LYS A 72 16.25 0.85 7.00
CA LYS A 72 14.84 0.85 6.57
C LYS A 72 13.93 1.29 7.71
N ARG A 73 12.95 2.13 7.38
CA ARG A 73 12.01 2.66 8.36
C ARG A 73 10.66 1.95 8.30
N TYR A 74 9.98 2.06 7.16
CA TYR A 74 8.66 1.46 7.01
C TYR A 74 8.71 0.15 6.24
N TYR A 75 7.70 -0.67 6.46
CA TYR A 75 7.60 -1.96 5.79
C TYR A 75 6.18 -2.48 5.75
N VAL A 76 5.84 -3.14 4.64
CA VAL A 76 4.54 -3.76 4.51
C VAL A 76 4.77 -5.26 4.38
N ALA A 77 5.51 -5.78 5.36
CA ALA A 77 5.86 -7.18 5.43
C ALA A 77 6.79 -7.41 6.61
N GLU A 78 6.91 -8.64 7.05
CA GLU A 78 7.77 -8.97 8.19
C GLU A 78 9.15 -9.42 7.74
N LYS A 79 9.83 -8.52 7.05
CA LYS A 79 11.18 -8.77 6.56
C LYS A 79 11.56 -7.73 5.51
N TYR A 80 10.54 -7.09 4.93
CA TYR A 80 10.75 -6.05 3.94
C TYR A 80 10.60 -4.68 4.60
N VAL A 81 11.71 -4.14 5.11
CA VAL A 81 11.67 -2.86 5.77
C VAL A 81 12.39 -1.80 4.94
N PHE A 82 11.76 -0.66 4.82
CA PHE A 82 12.32 0.44 4.04
C PHE A 82 11.92 1.78 4.63
N ASP A 83 12.82 2.76 4.58
CA ASP A 83 12.56 4.08 5.11
C ASP A 83 11.75 4.93 4.12
N SER A 84 11.12 4.27 3.17
CA SER A 84 10.31 4.94 2.16
C SER A 84 9.13 4.08 1.79
N ILE A 85 7.93 4.55 2.11
CA ILE A 85 6.75 3.80 1.78
C ILE A 85 6.70 3.56 0.28
N PRO A 86 7.07 4.58 -0.50
CA PRO A 86 7.12 4.48 -1.96
C PRO A 86 8.18 3.48 -2.39
N LEU A 87 9.38 3.57 -1.81
CA LEU A 87 10.43 2.63 -2.11
C LEU A 87 9.97 1.27 -1.65
N LEU A 88 9.37 1.27 -0.47
CA LEU A 88 8.80 0.07 0.08
C LEU A 88 7.77 -0.43 -0.92
N ILE A 89 6.99 0.53 -1.43
CA ILE A 89 6.01 0.23 -2.45
C ILE A 89 6.73 -0.35 -3.66
N GLN A 90 7.82 0.33 -4.05
CA GLN A 90 8.63 -0.11 -5.19
C GLN A 90 9.21 -1.48 -4.89
N TYR A 91 9.58 -1.68 -3.64
CA TYR A 91 10.12 -2.97 -3.25
C TYR A 91 9.01 -3.99 -3.31
N HIS A 92 7.81 -3.58 -2.90
CA HIS A 92 6.65 -4.45 -2.94
C HIS A 92 6.10 -4.50 -4.36
N GLN A 93 6.98 -4.18 -5.31
CA GLN A 93 6.66 -4.19 -6.73
C GLN A 93 7.74 -4.95 -7.47
N TYR A 94 8.97 -4.69 -7.06
CA TYR A 94 10.14 -5.33 -7.64
C TYR A 94 10.29 -6.77 -7.14
N ASN A 95 10.14 -6.93 -5.84
CA ASN A 95 10.28 -8.23 -5.21
C ASN A 95 8.93 -8.94 -5.10
N GLY A 96 8.85 -9.90 -4.19
CA GLY A 96 7.62 -10.64 -4.01
C GLY A 96 7.07 -10.51 -2.61
N GLY A 97 6.63 -9.30 -2.25
CA GLY A 97 6.09 -9.06 -0.93
C GLY A 97 5.11 -10.14 -0.50
N GLY A 98 4.45 -9.91 0.64
CA GLY A 98 3.48 -10.87 1.13
C GLY A 98 2.05 -10.41 0.95
N LEU A 99 1.88 -9.29 0.26
CA LEU A 99 0.55 -8.73 0.02
C LEU A 99 0.16 -8.89 -1.45
N VAL A 100 -1.10 -8.60 -1.77
CA VAL A 100 -1.57 -8.71 -3.13
C VAL A 100 -0.41 -8.52 -4.12
N THR A 101 0.29 -9.61 -4.40
CA THR A 101 1.43 -9.55 -5.30
C THR A 101 2.23 -8.29 -5.05
N ARG A 102 2.31 -7.88 -3.78
CA ARG A 102 3.03 -6.69 -3.39
C ARG A 102 2.66 -5.52 -4.28
N LEU A 103 2.92 -4.30 -3.81
CA LEU A 103 2.61 -3.11 -4.59
C LEU A 103 2.85 -3.37 -6.07
N ARG A 104 1.86 -3.09 -6.89
CA ARG A 104 1.98 -3.31 -8.32
C ARG A 104 1.71 -2.02 -9.10
N TYR A 105 0.49 -1.53 -9.00
CA TYR A 105 0.07 -0.32 -9.70
C TYR A 105 -0.55 0.72 -8.76
N PRO A 106 -0.11 1.98 -8.87
CA PRO A 106 -0.63 3.07 -8.05
C PRO A 106 -2.02 3.52 -8.51
N VAL A 107 -2.91 3.74 -7.57
CA VAL A 107 -4.27 4.15 -7.89
C VAL A 107 -4.44 5.66 -7.78
N CYS A 108 -3.64 6.29 -6.93
CA CYS A 108 -3.71 7.73 -6.72
C CYS A 108 -4.80 8.35 -7.59
N GLY A 109 -6.04 8.07 -7.22
CA GLY A 109 -7.17 8.61 -7.97
C GLY A 109 -7.95 9.64 -7.18
N ALA B 2 -2.28 -4.45 13.51
CA ALA B 2 -3.24 -5.45 13.96
C ALA B 2 -4.54 -5.35 13.16
N ASP B 3 -5.11 -4.16 13.12
CA ASP B 3 -6.35 -3.93 12.39
C ASP B 3 -6.16 -4.16 10.90
N GLU B 5 -5.28 -5.95 8.23
CA GLU B 5 -4.96 -7.33 7.89
C GLU B 5 -3.48 -7.47 7.54
N PRO B 6 -3.12 -7.22 6.27
CA PRO B 6 -1.73 -7.32 5.81
C PRO B 6 -0.89 -6.15 6.30
N PRO B 7 0.41 -6.14 5.97
CA PRO B 7 1.32 -5.08 6.38
C PRO B 7 0.78 -3.69 6.08
N ASN A 2 9.26 12.69 4.18
CA ASN A 2 8.50 11.58 3.63
C ASN A 2 7.74 12.00 2.38
N ASN A 3 8.47 12.13 1.27
CA ASN A 3 7.86 12.53 0.00
C ASN A 3 7.05 11.39 -0.61
N LEU A 4 6.30 10.68 0.24
CA LEU A 4 5.48 9.56 -0.21
C LEU A 4 4.17 10.06 -0.81
N GLU A 5 3.60 11.07 -0.16
CA GLU A 5 2.33 11.65 -0.62
C GLU A 5 2.46 12.20 -2.03
N THR A 6 3.69 12.34 -2.50
CA THR A 6 3.94 12.86 -3.83
C THR A 6 3.93 11.76 -4.89
N TYR A 7 3.76 10.52 -4.44
CA TYR A 7 3.73 9.39 -5.35
C TYR A 7 2.33 9.19 -5.93
N GLU A 8 2.20 8.22 -6.82
CA GLU A 8 0.91 7.95 -7.44
C GLU A 8 0.03 7.11 -6.55
N TRP A 9 0.10 7.26 -5.22
CA TRP A 9 -0.75 6.39 -4.42
C TRP A 9 -1.28 7.06 -3.17
N TYR A 10 -0.57 8.07 -2.67
CA TYR A 10 -1.00 8.75 -1.46
C TYR A 10 -2.23 9.60 -1.73
N ASN A 11 -3.29 9.33 -0.96
CA ASN A 11 -4.54 10.05 -1.10
C ASN A 11 -4.91 10.76 0.20
N LYS A 12 -4.84 12.08 0.20
CA LYS A 12 -5.14 12.88 1.39
C LYS A 12 -6.64 12.93 1.67
N SER A 13 -6.98 13.02 2.97
CA SER A 13 -8.37 13.09 3.40
C SER A 13 -9.19 11.93 2.88
N ILE A 14 -8.55 10.78 2.72
CA ILE A 14 -9.24 9.60 2.23
C ILE A 14 -8.61 8.32 2.77
N SER A 15 -9.15 7.81 3.87
CA SER A 15 -8.65 6.59 4.49
C SER A 15 -8.46 5.49 3.45
N ARG A 16 -7.92 4.37 3.89
CA ARG A 16 -7.66 3.23 3.01
C ARG A 16 -8.98 2.70 2.44
N ASP A 17 -10.04 2.79 3.22
CA ASP A 17 -11.35 2.29 2.77
C ASP A 17 -11.84 3.12 1.61
N LYS A 18 -11.64 4.43 1.71
CA LYS A 18 -12.03 5.33 0.64
C LYS A 18 -11.07 5.16 -0.51
N ALA A 19 -9.80 5.00 -0.15
CA ALA A 19 -8.75 4.76 -1.14
C ALA A 19 -9.07 3.47 -1.87
N GLU A 20 -9.40 2.44 -1.08
CA GLU A 20 -9.78 1.16 -1.63
C GLU A 20 -11.05 1.32 -2.44
N LYS A 21 -12.02 1.99 -1.82
CA LYS A 21 -13.29 2.26 -2.49
C LYS A 21 -13.06 2.98 -3.80
N LEU A 22 -12.24 4.02 -3.74
CA LEU A 22 -11.91 4.81 -4.92
C LEU A 22 -11.05 4.02 -5.89
N LEU A 23 -10.03 3.35 -5.35
CA LEU A 23 -9.11 2.57 -6.18
C LEU A 23 -9.76 1.31 -6.73
N LEU A 24 -10.66 0.71 -5.94
CA LEU A 24 -11.33 -0.51 -6.38
C LEU A 24 -12.03 -0.28 -7.71
N ASP A 25 -12.46 0.95 -7.94
CA ASP A 25 -13.15 1.31 -9.17
C ASP A 25 -12.22 1.23 -10.36
N THR A 26 -10.95 1.57 -10.13
CA THR A 26 -9.95 1.53 -11.18
C THR A 26 -9.83 0.13 -11.77
N GLY A 27 -10.07 -0.86 -10.93
CA GLY A 27 -10.00 -2.25 -11.38
C GLY A 27 -8.66 -2.58 -12.00
N LYS A 28 -7.60 -1.93 -11.52
CA LYS A 28 -6.26 -2.16 -12.04
C LYS A 28 -5.50 -3.12 -11.14
N GLU A 29 -5.28 -4.34 -11.60
CA GLU A 29 -4.54 -5.29 -10.80
C GLU A 29 -3.28 -4.63 -10.28
N GLY A 30 -3.12 -4.64 -8.96
CA GLY A 30 -1.96 -4.01 -8.38
C GLY A 30 -2.13 -2.52 -8.18
N ALA A 31 -3.37 -2.03 -8.32
CA ALA A 31 -3.60 -0.60 -8.14
C ALA A 31 -3.60 -0.25 -6.66
N PHE A 32 -2.65 0.59 -6.25
CA PHE A 32 -2.56 0.96 -4.84
C PHE A 32 -2.59 2.45 -4.58
N MET A 33 -2.83 2.77 -3.31
CA MET A 33 -2.83 4.14 -2.81
C MET A 33 -2.21 4.14 -1.43
N VAL A 34 -1.89 5.31 -0.90
CA VAL A 34 -1.25 5.40 0.40
C VAL A 34 -1.98 6.35 1.33
N ARG A 35 -2.42 5.84 2.47
CA ARG A 35 -3.15 6.65 3.42
C ARG A 35 -2.52 6.63 4.81
N ASP A 36 -2.46 7.79 5.45
CA ASP A 36 -1.92 7.89 6.79
C ASP A 36 -3.03 7.70 7.82
N SER A 37 -3.01 6.57 8.51
CA SER A 37 -4.03 6.27 9.51
C SER A 37 -3.89 7.18 10.73
N ARG A 38 -4.47 6.76 11.84
CA ARG A 38 -4.38 7.52 13.07
C ARG A 38 -2.95 7.49 13.55
N THR A 39 -2.51 6.33 14.04
CA THR A 39 -1.15 6.17 14.49
C THR A 39 -0.24 6.91 13.51
N PRO A 40 -0.08 8.21 13.73
CA PRO A 40 0.72 9.08 12.85
C PRO A 40 2.19 8.72 12.85
N GLY A 41 2.46 7.44 12.64
CA GLY A 41 3.82 6.95 12.58
C GLY A 41 4.04 6.09 11.35
N THR A 42 2.97 5.41 10.92
CA THR A 42 3.03 4.55 9.76
C THR A 42 2.03 4.99 8.68
N TYR A 43 2.33 4.66 7.43
CA TYR A 43 1.45 5.02 6.32
C TYR A 43 0.77 3.77 5.77
N THR A 44 -0.48 3.90 5.37
CA THR A 44 -1.23 2.77 4.84
C THR A 44 -1.26 2.79 3.32
N VAL A 45 -1.11 1.61 2.72
CA VAL A 45 -1.13 1.49 1.28
C VAL A 45 -2.27 0.58 0.83
N SER A 46 -3.13 1.12 -0.02
CA SER A 46 -4.27 0.37 -0.54
C SER A 46 -3.98 -0.08 -1.96
N VAL A 47 -3.86 -1.40 -2.17
CA VAL A 47 -3.58 -1.96 -3.48
C VAL A 47 -4.75 -2.78 -3.99
N PHE A 48 -4.95 -2.78 -5.31
CA PHE A 48 -6.05 -3.51 -5.92
C PHE A 48 -5.57 -4.45 -7.01
N THR A 49 -5.99 -5.72 -6.90
CA THR A 49 -5.64 -6.75 -7.87
C THR A 49 -6.84 -7.13 -8.71
N LYS A 50 -6.60 -7.35 -10.00
CA LYS A 50 -7.67 -7.72 -10.93
C LYS A 50 -7.80 -9.23 -11.03
N ALA A 51 -9.03 -9.73 -10.88
CA ALA A 51 -9.30 -11.15 -10.95
C ALA A 51 -9.98 -11.51 -12.26
N ILE A 52 -9.78 -12.74 -12.71
CA ILE A 52 -10.38 -13.21 -13.95
C ILE A 52 -11.78 -12.65 -14.13
N ILE A 53 -12.77 -13.38 -13.59
CA ILE A 53 -14.15 -12.95 -13.69
C ILE A 53 -15.04 -13.72 -12.72
N SER A 54 -14.62 -14.94 -12.39
CA SER A 54 -15.38 -15.79 -11.47
C SER A 54 -14.98 -15.50 -10.03
N GLU A 55 -13.69 -15.34 -9.80
CA GLU A 55 -13.18 -15.06 -8.46
C GLU A 55 -13.40 -13.60 -8.08
N ASN A 56 -13.25 -12.72 -9.06
CA ASN A 56 -13.43 -11.29 -8.84
C ASN A 56 -12.12 -10.65 -8.35
N PRO A 57 -11.79 -9.47 -8.88
CA PRO A 57 -10.58 -8.75 -8.50
C PRO A 57 -10.37 -8.71 -6.99
N CYS A 58 -9.11 -8.74 -6.57
CA CYS A 58 -8.77 -8.71 -5.16
C CYS A 58 -8.01 -7.44 -4.80
N ILE A 59 -8.63 -6.60 -3.97
CA ILE A 59 -8.01 -5.36 -3.55
C ILE A 59 -7.66 -5.42 -2.07
N LYS A 60 -6.44 -5.00 -1.72
CA LYS A 60 -5.99 -5.04 -0.33
C LYS A 60 -5.13 -3.84 0.05
N HIS A 61 -5.29 -3.38 1.27
CA HIS A 61 -4.53 -2.24 1.79
C HIS A 61 -3.72 -2.67 3.02
N TYR A 62 -2.61 -2.00 3.26
CA TYR A 62 -1.76 -2.32 4.41
C TYR A 62 -1.08 -1.08 4.98
N HIS A 63 -0.91 -1.06 6.31
CA HIS A 63 -0.27 0.07 6.96
C HIS A 63 1.22 -0.18 7.11
N ILE A 64 2.02 0.64 6.44
CA ILE A 64 3.46 0.52 6.49
C ILE A 64 3.98 0.84 7.90
N LYS A 65 4.57 -0.16 8.55
CA LYS A 65 5.09 0.00 9.90
C LYS A 65 6.50 0.58 9.89
N GLU A 66 6.79 1.38 10.90
CA GLU A 66 8.11 2.01 11.02
C GLU A 66 9.03 1.18 11.91
N THR A 67 10.34 1.31 11.67
CA THR A 67 11.32 0.58 12.44
C THR A 67 12.42 1.50 12.95
N ASN A 68 13.49 0.92 13.49
CA ASN A 68 14.60 1.70 14.02
C ASN A 68 15.91 1.34 13.33
N ASP A 69 15.87 1.21 12.00
CA ASP A 69 17.07 0.87 11.25
C ASP A 69 16.98 1.36 9.81
N SER A 70 18.06 1.98 9.33
CA SER A 70 18.10 2.47 7.95
C SER A 70 18.64 1.40 7.01
N PRO A 71 17.92 1.14 5.90
CA PRO A 71 16.67 1.82 5.58
C PRO A 71 15.47 1.19 6.27
N LYS A 72 15.74 0.15 7.06
CA LYS A 72 14.69 -0.56 7.79
C LYS A 72 13.84 0.42 8.59
N ARG A 73 13.09 1.26 7.88
CA ARG A 73 12.24 2.26 8.52
C ARG A 73 10.78 1.83 8.47
N TYR A 74 10.15 1.91 7.29
CA TYR A 74 8.76 1.51 7.15
C TYR A 74 8.65 0.12 6.57
N TYR A 75 7.63 -0.60 7.00
CA TYR A 75 7.41 -1.96 6.51
C TYR A 75 5.98 -2.43 6.66
N VAL A 76 5.48 -3.09 5.63
CA VAL A 76 4.15 -3.68 5.66
C VAL A 76 4.33 -5.17 5.53
N ALA A 77 5.18 -5.68 6.40
CA ALA A 77 5.53 -7.09 6.47
C ALA A 77 6.61 -7.25 7.53
N GLU A 78 6.82 -8.47 8.02
CA GLU A 78 7.81 -8.68 9.07
C GLU A 78 9.23 -8.86 8.53
N LYS A 79 9.51 -8.26 7.38
CA LYS A 79 10.84 -8.33 6.78
C LYS A 79 10.97 -7.27 5.70
N TYR A 80 9.91 -6.49 5.53
CA TYR A 80 9.90 -5.42 4.53
C TYR A 80 10.00 -4.05 5.19
N VAL A 81 11.17 -3.75 5.76
CA VAL A 81 11.38 -2.48 6.43
C VAL A 81 12.24 -1.56 5.58
N PHE A 82 11.69 -0.41 5.24
CA PHE A 82 12.41 0.56 4.42
C PHE A 82 12.03 1.98 4.81
N ASP A 83 12.98 2.90 4.69
CA ASP A 83 12.75 4.29 5.02
C ASP A 83 12.05 5.01 3.88
N SER A 84 11.36 4.24 3.05
CA SER A 84 10.65 4.80 1.91
C SER A 84 9.45 3.94 1.55
N ILE A 85 8.26 4.41 1.91
CA ILE A 85 7.05 3.66 1.60
C ILE A 85 6.97 3.45 0.09
N PRO A 86 7.41 4.44 -0.68
CA PRO A 86 7.44 4.37 -2.14
C PRO A 86 8.38 3.26 -2.58
N LEU A 87 9.57 3.25 -1.98
CA LEU A 87 10.56 2.23 -2.27
C LEU A 87 9.98 0.90 -1.82
N LEU A 88 9.45 0.93 -0.61
CA LEU A 88 8.81 -0.23 -0.05
C LEU A 88 7.66 -0.60 -0.97
N ILE A 89 6.99 0.44 -1.48
CA ILE A 89 5.93 0.23 -2.45
C ILE A 89 6.57 -0.49 -3.62
N GLN A 90 7.72 0.04 -4.04
CA GLN A 90 8.48 -0.57 -5.13
C GLN A 90 8.87 -1.97 -4.71
N TYR A 91 9.20 -2.12 -3.44
CA TYR A 91 9.56 -3.41 -2.88
C TYR A 91 8.38 -4.35 -3.01
N HIS A 92 7.20 -3.81 -2.73
CA HIS A 92 5.96 -4.57 -2.84
C HIS A 92 5.53 -4.64 -4.30
N GLN A 93 6.47 -4.35 -5.21
CA GLN A 93 6.16 -4.38 -6.63
C GLN A 93 7.29 -4.99 -7.44
N TYR A 94 8.53 -4.75 -7.02
CA TYR A 94 9.68 -5.28 -7.73
C TYR A 94 10.61 -6.06 -6.79
N ASN A 95 10.14 -6.33 -5.58
CA ASN A 95 10.94 -7.07 -4.61
C ASN A 95 10.10 -8.16 -3.95
N GLY A 96 9.33 -8.89 -4.75
CA GLY A 96 8.50 -9.95 -4.23
C GLY A 96 7.86 -9.58 -2.90
N GLY A 97 6.94 -8.62 -2.94
CA GLY A 97 6.27 -8.20 -1.72
C GLY A 97 5.71 -9.36 -0.92
N GLY A 98 4.38 -9.44 -0.87
CA GLY A 98 3.73 -10.51 -0.12
C GLY A 98 2.24 -10.30 0.01
N LEU A 99 1.81 -9.05 -0.11
CA LEU A 99 0.40 -8.71 0.00
C LEU A 99 -0.27 -8.78 -1.37
N VAL A 100 -1.56 -8.43 -1.42
CA VAL A 100 -2.30 -8.46 -2.68
C VAL A 100 -1.35 -8.23 -3.85
N THR A 101 -0.84 -9.31 -4.42
CA THR A 101 0.08 -9.20 -5.54
C THR A 101 1.03 -8.04 -5.33
N ARG A 102 1.30 -7.75 -4.06
CA ARG A 102 2.19 -6.66 -3.69
C ARG A 102 1.89 -5.40 -4.50
N LEU A 103 2.38 -4.26 -4.02
CA LEU A 103 2.16 -3.00 -4.71
C LEU A 103 2.58 -3.13 -6.16
N ARG A 104 1.66 -2.82 -7.08
CA ARG A 104 1.94 -2.94 -8.50
C ARG A 104 1.71 -1.62 -9.23
N TYR A 105 0.47 -1.15 -9.21
CA TYR A 105 0.12 0.09 -9.88
C TYR A 105 -0.42 1.11 -8.88
N PRO A 106 0.11 2.34 -8.93
CA PRO A 106 -0.28 3.41 -8.03
C PRO A 106 -1.41 4.27 -8.61
N VAL A 107 -2.65 3.79 -8.45
CA VAL A 107 -3.81 4.51 -8.95
C VAL A 107 -4.30 5.54 -7.94
N CYS A 108 -3.35 6.12 -7.19
CA CYS A 108 -3.68 7.13 -6.19
C CYS A 108 -5.08 7.71 -6.44
N GLY A 109 -6.10 6.99 -6.00
CA GLY A 109 -7.47 7.45 -6.18
C GLY A 109 -7.69 8.07 -7.55
N ALA B 2 -4.42 -4.22 13.10
CA ALA B 2 -4.93 -5.55 12.78
C ALA B 2 -5.98 -5.49 11.67
N ASP B 3 -6.97 -4.63 11.85
CA ASP B 3 -8.04 -4.48 10.86
C ASP B 3 -7.50 -3.85 9.58
N GLU B 5 -5.72 -4.67 7.42
CA GLU B 5 -5.17 -5.73 6.59
C GLU B 5 -3.64 -5.60 6.50
N PRO B 6 -2.98 -5.53 7.67
CA PRO B 6 -1.52 -5.40 7.73
C PRO B 6 -0.80 -6.64 7.19
N PRO B 7 0.53 -6.61 7.18
CA PRO B 7 1.35 -7.73 6.69
C PRO B 7 1.08 -9.02 7.46
N ASN A 2 7.97 13.05 3.49
CA ASN A 2 7.92 11.62 3.18
C ASN A 2 7.70 11.40 1.69
N ASN A 3 7.34 12.47 0.98
CA ASN A 3 7.09 12.38 -0.46
C ASN A 3 6.01 11.35 -0.77
N LEU A 4 5.35 10.86 0.28
CA LEU A 4 4.29 9.87 0.13
C LEU A 4 3.15 10.42 -0.70
N GLU A 5 2.75 11.64 -0.39
CA GLU A 5 1.65 12.31 -1.07
C GLU A 5 2.03 12.67 -2.51
N THR A 6 3.32 12.60 -2.82
CA THR A 6 3.78 12.93 -4.15
C THR A 6 3.79 11.72 -5.07
N TYR A 7 3.58 10.54 -4.50
CA TYR A 7 3.56 9.31 -5.28
C TYR A 7 2.19 9.08 -5.90
N GLU A 8 2.15 8.21 -6.90
CA GLU A 8 0.91 7.91 -7.61
C GLU A 8 0.00 7.02 -6.77
N TRP A 9 0.06 7.15 -5.45
CA TRP A 9 -0.77 6.31 -4.61
C TRP A 9 -1.11 6.92 -3.26
N TYR A 10 -0.51 8.04 -2.88
CA TYR A 10 -0.83 8.61 -1.59
C TYR A 10 -2.01 9.57 -1.66
N ASN A 11 -3.13 9.16 -1.08
CA ASN A 11 -4.33 9.97 -1.03
C ASN A 11 -4.60 10.42 0.40
N LYS A 12 -4.40 11.71 0.67
CA LYS A 12 -4.58 12.25 2.01
C LYS A 12 -6.02 12.67 2.27
N SER A 13 -6.39 12.62 3.55
CA SER A 13 -7.74 13.01 3.97
C SER A 13 -8.81 12.18 3.28
N ILE A 14 -8.62 10.87 3.28
CA ILE A 14 -9.58 9.97 2.64
C ILE A 14 -9.82 8.73 3.49
N SER A 15 -8.78 7.91 3.62
CA SER A 15 -8.87 6.66 4.37
C SER A 15 -8.70 5.50 3.41
N ARG A 16 -8.14 4.41 3.90
CA ARG A 16 -7.91 3.25 3.06
C ARG A 16 -9.24 2.78 2.46
N ASP A 17 -10.33 3.07 3.16
CA ASP A 17 -11.65 2.68 2.67
C ASP A 17 -11.99 3.46 1.42
N LYS A 18 -11.68 4.75 1.46
CA LYS A 18 -11.90 5.60 0.32
C LYS A 18 -10.90 5.21 -0.74
N ALA A 19 -9.67 5.06 -0.29
CA ALA A 19 -8.59 4.63 -1.15
C ALA A 19 -9.06 3.37 -1.88
N GLU A 20 -9.62 2.45 -1.10
CA GLU A 20 -10.14 1.21 -1.64
C GLU A 20 -11.32 1.49 -2.55
N LYS A 21 -12.25 2.33 -2.09
CA LYS A 21 -13.43 2.65 -2.91
C LYS A 21 -13.03 3.27 -4.23
N LEU A 22 -12.21 4.32 -4.15
CA LEU A 22 -11.76 5.00 -5.35
C LEU A 22 -10.79 4.11 -6.15
N LEU A 23 -9.84 3.48 -5.46
CA LEU A 23 -8.86 2.65 -6.13
C LEU A 23 -9.45 1.34 -6.63
N LEU A 24 -10.25 0.69 -5.80
CA LEU A 24 -10.88 -0.57 -6.19
C LEU A 24 -11.78 -0.37 -7.40
N ASP A 25 -12.37 0.83 -7.48
CA ASP A 25 -13.27 1.19 -8.57
C ASP A 25 -12.53 1.23 -9.90
N THR A 26 -11.28 1.64 -9.86
CA THR A 26 -10.46 1.74 -11.06
C THR A 26 -10.37 0.40 -11.76
N GLY A 27 -10.39 -0.67 -10.98
CA GLY A 27 -10.33 -2.00 -11.55
C GLY A 27 -8.99 -2.31 -12.18
N LYS A 28 -7.93 -1.70 -11.65
CA LYS A 28 -6.58 -1.93 -12.16
C LYS A 28 -5.85 -2.93 -11.30
N GLU A 29 -5.58 -4.12 -11.85
CA GLU A 29 -4.87 -5.12 -11.10
C GLU A 29 -3.65 -4.49 -10.45
N GLY A 30 -3.55 -4.59 -9.14
CA GLY A 30 -2.44 -3.98 -8.44
C GLY A 30 -2.62 -2.50 -8.25
N ALA A 31 -3.86 -2.03 -8.27
CA ALA A 31 -4.11 -0.60 -8.08
C ALA A 31 -3.99 -0.25 -6.61
N PHE A 32 -3.03 0.61 -6.27
CA PHE A 32 -2.84 0.97 -4.88
C PHE A 32 -2.86 2.47 -4.59
N MET A 33 -2.99 2.76 -3.30
CA MET A 33 -3.00 4.11 -2.77
C MET A 33 -2.66 4.03 -1.29
N VAL A 34 -1.88 4.98 -0.77
CA VAL A 34 -1.49 4.92 0.63
C VAL A 34 -2.00 6.11 1.44
N ARG A 35 -2.56 5.83 2.60
CA ARG A 35 -3.08 6.86 3.47
C ARG A 35 -2.43 6.79 4.85
N ASP A 36 -2.12 7.94 5.43
CA ASP A 36 -1.51 7.99 6.75
C ASP A 36 -2.41 7.33 7.78
N SER A 37 -2.00 6.16 8.26
CA SER A 37 -2.77 5.42 9.25
C SER A 37 -2.94 6.25 10.52
N ARG A 38 -4.12 6.85 10.67
CA ARG A 38 -4.42 7.66 11.85
C ARG A 38 -4.24 6.87 13.14
N THR A 39 -4.55 5.57 13.07
CA THR A 39 -4.43 4.71 14.23
C THR A 39 -2.96 4.56 14.65
N PRO A 40 -2.12 3.99 13.76
CA PRO A 40 -0.71 3.79 14.03
C PRO A 40 0.14 4.97 13.59
N GLY A 41 -0.46 6.14 13.61
CA GLY A 41 0.24 7.36 13.21
C GLY A 41 1.23 7.10 12.11
N THR A 42 0.98 6.04 11.35
CA THR A 42 1.87 5.68 10.24
C THR A 42 1.18 5.87 8.89
N TYR A 43 1.49 4.98 7.95
CA TYR A 43 0.91 5.06 6.62
C TYR A 43 0.39 3.69 6.17
N THR A 44 -0.77 3.69 5.51
CA THR A 44 -1.37 2.44 5.03
C THR A 44 -1.53 2.48 3.51
N VAL A 45 -1.10 1.41 2.85
CA VAL A 45 -1.18 1.33 1.39
C VAL A 45 -2.34 0.46 0.95
N SER A 46 -3.17 1.00 0.07
CA SER A 46 -4.33 0.29 -0.46
C SER A 46 -4.09 -0.12 -1.90
N VAL A 47 -4.02 -1.43 -2.15
CA VAL A 47 -3.80 -1.95 -3.48
C VAL A 47 -4.95 -2.83 -3.94
N PHE A 48 -5.18 -2.83 -5.25
CA PHE A 48 -6.26 -3.60 -5.84
C PHE A 48 -5.74 -4.57 -6.89
N THR A 49 -5.92 -5.87 -6.61
CA THR A 49 -5.49 -6.94 -7.50
C THR A 49 -6.59 -7.31 -8.47
N LYS A 50 -6.22 -7.57 -9.72
CA LYS A 50 -7.19 -7.96 -10.74
C LYS A 50 -7.31 -9.47 -10.84
N ALA A 51 -8.52 -9.98 -10.58
CA ALA A 51 -8.77 -11.41 -10.64
C ALA A 51 -9.22 -11.84 -12.03
N ILE A 52 -8.94 -13.09 -12.38
CA ILE A 52 -9.31 -13.62 -13.68
C ILE A 52 -10.82 -13.54 -13.89
N ILE A 53 -11.54 -14.57 -13.43
CA ILE A 53 -12.97 -14.61 -13.57
C ILE A 53 -13.65 -14.85 -12.22
N SER A 54 -14.06 -16.08 -11.97
CA SER A 54 -14.73 -16.44 -10.72
C SER A 54 -13.89 -15.98 -9.52
N GLU A 55 -12.59 -15.86 -9.73
CA GLU A 55 -11.69 -15.44 -8.66
C GLU A 55 -12.03 -14.02 -8.18
N ASN A 56 -12.69 -13.27 -9.04
CA ASN A 56 -13.08 -11.90 -8.71
C ASN A 56 -11.89 -11.11 -8.19
N PRO A 57 -11.64 -9.92 -8.77
CA PRO A 57 -10.52 -9.06 -8.37
C PRO A 57 -10.51 -8.81 -6.87
N CYS A 58 -9.32 -8.93 -6.26
CA CYS A 58 -9.17 -8.72 -4.83
C CYS A 58 -8.27 -7.52 -4.55
N ILE A 59 -8.85 -6.49 -3.95
CA ILE A 59 -8.11 -5.28 -3.61
C ILE A 59 -7.93 -5.16 -2.10
N LYS A 60 -6.70 -4.92 -1.66
CA LYS A 60 -6.43 -4.80 -0.23
C LYS A 60 -5.35 -3.75 0.05
N HIS A 61 -5.32 -3.28 1.29
CA HIS A 61 -4.35 -2.28 1.71
C HIS A 61 -3.47 -2.81 2.84
N TYR A 62 -2.25 -2.30 2.94
CA TYR A 62 -1.33 -2.73 3.99
C TYR A 62 -0.88 -1.55 4.83
N HIS A 63 -0.97 -1.72 6.14
CA HIS A 63 -0.54 -0.70 7.09
C HIS A 63 0.97 -0.67 7.15
N ILE A 64 1.56 0.47 6.79
CA ILE A 64 3.01 0.60 6.80
C ILE A 64 3.58 0.69 8.20
N LYS A 65 4.39 -0.30 8.55
CA LYS A 65 5.02 -0.33 9.86
C LYS A 65 6.31 0.48 9.80
N GLU A 66 6.37 1.52 10.64
CA GLU A 66 7.54 2.39 10.67
C GLU A 66 8.50 2.01 11.78
N THR A 67 9.76 2.42 11.62
CA THR A 67 10.78 2.14 12.60
C THR A 67 11.81 3.27 12.60
N ASN A 68 12.91 3.08 13.33
CA ASN A 68 13.95 4.10 13.40
C ASN A 68 15.31 3.56 12.93
N ASP A 69 15.37 2.27 12.61
CA ASP A 69 16.62 1.66 12.17
C ASP A 69 17.19 2.38 10.95
N SER A 70 18.31 1.86 10.44
CA SER A 70 18.94 2.44 9.27
C SER A 70 19.03 1.44 8.10
N PRO A 71 18.33 1.68 6.99
CA PRO A 71 17.46 2.82 6.77
C PRO A 71 15.99 2.41 6.73
N LYS A 72 15.74 1.11 6.85
CA LYS A 72 14.38 0.55 6.79
C LYS A 72 13.48 1.06 7.92
N ARG A 73 12.96 2.27 7.75
CA ARG A 73 12.06 2.86 8.73
C ARG A 73 10.60 2.49 8.47
N TYR A 74 10.30 2.04 7.26
CA TYR A 74 8.95 1.66 6.90
C TYR A 74 8.87 0.21 6.47
N TYR A 75 7.82 -0.47 6.91
CA TYR A 75 7.62 -1.86 6.55
C TYR A 75 6.18 -2.30 6.66
N VAL A 76 5.73 -3.06 5.67
CA VAL A 76 4.39 -3.61 5.68
C VAL A 76 4.53 -5.12 5.61
N ALA A 77 5.35 -5.61 6.52
CA ALA A 77 5.67 -7.02 6.64
C ALA A 77 6.72 -7.19 7.72
N GLU A 78 6.87 -8.39 8.24
CA GLU A 78 7.85 -8.63 9.29
C GLU A 78 9.21 -9.00 8.71
N LYS A 79 9.77 -8.04 8.00
CA LYS A 79 11.07 -8.20 7.37
C LYS A 79 11.22 -7.18 6.25
N TYR A 80 10.07 -6.75 5.71
CA TYR A 80 10.04 -5.78 4.63
C TYR A 80 10.03 -4.35 5.19
N VAL A 81 11.20 -3.87 5.59
CA VAL A 81 11.32 -2.53 6.15
C VAL A 81 12.26 -1.68 5.32
N PHE A 82 11.85 -0.46 5.03
CA PHE A 82 12.66 0.47 4.23
C PHE A 82 12.46 1.91 4.69
N ASP A 83 13.43 2.76 4.39
CA ASP A 83 13.36 4.17 4.76
C ASP A 83 12.49 4.96 3.78
N SER A 84 11.72 4.24 2.98
CA SER A 84 10.85 4.87 1.99
C SER A 84 9.67 3.97 1.66
N ILE A 85 8.47 4.43 2.00
CA ILE A 85 7.27 3.66 1.71
C ILE A 85 7.18 3.41 0.22
N PRO A 86 7.49 4.45 -0.57
CA PRO A 86 7.48 4.35 -2.03
C PRO A 86 8.51 3.35 -2.51
N LEU A 87 9.72 3.44 -1.95
CA LEU A 87 10.78 2.52 -2.30
C LEU A 87 10.37 1.15 -1.83
N LEU A 88 9.89 1.10 -0.59
CA LEU A 88 9.38 -0.13 -0.04
C LEU A 88 8.25 -0.58 -0.95
N ILE A 89 7.48 0.42 -1.41
CA ILE A 89 6.40 0.17 -2.34
C ILE A 89 7.00 -0.46 -3.59
N GLN A 90 8.08 0.15 -4.07
CA GLN A 90 8.78 -0.35 -5.24
C GLN A 90 9.33 -1.73 -4.96
N TYR A 91 9.84 -1.91 -3.74
CA TYR A 91 10.40 -3.18 -3.31
C TYR A 91 9.31 -4.23 -3.20
N HIS A 92 8.16 -3.82 -2.68
CA HIS A 92 7.04 -4.73 -2.52
C HIS A 92 6.71 -5.43 -3.83
N GLN A 93 7.06 -4.78 -4.94
CA GLN A 93 6.81 -5.34 -6.27
C GLN A 93 8.12 -5.75 -6.93
N TYR A 94 9.22 -5.18 -6.44
CA TYR A 94 10.54 -5.48 -6.98
C TYR A 94 11.07 -6.80 -6.43
N ASN A 95 10.43 -7.29 -5.36
CA ASN A 95 10.84 -8.53 -4.73
C ASN A 95 9.63 -9.43 -4.48
N GLY A 96 8.68 -9.41 -5.41
CA GLY A 96 7.49 -10.23 -5.27
C GLY A 96 6.59 -9.77 -4.14
N GLY A 97 7.19 -9.50 -2.98
CA GLY A 97 6.43 -9.04 -1.84
C GLY A 97 5.22 -9.93 -1.55
N GLY A 98 4.85 -10.01 -0.28
CA GLY A 98 3.71 -10.83 0.11
C GLY A 98 2.39 -10.17 -0.22
N LEU A 99 2.31 -8.86 0.01
CA LEU A 99 1.10 -8.09 -0.25
C LEU A 99 0.43 -8.56 -1.55
N VAL A 100 -0.72 -7.97 -1.86
CA VAL A 100 -1.47 -8.32 -3.07
C VAL A 100 -0.60 -8.14 -4.31
N THR A 101 -0.30 -9.23 -4.99
CA THR A 101 0.53 -9.18 -6.19
C THR A 101 1.47 -7.99 -6.14
N ARG A 102 1.94 -7.68 -4.94
CA ARG A 102 2.85 -6.56 -4.73
C ARG A 102 2.38 -5.31 -5.47
N LEU A 103 2.94 -4.16 -5.12
CA LEU A 103 2.58 -2.91 -5.75
C LEU A 103 2.63 -3.04 -7.27
N ARG A 104 1.50 -2.82 -7.93
CA ARG A 104 1.42 -2.92 -9.37
C ARG A 104 1.09 -1.58 -10.01
N TYR A 105 -0.10 -1.06 -9.71
CA TYR A 105 -0.55 0.21 -10.26
C TYR A 105 -0.95 1.18 -9.16
N PRO A 106 -0.38 2.39 -9.17
CA PRO A 106 -0.67 3.42 -8.19
C PRO A 106 -1.88 4.27 -8.57
N VAL A 107 -3.07 3.75 -8.29
CA VAL A 107 -4.30 4.45 -8.61
C VAL A 107 -4.69 5.43 -7.50
N CYS A 108 -3.74 6.28 -7.11
CA CYS A 108 -4.01 7.27 -6.07
C CYS A 108 -5.24 8.10 -6.40
N GLY A 109 -6.37 7.72 -5.81
CA GLY A 109 -7.61 8.43 -6.05
C GLY A 109 -7.38 9.81 -6.65
N ALA B 2 -7.17 -1.47 14.01
CA ALA B 2 -6.33 -0.28 14.11
C ALA B 2 -4.89 -0.58 13.73
N ASP B 3 -4.43 -1.78 14.07
CA ASP B 3 -3.07 -2.19 13.76
C ASP B 3 -2.96 -2.67 12.32
N GLU B 5 -4.15 -5.50 9.14
CA GLU B 5 -3.81 -6.89 8.92
C GLU B 5 -3.27 -7.10 7.51
N PRO B 6 -2.33 -6.24 7.08
CA PRO B 6 -1.74 -6.30 5.76
C PRO B 6 -0.57 -7.28 5.65
N PRO B 7 0.65 -6.88 6.04
CA PRO B 7 1.83 -7.74 5.97
C PRO B 7 1.56 -9.15 6.50
N ASN A 2 5.67 15.53 3.34
CA ASN A 2 5.61 14.17 3.83
C ASN A 2 6.32 13.22 2.88
N ASN A 3 6.42 13.65 1.62
CA ASN A 3 7.08 12.85 0.60
C ASN A 3 6.14 11.76 0.10
N LEU A 4 5.55 11.05 1.04
CA LEU A 4 4.63 9.96 0.72
C LEU A 4 3.35 10.51 0.09
N GLU A 5 2.78 11.51 0.73
CA GLU A 5 1.54 12.14 0.27
C GLU A 5 1.72 12.74 -1.12
N THR A 6 2.97 12.87 -1.56
CA THR A 6 3.26 13.44 -2.87
C THR A 6 3.38 12.35 -3.93
N TYR A 7 3.24 11.10 -3.52
CA TYR A 7 3.34 9.98 -4.45
C TYR A 7 2.00 9.72 -5.12
N GLU A 8 2.02 8.90 -6.16
CA GLU A 8 0.82 8.57 -6.90
C GLU A 8 0.00 7.53 -6.16
N TRP A 9 0.08 7.52 -4.84
CA TRP A 9 -0.67 6.54 -4.07
C TRP A 9 -1.06 7.04 -2.68
N TYR A 10 -0.37 8.05 -2.15
CA TYR A 10 -0.69 8.55 -0.83
C TYR A 10 -1.88 9.50 -0.88
N ASN A 11 -2.98 9.06 -0.27
CA ASN A 11 -4.20 9.84 -0.20
C ASN A 11 -4.43 10.32 1.23
N LYS A 12 -4.33 11.64 1.43
CA LYS A 12 -4.48 12.22 2.76
C LYS A 12 -5.94 12.60 3.04
N SER A 13 -6.32 12.51 4.31
CA SER A 13 -7.68 12.85 4.74
C SER A 13 -8.72 12.14 3.88
N ILE A 14 -8.33 11.01 3.30
CA ILE A 14 -9.21 10.25 2.44
C ILE A 14 -9.74 9.00 3.15
N SER A 15 -8.85 8.07 3.43
CA SER A 15 -9.22 6.83 4.09
C SER A 15 -9.22 5.68 3.10
N ARG A 16 -8.86 4.49 3.57
CA ARG A 16 -8.83 3.31 2.72
C ARG A 16 -10.20 3.10 2.07
N ASP A 17 -11.23 3.64 2.70
CA ASP A 17 -12.58 3.51 2.18
C ASP A 17 -12.68 4.14 0.80
N LYS A 18 -12.05 5.28 0.66
CA LYS A 18 -12.02 5.98 -0.61
C LYS A 18 -11.06 5.26 -1.52
N ALA A 19 -9.99 4.76 -0.93
CA ALA A 19 -9.00 4.00 -1.67
C ALA A 19 -9.69 2.77 -2.24
N GLU A 20 -10.45 2.11 -1.39
CA GLU A 20 -11.22 0.93 -1.78
C GLU A 20 -12.31 1.35 -2.75
N LYS A 21 -13.05 2.39 -2.37
CA LYS A 21 -14.11 2.89 -3.24
C LYS A 21 -13.52 3.36 -4.55
N LEU A 22 -12.40 4.07 -4.48
CA LEU A 22 -11.72 4.55 -5.66
C LEU A 22 -11.10 3.38 -6.43
N LEU A 23 -10.45 2.49 -5.69
CA LEU A 23 -9.80 1.33 -6.29
C LEU A 23 -10.81 0.35 -6.86
N LEU A 24 -11.78 -0.03 -6.05
CA LEU A 24 -12.80 -0.97 -6.48
C LEU A 24 -13.50 -0.45 -7.74
N ASP A 25 -13.60 0.87 -7.84
CA ASP A 25 -14.23 1.50 -8.99
C ASP A 25 -13.39 1.28 -10.23
N THR A 26 -12.09 1.49 -10.08
CA THR A 26 -11.14 1.30 -11.17
C THR A 26 -10.95 -0.18 -11.43
N GLY A 27 -10.72 -0.91 -10.35
CA GLY A 27 -10.52 -2.34 -10.43
C GLY A 27 -9.39 -2.75 -11.36
N LYS A 28 -8.24 -2.09 -11.22
CA LYS A 28 -7.08 -2.43 -12.04
C LYS A 28 -6.03 -3.14 -11.20
N GLU A 29 -5.53 -4.25 -11.72
CA GLU A 29 -4.51 -4.99 -11.00
C GLU A 29 -3.35 -4.07 -10.64
N GLY A 30 -3.04 -3.99 -9.35
CA GLY A 30 -1.94 -3.15 -8.94
C GLY A 30 -2.35 -1.74 -8.58
N ALA A 31 -3.64 -1.47 -8.41
CA ALA A 31 -4.02 -0.10 -8.05
C ALA A 31 -3.85 0.10 -6.55
N PHE A 32 -2.92 0.98 -6.17
CA PHE A 32 -2.68 1.23 -4.76
C PHE A 32 -2.71 2.69 -4.37
N MET A 33 -2.80 2.88 -3.05
CA MET A 33 -2.78 4.20 -2.43
C MET A 33 -2.21 4.04 -1.01
N VAL A 34 -1.85 5.14 -0.37
CA VAL A 34 -1.31 5.05 0.98
C VAL A 34 -1.84 6.17 1.85
N ARG A 35 -2.45 5.80 2.97
CA ARG A 35 -3.01 6.79 3.88
C ARG A 35 -2.43 6.66 5.28
N ASP A 36 -2.47 7.76 6.02
CA ASP A 36 -1.97 7.78 7.39
C ASP A 36 -3.04 7.30 8.36
N SER A 37 -2.76 6.19 9.04
CA SER A 37 -3.70 5.61 10.00
C SER A 37 -3.94 6.54 11.19
N ARG A 38 -5.12 6.43 11.79
CA ARG A 38 -5.49 7.23 12.95
C ARG A 38 -4.28 7.41 13.86
N THR A 39 -3.34 6.49 13.76
CA THR A 39 -2.12 6.55 14.54
C THR A 39 -0.99 7.10 13.67
N PRO A 40 -1.17 8.32 13.15
CA PRO A 40 -0.21 8.98 12.29
C PRO A 40 1.24 8.66 12.63
N GLY A 41 1.60 7.42 12.42
CA GLY A 41 2.96 6.95 12.66
C GLY A 41 3.45 6.12 11.50
N THR A 42 2.54 5.34 10.93
CA THR A 42 2.84 4.51 9.79
C THR A 42 1.87 4.83 8.65
N TYR A 43 2.26 4.51 7.43
CA TYR A 43 1.41 4.77 6.27
C TYR A 43 0.77 3.50 5.76
N THR A 44 -0.54 3.54 5.53
CA THR A 44 -1.27 2.38 5.04
C THR A 44 -1.48 2.46 3.54
N VAL A 45 -0.91 1.50 2.82
CA VAL A 45 -1.03 1.44 1.38
C VAL A 45 -2.17 0.55 0.93
N SER A 46 -3.11 1.12 0.18
CA SER A 46 -4.24 0.38 -0.35
C SER A 46 -3.99 0.01 -1.81
N VAL A 47 -3.86 -1.29 -2.10
CA VAL A 47 -3.60 -1.75 -3.45
C VAL A 47 -4.71 -2.68 -3.95
N PHE A 48 -4.99 -2.59 -5.25
CA PHE A 48 -6.03 -3.42 -5.85
C PHE A 48 -5.49 -4.20 -7.04
N THR A 49 -5.74 -5.52 -7.00
CA THR A 49 -5.30 -6.42 -8.05
C THR A 49 -6.49 -6.97 -8.83
N LYS A 50 -6.35 -7.10 -10.14
CA LYS A 50 -7.42 -7.61 -10.99
C LYS A 50 -7.29 -9.12 -11.17
N ALA A 51 -8.24 -9.86 -10.63
CA ALA A 51 -8.24 -11.31 -10.74
C ALA A 51 -9.30 -11.77 -11.74
N ILE A 52 -9.02 -12.85 -12.46
CA ILE A 52 -9.96 -13.37 -13.44
C ILE A 52 -11.38 -13.26 -12.92
N ILE A 53 -12.23 -12.59 -13.69
CA ILE A 53 -13.63 -12.39 -13.31
C ILE A 53 -13.77 -11.16 -12.43
N SER A 54 -15.00 -10.88 -11.99
CA SER A 54 -15.28 -9.72 -11.15
C SER A 54 -15.09 -10.03 -9.66
N GLU A 55 -15.55 -11.20 -9.23
CA GLU A 55 -15.45 -11.60 -7.83
C GLU A 55 -14.04 -12.07 -7.48
N ASN A 56 -13.23 -12.34 -8.49
CA ASN A 56 -11.87 -12.81 -8.29
C ASN A 56 -10.93 -11.67 -7.88
N PRO A 57 -11.06 -10.50 -8.52
CA PRO A 57 -10.20 -9.34 -8.22
C PRO A 57 -10.28 -8.93 -6.75
N CYS A 58 -9.18 -9.07 -6.04
CA CYS A 58 -9.12 -8.72 -4.62
C CYS A 58 -8.16 -7.58 -4.37
N ILE A 59 -8.67 -6.49 -3.81
CA ILE A 59 -7.87 -5.31 -3.50
C ILE A 59 -7.56 -5.28 -1.99
N LYS A 60 -6.32 -4.94 -1.64
CA LYS A 60 -5.94 -4.90 -0.23
C LYS A 60 -4.98 -3.76 0.09
N HIS A 61 -5.01 -3.32 1.35
CA HIS A 61 -4.16 -2.24 1.82
C HIS A 61 -3.28 -2.73 2.97
N TYR A 62 -2.13 -2.07 3.17
CA TYR A 62 -1.22 -2.44 4.25
C TYR A 62 -0.63 -1.21 4.92
N HIS A 63 -0.36 -1.32 6.22
CA HIS A 63 0.20 -0.20 6.98
C HIS A 63 1.72 -0.35 7.09
N ILE A 64 2.44 0.65 6.58
CA ILE A 64 3.89 0.62 6.62
C ILE A 64 4.41 0.89 8.03
N LYS A 65 5.13 -0.08 8.58
CA LYS A 65 5.69 0.05 9.92
C LYS A 65 7.02 0.78 9.88
N GLU A 66 7.49 1.22 11.05
CA GLU A 66 8.75 1.94 11.14
C GLU A 66 9.81 1.08 11.82
N THR A 67 11.05 1.29 11.44
CA THR A 67 12.15 0.51 11.98
C THR A 67 13.32 1.45 12.34
N ASN A 68 14.43 0.86 12.80
CA ASN A 68 15.60 1.65 13.17
C ASN A 68 16.61 1.66 12.02
N ASP A 69 16.06 1.65 10.81
CA ASP A 69 16.85 1.66 9.60
C ASP A 69 17.84 0.50 9.57
N SER A 70 17.59 -0.45 8.67
CA SER A 70 18.47 -1.59 8.50
C SER A 70 19.42 -1.43 7.30
N PRO A 71 19.64 -0.21 6.78
CA PRO A 71 19.06 1.04 7.29
C PRO A 71 17.57 1.19 7.00
N LYS A 72 16.96 0.14 6.44
CA LYS A 72 15.53 0.18 6.16
C LYS A 72 14.78 0.66 7.40
N ARG A 73 13.91 1.65 7.25
CA ARG A 73 13.18 2.20 8.39
C ARG A 73 11.72 1.75 8.46
N TYR A 74 10.98 1.83 7.36
CA TYR A 74 9.58 1.44 7.39
C TYR A 74 9.31 0.16 6.64
N TYR A 75 8.24 -0.52 7.02
CA TYR A 75 7.89 -1.77 6.36
C TYR A 75 6.43 -2.13 6.51
N VAL A 76 5.84 -2.63 5.42
CA VAL A 76 4.49 -3.11 5.47
C VAL A 76 4.59 -4.61 5.34
N ALA A 77 5.44 -5.17 6.20
CA ALA A 77 5.72 -6.58 6.26
C ALA A 77 6.83 -6.84 7.27
N GLU A 78 6.64 -7.84 8.10
CA GLU A 78 7.58 -8.17 9.16
C GLU A 78 9.00 -7.70 8.89
N LYS A 79 9.64 -8.31 7.92
CA LYS A 79 11.02 -7.97 7.57
C LYS A 79 11.10 -6.90 6.50
N TYR A 80 10.20 -7.01 5.53
CA TYR A 80 10.15 -6.06 4.43
C TYR A 80 10.14 -4.63 4.94
N VAL A 81 11.28 -4.16 5.45
CA VAL A 81 11.37 -2.81 5.95
C VAL A 81 12.35 -2.00 5.14
N PHE A 82 11.96 -0.77 4.87
CA PHE A 82 12.77 0.15 4.09
C PHE A 82 12.56 1.57 4.59
N ASP A 83 13.60 2.39 4.49
CA ASP A 83 13.53 3.78 4.95
C ASP A 83 12.85 4.64 3.91
N SER A 84 12.03 4.02 3.09
CA SER A 84 11.32 4.73 2.04
C SER A 84 10.07 3.94 1.64
N ILE A 85 8.91 4.54 1.87
CA ILE A 85 7.67 3.89 1.53
C ILE A 85 7.63 3.55 0.04
N PRO A 86 8.11 4.46 -0.81
CA PRO A 86 8.16 4.23 -2.26
C PRO A 86 9.10 3.09 -2.60
N LEU A 87 10.29 3.10 -2.00
CA LEU A 87 11.25 2.02 -2.22
C LEU A 87 10.65 0.77 -1.65
N LEU A 88 10.07 0.91 -0.46
CA LEU A 88 9.40 -0.19 0.18
C LEU A 88 8.28 -0.65 -0.76
N ILE A 89 7.60 0.35 -1.32
CA ILE A 89 6.55 0.09 -2.29
C ILE A 89 7.17 -0.64 -3.47
N GLN A 90 8.33 -0.13 -3.91
CA GLN A 90 9.06 -0.72 -5.02
C GLN A 90 9.46 -2.15 -4.68
N TYR A 91 9.91 -2.34 -3.44
CA TYR A 91 10.32 -3.66 -2.99
C TYR A 91 9.14 -4.59 -2.90
N HIS A 92 8.07 -4.12 -2.29
CA HIS A 92 6.86 -4.92 -2.14
C HIS A 92 6.38 -5.46 -3.48
N GLN A 93 6.96 -4.94 -4.56
CA GLN A 93 6.58 -5.37 -5.90
C GLN A 93 7.80 -5.84 -6.68
N TYR A 94 8.88 -5.07 -6.60
CA TYR A 94 10.11 -5.40 -7.29
C TYR A 94 10.97 -6.36 -6.48
N ASN A 95 10.55 -6.62 -5.24
CA ASN A 95 11.27 -7.52 -4.36
C ASN A 95 10.34 -8.51 -3.70
N GLY A 96 10.39 -9.76 -4.16
CA GLY A 96 9.54 -10.80 -3.60
C GLY A 96 8.40 -10.23 -2.78
N GLY A 97 7.59 -9.39 -3.41
CA GLY A 97 6.46 -8.78 -2.71
C GLY A 97 5.71 -9.79 -1.86
N GLY A 98 4.59 -9.35 -1.28
CA GLY A 98 3.79 -10.22 -0.44
C GLY A 98 2.33 -9.81 -0.41
N LEU A 99 2.08 -8.51 -0.51
CA LEU A 99 0.71 -7.99 -0.48
C LEU A 99 0.06 -8.14 -1.85
N VAL A 100 -1.27 -8.02 -1.89
CA VAL A 100 -2.01 -8.14 -3.13
C VAL A 100 -1.13 -7.77 -4.32
N THR A 101 -0.90 -8.75 -5.20
CA THR A 101 -0.07 -8.53 -6.38
C THR A 101 0.95 -7.43 -6.13
N ARG A 102 1.42 -7.35 -4.89
CA ARG A 102 2.42 -6.36 -4.51
C ARG A 102 2.06 -4.98 -5.06
N LEU A 103 2.76 -3.95 -4.58
CA LEU A 103 2.52 -2.59 -5.05
C LEU A 103 2.76 -2.50 -6.55
N ARG A 104 1.72 -2.10 -7.29
CA ARG A 104 1.83 -1.99 -8.73
C ARG A 104 1.50 -0.59 -9.22
N TYR A 105 0.22 -0.35 -9.48
CA TYR A 105 -0.25 0.94 -9.98
C TYR A 105 -0.70 1.87 -8.86
N PRO A 106 -0.15 3.08 -8.82
CA PRO A 106 -0.49 4.08 -7.82
C PRO A 106 -1.81 4.79 -8.15
N VAL A 107 -2.88 4.37 -7.50
CA VAL A 107 -4.19 4.97 -7.72
C VAL A 107 -4.58 5.90 -6.59
N CYS A 108 -3.68 6.84 -6.26
CA CYS A 108 -3.93 7.80 -5.20
C CYS A 108 -5.20 8.59 -5.47
N GLY A 109 -6.34 7.93 -5.37
CA GLY A 109 -7.61 8.59 -5.60
C GLY A 109 -7.85 8.89 -7.06
N ALA B 2 -4.40 -3.58 12.97
CA ALA B 2 -4.13 -4.95 12.54
C ALA B 2 -5.05 -5.36 11.41
N ASP B 3 -6.18 -4.67 11.28
CA ASP B 3 -7.15 -4.96 10.23
C ASP B 3 -6.57 -4.68 8.86
N GLU B 5 -4.52 -6.09 7.42
CA GLU B 5 -4.00 -7.35 6.88
C GLU B 5 -2.52 -7.50 7.21
N PRO B 6 -2.12 -8.72 7.63
CA PRO B 6 -0.74 -9.01 7.98
C PRO B 6 0.13 -9.32 6.77
N PRO B 7 0.86 -8.31 6.26
CA PRO B 7 1.74 -8.47 5.11
C PRO B 7 2.34 -9.87 5.03
N ASN A 2 5.59 13.04 4.54
CA ASN A 2 6.77 12.26 4.18
C ASN A 2 7.05 12.35 2.68
N ASN A 3 6.21 13.09 1.97
CA ASN A 3 6.37 13.27 0.53
C ASN A 3 5.55 12.24 -0.24
N LEU A 4 5.25 11.13 0.41
CA LEU A 4 4.47 10.06 -0.20
C LEU A 4 3.09 10.58 -0.60
N GLU A 5 2.60 11.57 0.14
CA GLU A 5 1.29 12.15 -0.11
C GLU A 5 1.14 12.62 -1.55
N THR A 6 2.17 13.24 -2.07
CA THR A 6 2.16 13.74 -3.45
C THR A 6 2.48 12.63 -4.43
N TYR A 7 2.38 11.39 -3.96
CA TYR A 7 2.67 10.23 -4.80
C TYR A 7 1.45 9.80 -5.59
N GLU A 8 1.64 8.76 -6.39
CA GLU A 8 0.57 8.22 -7.23
C GLU A 8 -0.31 7.29 -6.43
N TRP A 9 -0.21 7.32 -5.10
CA TRP A 9 -1.00 6.42 -4.28
C TRP A 9 -1.28 6.97 -2.89
N TYR A 10 -0.46 7.89 -2.41
CA TYR A 10 -0.68 8.45 -1.08
C TYR A 10 -1.90 9.34 -1.04
N ASN A 11 -2.92 8.85 -0.34
CA ASN A 11 -4.15 9.57 -0.17
C ASN A 11 -4.18 10.20 1.22
N LYS A 12 -4.39 11.51 1.27
CA LYS A 12 -4.42 12.23 2.55
C LYS A 12 -5.24 11.47 3.59
N SER A 13 -5.65 12.18 4.63
CA SER A 13 -6.45 11.58 5.70
C SER A 13 -7.72 10.94 5.12
N ILE A 14 -7.80 10.95 3.80
CA ILE A 14 -8.94 10.38 3.10
C ILE A 14 -9.51 9.17 3.84
N SER A 15 -8.98 7.98 3.52
CA SER A 15 -9.43 6.75 4.17
C SER A 15 -9.22 5.55 3.25
N ARG A 16 -8.88 4.41 3.84
CA ARG A 16 -8.65 3.20 3.07
C ARG A 16 -9.88 2.85 2.26
N ASP A 17 -11.06 3.25 2.76
CA ASP A 17 -12.31 2.98 2.05
C ASP A 17 -12.25 3.68 0.70
N LYS A 18 -11.71 4.89 0.72
CA LYS A 18 -11.54 5.66 -0.48
C LYS A 18 -10.45 5.02 -1.32
N ALA A 19 -9.34 4.73 -0.68
CA ALA A 19 -8.24 4.06 -1.36
C ALA A 19 -8.82 2.84 -2.06
N GLU A 20 -9.56 2.05 -1.29
CA GLU A 20 -10.23 0.88 -1.83
C GLU A 20 -11.25 1.35 -2.85
N LYS A 21 -11.93 2.45 -2.52
CA LYS A 21 -12.91 3.02 -3.42
C LYS A 21 -12.28 3.23 -4.78
N LEU A 22 -11.13 3.87 -4.79
CA LEU A 22 -10.39 4.07 -6.04
C LEU A 22 -9.88 2.72 -6.51
N LEU A 23 -9.46 1.89 -5.55
CA LEU A 23 -8.94 0.57 -5.88
C LEU A 23 -9.99 -0.25 -6.62
N LEU A 24 -11.18 -0.33 -6.05
CA LEU A 24 -12.26 -1.07 -6.68
C LEU A 24 -12.80 -0.30 -7.87
N ASP A 25 -12.89 1.01 -7.69
CA ASP A 25 -13.38 1.90 -8.74
C ASP A 25 -12.39 1.93 -9.90
N THR A 26 -11.11 1.83 -9.56
CA THR A 26 -10.05 1.85 -10.56
C THR A 26 -10.09 0.58 -11.40
N GLY A 27 -10.18 -0.56 -10.73
CA GLY A 27 -10.25 -1.83 -11.44
C GLY A 27 -8.96 -2.21 -12.13
N LYS A 28 -7.86 -1.51 -11.81
CA LYS A 28 -6.57 -1.81 -12.42
C LYS A 28 -5.74 -2.67 -11.46
N GLU A 29 -5.45 -3.90 -11.87
CA GLU A 29 -4.67 -4.77 -11.03
C GLU A 29 -3.44 -4.04 -10.53
N GLY A 30 -3.28 -4.00 -9.21
CA GLY A 30 -2.13 -3.33 -8.64
C GLY A 30 -2.43 -1.90 -8.22
N ALA A 31 -3.68 -1.58 -7.94
CA ALA A 31 -3.99 -0.21 -7.53
C ALA A 31 -3.76 -0.04 -6.04
N PHE A 32 -2.81 0.83 -5.68
CA PHE A 32 -2.51 1.08 -4.29
C PHE A 32 -2.60 2.56 -3.91
N MET A 33 -2.76 2.79 -2.62
CA MET A 33 -2.82 4.14 -2.07
C MET A 33 -2.34 4.13 -0.63
N VAL A 34 -1.69 5.20 -0.18
CA VAL A 34 -1.19 5.25 1.19
C VAL A 34 -1.84 6.39 1.97
N ARG A 35 -2.19 6.11 3.22
CA ARG A 35 -2.82 7.11 4.06
C ARG A 35 -1.99 7.35 5.33
N ASP A 36 -1.95 8.61 5.76
CA ASP A 36 -1.20 8.99 6.96
C ASP A 36 -1.82 8.35 8.20
N SER A 37 -1.12 7.38 8.76
CA SER A 37 -1.61 6.69 9.95
C SER A 37 -1.55 7.59 11.17
N ARG A 38 -2.72 7.95 11.68
CA ARG A 38 -2.82 8.82 12.85
C ARG A 38 -2.52 8.02 14.12
N THR A 39 -3.05 6.80 14.17
CA THR A 39 -2.85 5.93 15.31
C THR A 39 -1.72 4.93 15.06
N PRO A 40 -1.63 4.41 13.82
CA PRO A 40 -0.60 3.44 13.44
C PRO A 40 0.81 4.02 13.54
N GLY A 41 1.71 3.51 12.72
CA GLY A 41 3.09 3.98 12.74
C GLY A 41 3.39 4.99 11.66
N THR A 42 3.53 4.53 10.42
CA THR A 42 3.84 5.41 9.31
C THR A 42 2.61 5.67 8.44
N TYR A 43 2.64 5.15 7.21
CA TYR A 43 1.55 5.34 6.27
C TYR A 43 0.84 4.02 5.95
N THR A 44 -0.47 4.10 5.76
CA THR A 44 -1.26 2.91 5.44
C THR A 44 -1.48 2.85 3.94
N VAL A 45 -1.19 1.70 3.33
CA VAL A 45 -1.32 1.56 1.89
C VAL A 45 -2.48 0.64 1.46
N SER A 46 -3.30 1.16 0.55
CA SER A 46 -4.42 0.42 -0.01
C SER A 46 -4.03 -0.08 -1.39
N VAL A 47 -3.99 -1.41 -1.56
CA VAL A 47 -3.60 -2.00 -2.83
C VAL A 47 -4.69 -2.89 -3.41
N PHE A 48 -4.87 -2.81 -4.71
CA PHE A 48 -5.88 -3.60 -5.40
C PHE A 48 -5.29 -4.38 -6.56
N THR A 49 -5.53 -5.69 -6.56
CA THR A 49 -5.05 -6.59 -7.61
C THR A 49 -6.22 -7.12 -8.44
N LYS A 50 -6.02 -7.21 -9.75
CA LYS A 50 -7.06 -7.70 -10.65
C LYS A 50 -6.74 -9.10 -11.16
N ALA A 51 -7.55 -10.06 -10.76
CA ALA A 51 -7.37 -11.44 -11.18
C ALA A 51 -8.34 -11.82 -12.28
N ILE A 52 -7.96 -12.78 -13.12
CA ILE A 52 -8.81 -13.22 -14.21
C ILE A 52 -10.28 -13.24 -13.80
N ILE A 53 -10.73 -14.38 -13.27
CA ILE A 53 -12.10 -14.52 -12.82
C ILE A 53 -12.63 -13.23 -12.21
N SER A 54 -13.93 -13.18 -11.96
CA SER A 54 -14.55 -11.98 -11.38
C SER A 54 -14.22 -11.87 -9.89
N GLU A 55 -14.28 -12.99 -9.18
CA GLU A 55 -13.98 -13.01 -7.76
C GLU A 55 -12.47 -12.99 -7.51
N ASN A 56 -11.75 -13.79 -8.29
CA ASN A 56 -10.29 -13.88 -8.16
C ASN A 56 -9.68 -12.54 -7.78
N PRO A 57 -10.05 -11.46 -8.50
CA PRO A 57 -9.53 -10.12 -8.23
C PRO A 57 -9.76 -9.67 -6.80
N CYS A 58 -8.76 -9.88 -5.95
CA CYS A 58 -8.85 -9.50 -4.55
C CYS A 58 -7.96 -8.30 -4.26
N ILE A 59 -8.59 -7.19 -3.90
CA ILE A 59 -7.85 -5.96 -3.59
C ILE A 59 -7.64 -5.84 -2.07
N LYS A 60 -6.45 -5.37 -1.66
CA LYS A 60 -6.16 -5.26 -0.24
C LYS A 60 -5.32 -4.02 0.09
N HIS A 61 -5.49 -3.55 1.32
CA HIS A 61 -4.76 -2.38 1.81
C HIS A 61 -3.93 -2.77 3.04
N TYR A 62 -2.64 -2.44 3.03
CA TYR A 62 -1.79 -2.76 4.16
C TYR A 62 -1.20 -1.50 4.77
N HIS A 63 -1.17 -1.46 6.10
CA HIS A 63 -0.63 -0.32 6.81
C HIS A 63 0.90 -0.39 6.85
N ILE A 64 1.55 0.57 6.21
CA ILE A 64 3.00 0.60 6.20
C ILE A 64 3.56 0.59 7.62
N LYS A 65 4.35 -0.43 7.92
CA LYS A 65 4.93 -0.57 9.26
C LYS A 65 6.22 0.22 9.38
N GLU A 66 6.45 0.77 10.57
CA GLU A 66 7.64 1.56 10.85
C GLU A 66 8.58 0.80 11.79
N THR A 67 9.84 1.25 11.84
CA THR A 67 10.83 0.62 12.69
C THR A 67 11.67 1.68 13.41
N ASN A 68 12.94 1.35 13.65
CA ASN A 68 13.84 2.27 14.32
C ASN A 68 14.71 3.01 13.30
N ASP A 69 14.28 2.96 12.05
CA ASP A 69 14.99 3.61 10.96
C ASP A 69 16.37 3.00 10.76
N SER A 70 16.58 2.42 9.58
CA SER A 70 17.86 1.81 9.25
C SER A 70 18.68 2.68 8.29
N PRO A 71 18.28 3.94 8.05
CA PRO A 71 17.10 4.57 8.65
C PRO A 71 15.80 4.16 7.97
N LYS A 72 15.88 3.15 7.11
CA LYS A 72 14.70 2.67 6.39
C LYS A 72 13.71 2.00 7.34
N ARG A 73 12.75 2.79 7.83
CA ARG A 73 11.77 2.27 8.78
C ARG A 73 10.37 2.04 8.20
N TYR A 74 10.25 1.67 6.94
CA TYR A 74 8.93 1.46 6.38
C TYR A 74 8.76 0.08 5.79
N TYR A 75 7.72 -0.60 6.24
CA TYR A 75 7.45 -1.94 5.75
C TYR A 75 5.98 -2.30 5.83
N VAL A 76 5.50 -2.93 4.77
CA VAL A 76 4.14 -3.41 4.74
C VAL A 76 4.20 -4.92 4.62
N ALA A 77 4.99 -5.48 5.54
CA ALA A 77 5.23 -6.90 5.64
C ALA A 77 6.25 -7.15 6.75
N GLU A 78 6.35 -8.36 7.24
CA GLU A 78 7.29 -8.66 8.32
C GLU A 78 8.66 -9.03 7.79
N LYS A 79 9.28 -8.06 7.13
CA LYS A 79 10.62 -8.24 6.59
C LYS A 79 10.92 -7.18 5.53
N TYR A 80 9.87 -6.53 5.04
CA TYR A 80 10.02 -5.49 4.02
C TYR A 80 10.09 -4.10 4.66
N VAL A 81 11.21 -3.80 5.30
CA VAL A 81 11.41 -2.51 5.95
C VAL A 81 12.22 -1.62 5.03
N PHE A 82 11.74 -0.39 4.84
CA PHE A 82 12.42 0.53 3.96
C PHE A 82 12.26 1.98 4.43
N ASP A 83 13.23 2.83 4.07
CA ASP A 83 13.21 4.23 4.44
C ASP A 83 12.30 5.05 3.53
N SER A 84 11.58 4.38 2.63
CA SER A 84 10.70 5.06 1.71
C SER A 84 9.49 4.22 1.35
N ILE A 85 8.32 4.80 1.50
CA ILE A 85 7.09 4.12 1.19
C ILE A 85 7.07 3.70 -0.27
N PRO A 86 7.50 4.60 -1.18
CA PRO A 86 7.55 4.30 -2.61
C PRO A 86 8.52 3.18 -2.90
N LEU A 87 9.71 3.27 -2.31
CA LEU A 87 10.71 2.23 -2.47
C LEU A 87 10.13 0.97 -1.86
N LEU A 88 9.55 1.13 -0.68
CA LEU A 88 8.91 0.01 -0.03
C LEU A 88 7.81 -0.49 -0.98
N ILE A 89 7.09 0.48 -1.56
CA ILE A 89 6.06 0.17 -2.53
C ILE A 89 6.72 -0.54 -3.71
N GLN A 90 7.83 0.05 -4.18
CA GLN A 90 8.60 -0.54 -5.28
C GLN A 90 9.13 -1.90 -4.88
N TYR A 91 9.50 -2.02 -3.61
CA TYR A 91 10.00 -3.28 -3.11
C TYR A 91 8.88 -4.29 -3.09
N HIS A 92 7.73 -3.86 -2.58
CA HIS A 92 6.57 -4.72 -2.55
C HIS A 92 6.12 -4.98 -3.98
N GLN A 93 6.44 -4.03 -4.84
CA GLN A 93 6.12 -4.13 -6.26
C GLN A 93 6.93 -5.23 -6.91
N TYR A 94 8.24 -5.14 -6.75
CA TYR A 94 9.15 -6.12 -7.31
C TYR A 94 9.10 -7.42 -6.51
N ASN A 95 8.82 -7.29 -5.22
CA ASN A 95 8.75 -8.44 -4.33
C ASN A 95 7.33 -8.98 -4.24
N GLY A 96 7.20 -10.28 -3.98
CA GLY A 96 5.89 -10.89 -3.87
C GLY A 96 5.13 -10.40 -2.66
N GLY A 97 5.79 -10.36 -1.51
CA GLY A 97 5.15 -9.91 -0.29
C GLY A 97 3.81 -10.57 -0.04
N GLY A 98 3.58 -10.98 1.20
CA GLY A 98 2.33 -11.63 1.54
C GLY A 98 1.13 -10.73 1.33
N LEU A 99 1.40 -9.48 0.93
CA LEU A 99 0.33 -8.52 0.69
C LEU A 99 -0.37 -8.78 -0.64
N VAL A 100 -1.54 -8.18 -0.82
CA VAL A 100 -2.31 -8.35 -2.05
C VAL A 100 -1.49 -7.95 -3.27
N THR A 101 -1.14 -8.92 -4.10
CA THR A 101 -0.37 -8.66 -5.30
C THR A 101 0.54 -7.46 -5.09
N ARG A 102 0.96 -7.27 -3.84
CA ARG A 102 1.85 -6.17 -3.47
C ARG A 102 1.53 -4.91 -4.28
N LEU A 103 2.34 -3.88 -4.08
CA LEU A 103 2.15 -2.62 -4.78
C LEU A 103 2.48 -2.78 -6.25
N ARG A 104 1.49 -2.55 -7.11
CA ARG A 104 1.68 -2.70 -8.55
C ARG A 104 1.33 -1.41 -9.30
N TYR A 105 0.15 -0.86 -8.99
CA TYR A 105 -0.33 0.35 -9.63
C TYR A 105 -0.73 1.41 -8.60
N PRO A 106 -0.17 2.62 -8.72
CA PRO A 106 -0.45 3.72 -7.81
C PRO A 106 -1.55 4.64 -8.34
N VAL A 107 -2.81 4.29 -8.05
CA VAL A 107 -3.94 5.10 -8.49
C VAL A 107 -4.44 6.02 -7.38
N CYS A 108 -3.55 6.85 -6.86
CA CYS A 108 -3.90 7.77 -5.79
C CYS A 108 -5.12 8.61 -6.19
N GLY A 109 -6.30 8.16 -5.78
CA GLY A 109 -7.52 8.87 -6.09
C GLY A 109 -8.28 9.33 -4.85
N ALA B 2 -6.39 -0.95 13.97
CA ALA B 2 -4.94 -0.86 14.15
C ALA B 2 -4.25 -2.12 13.65
N ASP B 3 -5.03 -3.16 13.39
CA ASP B 3 -4.49 -4.43 12.91
C ASP B 3 -4.03 -4.30 11.46
N GLU B 5 -4.79 -5.37 7.59
CA GLU B 5 -4.43 -6.61 6.91
C GLU B 5 -2.95 -6.93 7.14
N PRO B 6 -2.65 -8.10 7.69
CA PRO B 6 -1.28 -8.54 7.97
C PRO B 6 -0.45 -8.67 6.70
N PRO B 7 0.37 -7.66 6.39
CA PRO B 7 1.23 -7.66 5.20
C PRO B 7 2.11 -8.90 5.12
N ASN A 2 7.74 13.06 4.02
CA ASN A 2 7.48 11.69 3.59
C ASN A 2 7.36 11.62 2.06
N ASN A 3 7.32 12.78 1.42
CA ASN A 3 7.20 12.85 -0.03
C ASN A 3 6.37 11.69 -0.57
N LEU A 4 5.49 11.15 0.28
CA LEU A 4 4.65 10.04 -0.12
C LEU A 4 3.44 10.51 -0.92
N GLU A 5 2.90 11.64 -0.51
CA GLU A 5 1.73 12.23 -1.16
C GLU A 5 2.02 12.61 -2.61
N THR A 6 3.30 12.63 -2.96
CA THR A 6 3.71 12.99 -4.31
C THR A 6 3.76 11.77 -5.22
N TYR A 7 3.57 10.58 -4.64
CA TYR A 7 3.60 9.35 -5.41
C TYR A 7 2.25 9.08 -6.05
N GLU A 8 2.22 8.10 -6.95
CA GLU A 8 1.01 7.73 -7.66
C GLU A 8 0.10 6.86 -6.80
N TRP A 9 0.18 7.00 -5.48
CA TRP A 9 -0.63 6.17 -4.62
C TRP A 9 -0.91 6.78 -3.24
N TYR A 10 -0.30 7.92 -2.91
CA TYR A 10 -0.56 8.50 -1.61
C TYR A 10 -1.68 9.53 -1.69
N ASN A 11 -2.78 9.23 -1.03
CA ASN A 11 -3.94 10.10 -1.02
C ASN A 11 -4.08 10.80 0.33
N LYS A 12 -4.36 12.10 0.31
CA LYS A 12 -4.50 12.87 1.53
C LYS A 12 -5.94 12.91 2.03
N SER A 13 -6.12 12.58 3.31
CA SER A 13 -7.44 12.57 3.93
C SER A 13 -8.27 11.39 3.46
N ILE A 14 -7.82 10.73 2.41
CA ILE A 14 -8.52 9.58 1.86
C ILE A 14 -8.09 8.29 2.54
N SER A 15 -8.90 7.81 3.47
CA SER A 15 -8.61 6.58 4.19
C SER A 15 -8.75 5.37 3.26
N ARG A 16 -8.73 4.17 3.84
CA ARG A 16 -8.85 2.95 3.07
C ARG A 16 -10.15 2.93 2.28
N ASP A 17 -11.22 3.43 2.89
CA ASP A 17 -12.52 3.46 2.21
C ASP A 17 -12.39 4.24 0.92
N LYS A 18 -11.62 5.33 0.99
CA LYS A 18 -11.39 6.14 -0.19
C LYS A 18 -10.60 5.30 -1.17
N ALA A 19 -9.50 4.75 -0.68
CA ALA A 19 -8.69 3.86 -1.49
C ALA A 19 -9.60 2.80 -2.07
N GLU A 20 -10.54 2.36 -1.24
CA GLU A 20 -11.52 1.36 -1.68
C GLU A 20 -12.34 1.95 -2.81
N LYS A 21 -12.85 3.16 -2.59
CA LYS A 21 -13.63 3.83 -3.62
C LYS A 21 -12.82 3.94 -4.89
N LEU A 22 -11.60 4.45 -4.74
CA LEU A 22 -10.70 4.61 -5.88
C LEU A 22 -10.25 3.24 -6.40
N LEU A 23 -10.01 2.31 -5.48
CA LEU A 23 -9.57 0.98 -5.84
C LEU A 23 -10.66 0.21 -6.56
N LEU A 24 -11.85 0.17 -5.96
CA LEU A 24 -12.98 -0.52 -6.55
C LEU A 24 -13.31 0.06 -7.91
N ASP A 25 -13.28 1.38 -7.98
CA ASP A 25 -13.56 2.10 -9.21
C ASP A 25 -12.49 1.82 -10.26
N THR A 26 -11.26 1.66 -9.80
CA THR A 26 -10.13 1.38 -10.69
C THR A 26 -10.24 0.00 -11.30
N GLY A 27 -10.49 -0.99 -10.46
CA GLY A 27 -10.62 -2.35 -10.93
C GLY A 27 -9.36 -2.85 -11.61
N LYS A 28 -8.23 -2.22 -11.30
CA LYS A 28 -6.95 -2.61 -11.88
C LYS A 28 -6.16 -3.49 -10.92
N GLU A 29 -5.65 -4.60 -11.42
CA GLU A 29 -4.86 -5.50 -10.58
C GLU A 29 -3.56 -4.80 -10.17
N GLY A 30 -3.34 -4.71 -8.87
CA GLY A 30 -2.13 -4.07 -8.39
C GLY A 30 -2.33 -2.59 -8.10
N ALA A 31 -3.58 -2.14 -8.00
CA ALA A 31 -3.81 -0.72 -7.72
C ALA A 31 -3.61 -0.42 -6.24
N PHE A 32 -2.66 0.43 -5.92
CA PHE A 32 -2.41 0.77 -4.51
C PHE A 32 -2.46 2.26 -4.24
N MET A 33 -2.60 2.57 -2.96
CA MET A 33 -2.62 3.95 -2.47
C MET A 33 -2.27 3.96 -0.99
N VAL A 34 -1.40 4.86 -0.57
CA VAL A 34 -1.00 4.92 0.83
C VAL A 34 -1.70 6.07 1.54
N ARG A 35 -2.13 5.83 2.77
CA ARG A 35 -2.83 6.84 3.53
C ARG A 35 -2.10 7.19 4.82
N ASP A 36 -2.37 8.40 5.30
CA ASP A 36 -1.78 8.90 6.54
C ASP A 36 -2.05 7.94 7.68
N SER A 37 -1.07 7.84 8.58
CA SER A 37 -1.15 6.94 9.72
C SER A 37 -2.43 7.13 10.55
N ARG A 38 -3.59 7.21 9.90
CA ARG A 38 -4.84 7.35 10.65
C ARG A 38 -4.64 6.69 11.98
N THR A 39 -3.88 5.60 11.93
CA THR A 39 -3.48 4.86 13.10
C THR A 39 -2.05 5.27 13.39
N PRO A 40 -1.88 6.54 13.80
CA PRO A 40 -0.59 7.15 14.08
C PRO A 40 0.50 6.16 14.43
N GLY A 41 1.55 6.21 13.62
CA GLY A 41 2.70 5.35 13.77
C GLY A 41 3.41 5.18 12.45
N THR A 42 2.67 4.68 11.45
CA THR A 42 3.21 4.47 10.12
C THR A 42 2.22 4.97 9.06
N TYR A 43 2.51 4.65 7.80
CA TYR A 43 1.65 5.03 6.68
C TYR A 43 0.88 3.82 6.18
N THR A 44 -0.37 4.02 5.76
CA THR A 44 -1.19 2.91 5.29
C THR A 44 -1.18 2.82 3.76
N VAL A 45 -1.22 1.60 3.25
CA VAL A 45 -1.21 1.38 1.81
C VAL A 45 -2.41 0.56 1.35
N SER A 46 -3.14 1.09 0.39
CA SER A 46 -4.30 0.41 -0.17
C SER A 46 -3.95 -0.15 -1.55
N VAL A 47 -3.90 -1.47 -1.66
CA VAL A 47 -3.58 -2.13 -2.92
C VAL A 47 -4.77 -2.89 -3.47
N PHE A 48 -4.88 -2.93 -4.80
CA PHE A 48 -6.00 -3.61 -5.44
C PHE A 48 -5.52 -4.60 -6.49
N THR A 49 -5.91 -5.87 -6.30
CA THR A 49 -5.54 -6.93 -7.22
C THR A 49 -6.78 -7.46 -7.96
N LYS A 50 -6.66 -7.64 -9.26
CA LYS A 50 -7.77 -8.12 -10.07
C LYS A 50 -7.59 -9.60 -10.43
N ALA A 51 -8.47 -10.45 -9.90
CA ALA A 51 -8.41 -11.87 -10.15
C ALA A 51 -9.43 -12.28 -11.21
N ILE A 52 -8.95 -12.73 -12.36
CA ILE A 52 -9.83 -13.16 -13.44
C ILE A 52 -10.46 -14.51 -13.14
N ILE A 53 -11.77 -14.62 -13.39
CA ILE A 53 -12.50 -15.85 -13.14
C ILE A 53 -13.26 -15.80 -11.83
N SER A 54 -13.59 -16.96 -11.28
CA SER A 54 -14.33 -17.05 -10.03
C SER A 54 -13.59 -16.32 -8.91
N GLU A 55 -12.27 -16.21 -9.05
CA GLU A 55 -11.45 -15.53 -8.04
C GLU A 55 -11.85 -14.07 -7.90
N ASN A 56 -12.59 -13.56 -8.89
CA ASN A 56 -13.05 -12.17 -8.87
C ASN A 56 -11.92 -11.23 -8.45
N PRO A 57 -12.15 -9.92 -8.54
CA PRO A 57 -11.15 -8.90 -8.17
C PRO A 57 -10.75 -9.00 -6.71
N CYS A 58 -9.45 -8.97 -6.46
CA CYS A 58 -8.93 -9.04 -5.10
C CYS A 58 -8.21 -7.75 -4.74
N ILE A 59 -8.76 -7.03 -3.77
CA ILE A 59 -8.17 -5.77 -3.33
C ILE A 59 -7.59 -5.90 -1.92
N LYS A 60 -6.41 -5.32 -1.70
CA LYS A 60 -5.78 -5.40 -0.39
C LYS A 60 -5.03 -4.12 -0.02
N HIS A 61 -5.17 -3.72 1.24
CA HIS A 61 -4.50 -2.54 1.76
C HIS A 61 -3.58 -2.92 2.91
N TYR A 62 -2.33 -2.48 2.86
CA TYR A 62 -1.38 -2.81 3.93
C TYR A 62 -0.83 -1.55 4.59
N HIS A 63 -0.70 -1.61 5.92
CA HIS A 63 -0.18 -0.50 6.69
C HIS A 63 1.32 -0.64 6.87
N ILE A 64 2.07 0.33 6.37
CA ILE A 64 3.52 0.31 6.47
C ILE A 64 3.96 0.20 7.92
N LYS A 65 5.01 -0.56 8.17
CA LYS A 65 5.53 -0.72 9.51
C LYS A 65 6.85 0.02 9.67
N GLU A 66 6.95 0.77 10.75
CA GLU A 66 8.15 1.58 11.02
C GLU A 66 9.21 0.78 11.78
N THR A 67 10.47 1.16 11.57
CA THR A 67 11.58 0.50 12.22
C THR A 67 12.84 1.37 12.12
N ASN A 68 13.90 0.98 12.82
CA ASN A 68 15.14 1.74 12.81
C ASN A 68 16.29 0.87 12.31
N ASP A 69 16.04 0.09 11.27
CA ASP A 69 17.06 -0.79 10.70
C ASP A 69 18.28 0.01 10.28
N SER A 70 18.72 -0.20 9.04
CA SER A 70 19.88 0.51 8.51
C SER A 70 19.83 0.66 7.00
N PRO A 71 19.04 1.62 6.47
CA PRO A 71 18.23 2.53 7.25
C PRO A 71 16.75 2.16 7.21
N LYS A 72 16.48 0.87 7.04
CA LYS A 72 15.09 0.39 6.96
C LYS A 72 14.23 1.03 8.04
N ARG A 73 13.31 1.91 7.60
CA ARG A 73 12.42 2.60 8.51
C ARG A 73 11.01 2.03 8.48
N TYR A 74 10.37 2.02 7.30
CA TYR A 74 9.03 1.48 7.19
C TYR A 74 9.03 0.16 6.44
N TYR A 75 8.02 -0.66 6.72
CA TYR A 75 7.89 -1.95 6.07
C TYR A 75 6.46 -2.46 6.10
N VAL A 76 6.02 -3.01 4.97
CA VAL A 76 4.70 -3.60 4.90
C VAL A 76 4.88 -5.09 4.69
N ALA A 77 5.66 -5.67 5.59
CA ALA A 77 6.00 -7.08 5.58
C ALA A 77 6.98 -7.37 6.71
N GLU A 78 7.12 -8.63 7.09
CA GLU A 78 8.02 -8.99 8.17
C GLU A 78 9.41 -9.36 7.67
N LYS A 79 10.06 -8.39 7.06
CA LYS A 79 11.41 -8.56 6.55
C LYS A 79 11.72 -7.47 5.51
N TYR A 80 10.67 -6.90 4.95
CA TYR A 80 10.82 -5.83 3.97
C TYR A 80 10.75 -4.48 4.66
N VAL A 81 11.86 -4.04 5.23
CA VAL A 81 11.90 -2.78 5.94
C VAL A 81 12.67 -1.74 5.13
N PHE A 82 12.04 -0.60 4.94
CA PHE A 82 12.65 0.47 4.17
C PHE A 82 12.22 1.84 4.72
N ASP A 83 13.14 2.80 4.70
CA ASP A 83 12.86 4.14 5.19
C ASP A 83 12.10 4.97 4.17
N SER A 84 11.45 4.30 3.24
CA SER A 84 10.68 4.96 2.19
C SER A 84 9.48 4.12 1.83
N ILE A 85 8.29 4.62 2.14
CA ILE A 85 7.09 3.89 1.81
C ILE A 85 7.05 3.62 0.32
N PRO A 86 7.44 4.63 -0.47
CA PRO A 86 7.49 4.50 -1.92
C PRO A 86 8.53 3.48 -2.35
N LEU A 87 9.73 3.58 -1.76
CA LEU A 87 10.77 2.62 -2.06
C LEU A 87 10.29 1.25 -1.63
N LEU A 88 9.76 1.20 -0.41
CA LEU A 88 9.20 -0.03 0.10
C LEU A 88 8.09 -0.44 -0.85
N ILE A 89 7.32 0.57 -1.29
CA ILE A 89 6.28 0.34 -2.26
C ILE A 89 6.93 -0.25 -3.50
N GLN A 90 8.06 0.34 -3.88
CA GLN A 90 8.82 -0.13 -5.03
C GLN A 90 9.26 -1.55 -4.77
N TYR A 91 9.69 -1.79 -3.53
CA TYR A 91 10.11 -3.12 -3.11
C TYR A 91 8.94 -4.08 -3.26
N HIS A 92 7.78 -3.64 -2.80
CA HIS A 92 6.57 -4.45 -2.91
C HIS A 92 5.95 -4.28 -4.29
N GLN A 93 6.81 -4.13 -5.30
CA GLN A 93 6.35 -3.97 -6.67
C GLN A 93 7.41 -4.44 -7.66
N TYR A 94 8.67 -4.21 -7.31
CA TYR A 94 9.78 -4.60 -8.16
C TYR A 94 10.53 -5.79 -7.56
N ASN A 95 10.44 -5.92 -6.24
CA ASN A 95 11.12 -7.01 -5.55
C ASN A 95 10.19 -8.21 -5.38
N GLY A 96 10.60 -9.15 -4.53
CA GLY A 96 9.79 -10.34 -4.30
C GLY A 96 8.43 -10.00 -3.71
N GLY A 97 8.43 -9.39 -2.53
CA GLY A 97 7.18 -9.03 -1.90
C GLY A 97 6.28 -10.22 -1.66
N GLY A 98 5.24 -10.03 -0.86
CA GLY A 98 4.32 -11.11 -0.57
C GLY A 98 2.87 -10.70 -0.76
N LEU A 99 2.52 -9.53 -0.24
CA LEU A 99 1.16 -9.00 -0.34
C LEU A 99 0.57 -9.28 -1.72
N VAL A 100 -0.67 -8.87 -1.92
CA VAL A 100 -1.35 -9.06 -3.20
C VAL A 100 -0.40 -8.73 -4.34
N THR A 101 0.15 -9.76 -4.97
CA THR A 101 1.09 -9.56 -6.06
C THR A 101 1.90 -8.29 -5.81
N ARG A 102 2.08 -8.00 -4.53
CA ARG A 102 2.82 -6.82 -4.12
C ARG A 102 2.44 -5.59 -4.94
N LEU A 103 2.74 -4.41 -4.42
CA LEU A 103 2.43 -3.17 -5.11
C LEU A 103 2.66 -3.34 -6.61
N ARG A 104 1.64 -3.07 -7.40
CA ARG A 104 1.73 -3.22 -8.83
C ARG A 104 1.41 -1.92 -9.55
N TYR A 105 0.22 -1.38 -9.28
CA TYR A 105 -0.22 -0.14 -9.92
C TYR A 105 -0.66 0.89 -8.90
N PRO A 106 -0.17 2.13 -9.04
CA PRO A 106 -0.51 3.23 -8.16
C PRO A 106 -1.72 4.00 -8.67
N VAL A 107 -2.86 3.79 -8.04
CA VAL A 107 -4.10 4.44 -8.45
C VAL A 107 -4.28 5.81 -7.79
N CYS A 108 -3.34 6.18 -6.92
CA CYS A 108 -3.43 7.47 -6.22
C CYS A 108 -4.75 8.17 -6.52
N GLY A 109 -5.84 7.60 -6.01
CA GLY A 109 -7.16 8.19 -6.24
C GLY A 109 -7.56 8.14 -7.70
N ALA B 2 -4.82 -4.84 14.41
CA ALA B 2 -5.61 -3.73 14.94
C ALA B 2 -5.02 -2.39 14.51
N ASP B 3 -3.70 -2.34 14.39
CA ASP B 3 -3.01 -1.12 13.98
C ASP B 3 -3.07 -0.94 12.47
N GLU B 5 -3.52 -4.38 9.86
CA GLU B 5 -3.19 -5.70 9.33
C GLU B 5 -1.72 -5.80 9.01
N PRO B 6 -0.90 -6.25 9.97
CA PRO B 6 0.53 -6.41 9.80
C PRO B 6 0.88 -7.23 8.56
N PRO B 7 1.44 -6.58 7.54
CA PRO B 7 1.83 -7.24 6.29
C PRO B 7 2.37 -8.64 6.52
N ASN A 2 7.92 12.20 4.47
CA ASN A 2 6.73 11.53 3.98
C ASN A 2 6.74 11.40 2.46
N ASN A 3 6.29 12.45 1.80
CA ASN A 3 6.24 12.47 0.34
C ASN A 3 5.39 11.33 -0.19
N LEU A 4 4.50 10.81 0.65
CA LEU A 4 3.62 9.71 0.26
C LEU A 4 2.46 10.23 -0.59
N GLU A 5 1.79 11.23 -0.05
CA GLU A 5 0.66 11.87 -0.71
C GLU A 5 1.06 12.40 -2.08
N THR A 6 2.36 12.47 -2.34
CA THR A 6 2.86 12.98 -3.61
C THR A 6 2.98 11.87 -4.65
N TYR A 7 2.90 10.62 -4.20
CA TYR A 7 3.01 9.49 -5.11
C TYR A 7 1.68 9.18 -5.76
N GLU A 8 1.71 8.26 -6.72
CA GLU A 8 0.51 7.86 -7.44
C GLU A 8 -0.34 6.91 -6.61
N TRP A 9 -0.20 6.97 -5.30
CA TRP A 9 -0.96 6.06 -4.47
C TRP A 9 -1.33 6.64 -3.10
N TYR A 10 -1.24 7.94 -2.90
CA TYR A 10 -1.61 8.50 -1.63
C TYR A 10 -2.97 9.18 -1.71
N ASN A 11 -3.74 9.03 -0.65
CA ASN A 11 -5.07 9.60 -0.58
C ASN A 11 -5.16 10.60 0.57
N LYS A 12 -5.44 11.86 0.22
CA LYS A 12 -5.52 12.94 1.19
C LYS A 12 -6.35 12.57 2.42
N SER A 13 -5.66 12.05 3.42
CA SER A 13 -6.31 11.65 4.68
C SER A 13 -7.72 11.17 4.44
N ILE A 14 -7.97 10.72 3.23
CA ILE A 14 -9.29 10.23 2.85
C ILE A 14 -9.68 9.01 3.68
N SER A 15 -9.05 7.88 3.40
CA SER A 15 -9.33 6.64 4.13
C SER A 15 -9.28 5.45 3.18
N ARG A 16 -9.03 4.27 3.73
CA ARG A 16 -8.96 3.07 2.92
C ARG A 16 -10.26 2.88 2.16
N ASP A 17 -11.36 3.34 2.73
CA ASP A 17 -12.66 3.22 2.08
C ASP A 17 -12.69 4.09 0.83
N LYS A 18 -12.12 5.28 0.96
CA LYS A 18 -12.02 6.21 -0.15
C LYS A 18 -10.97 5.71 -1.10
N ALA A 19 -9.80 5.44 -0.53
CA ALA A 19 -8.69 4.89 -1.29
C ALA A 19 -9.16 3.59 -1.93
N GLU A 20 -9.82 2.76 -1.14
CA GLU A 20 -10.36 1.51 -1.63
C GLU A 20 -11.41 1.80 -2.69
N LYS A 21 -12.31 2.72 -2.37
CA LYS A 21 -13.35 3.13 -3.30
C LYS A 21 -12.70 3.54 -4.60
N LEU A 22 -11.70 4.39 -4.49
CA LEU A 22 -10.94 4.84 -5.64
C LEU A 22 -10.12 3.67 -6.18
N LEU A 23 -9.62 2.86 -5.25
CA LEU A 23 -8.80 1.70 -5.61
C LEU A 23 -9.56 0.74 -6.51
N LEU A 24 -10.75 0.35 -6.09
CA LEU A 24 -11.55 -0.58 -6.88
C LEU A 24 -12.06 0.10 -8.15
N ASP A 25 -12.29 1.39 -8.07
CA ASP A 25 -12.77 2.15 -9.22
C ASP A 25 -11.87 1.90 -10.41
N THR A 26 -10.58 1.74 -10.14
CA THR A 26 -9.60 1.48 -11.18
C THR A 26 -9.77 0.09 -11.75
N GLY A 27 -9.89 -0.90 -10.88
CA GLY A 27 -10.06 -2.27 -11.31
C GLY A 27 -8.78 -2.88 -11.86
N LYS A 28 -7.65 -2.28 -11.51
CA LYS A 28 -6.36 -2.78 -11.96
C LYS A 28 -5.69 -3.63 -10.89
N GLU A 29 -5.38 -4.87 -11.23
CA GLU A 29 -4.73 -5.75 -10.27
C GLU A 29 -3.46 -5.07 -9.78
N GLY A 30 -3.34 -4.91 -8.47
CA GLY A 30 -2.17 -4.27 -7.94
C GLY A 30 -2.36 -2.77 -7.75
N ALA A 31 -3.60 -2.29 -7.85
CA ALA A 31 -3.83 -0.85 -7.68
C ALA A 31 -3.70 -0.49 -6.20
N PHE A 32 -2.72 0.36 -5.87
CA PHE A 32 -2.52 0.72 -4.47
C PHE A 32 -2.52 2.21 -4.19
N MET A 33 -2.65 2.49 -2.90
CA MET A 33 -2.64 3.86 -2.38
C MET A 33 -2.29 3.82 -0.89
N VAL A 34 -1.41 4.70 -0.44
CA VAL A 34 -1.02 4.73 0.96
C VAL A 34 -1.50 6.00 1.63
N ARG A 35 -2.14 5.83 2.79
CA ARG A 35 -2.63 6.95 3.53
C ARG A 35 -2.08 6.95 4.94
N ASP A 36 -1.79 8.14 5.47
CA ASP A 36 -1.28 8.26 6.83
C ASP A 36 -2.40 8.00 7.83
N SER A 37 -2.33 6.85 8.50
CA SER A 37 -3.35 6.47 9.47
C SER A 37 -3.05 7.08 10.85
N ARG A 38 -4.10 7.35 11.61
CA ARG A 38 -3.96 7.91 12.94
C ARG A 38 -3.82 6.81 13.99
N THR A 39 -4.89 6.05 14.19
CA THR A 39 -4.87 4.96 15.16
C THR A 39 -3.49 4.29 15.18
N PRO A 40 -2.97 3.94 13.99
CA PRO A 40 -1.66 3.31 13.87
C PRO A 40 -0.53 4.31 14.07
N GLY A 41 0.63 3.99 13.48
CA GLY A 41 1.77 4.88 13.62
C GLY A 41 2.23 5.46 12.29
N THR A 42 2.49 4.57 11.33
CA THR A 42 2.95 4.99 10.02
C THR A 42 1.78 5.20 9.04
N TYR A 43 2.04 4.95 7.76
CA TYR A 43 1.03 5.11 6.71
C TYR A 43 0.53 3.76 6.23
N THR A 44 -0.76 3.69 5.92
CA THR A 44 -1.36 2.46 5.44
C THR A 44 -1.48 2.45 3.92
N VAL A 45 -1.17 1.32 3.30
CA VAL A 45 -1.24 1.20 1.85
C VAL A 45 -2.41 0.33 1.41
N SER A 46 -3.20 0.86 0.49
CA SER A 46 -4.34 0.13 -0.04
C SER A 46 -4.04 -0.29 -1.48
N VAL A 47 -3.98 -1.60 -1.71
CA VAL A 47 -3.70 -2.13 -3.03
C VAL A 47 -4.88 -2.96 -3.54
N PHE A 48 -5.04 -2.99 -4.87
CA PHE A 48 -6.17 -3.69 -5.48
C PHE A 48 -5.69 -4.69 -6.52
N THR A 49 -6.08 -5.95 -6.32
CA THR A 49 -5.73 -7.03 -7.23
C THR A 49 -6.96 -7.52 -7.98
N LYS A 50 -6.79 -7.81 -9.27
CA LYS A 50 -7.88 -8.30 -10.10
C LYS A 50 -8.24 -9.74 -9.74
N ALA A 51 -9.51 -10.09 -9.91
CA ALA A 51 -9.97 -11.44 -9.62
C ALA A 51 -10.22 -12.23 -10.90
N ILE A 52 -10.07 -13.55 -10.80
CA ILE A 52 -10.27 -14.42 -11.94
C ILE A 52 -11.57 -14.10 -12.67
N ILE A 53 -12.69 -14.14 -11.94
CA ILE A 53 -13.99 -13.85 -12.52
C ILE A 53 -15.07 -13.82 -11.45
N SER A 54 -15.79 -14.93 -11.33
CA SER A 54 -16.86 -15.05 -10.34
C SER A 54 -16.36 -14.64 -8.95
N GLU A 55 -15.08 -14.89 -8.69
CA GLU A 55 -14.49 -14.55 -7.41
C GLU A 55 -14.52 -13.04 -7.17
N ASN A 56 -14.73 -12.29 -8.24
CA ASN A 56 -14.79 -10.83 -8.16
C ASN A 56 -13.43 -10.27 -7.77
N PRO A 57 -13.06 -9.10 -8.33
CA PRO A 57 -11.78 -8.45 -8.04
C PRO A 57 -11.43 -8.49 -6.56
N CYS A 58 -10.15 -8.65 -6.26
CA CYS A 58 -9.68 -8.70 -4.88
C CYS A 58 -8.77 -7.52 -4.57
N ILE A 59 -9.23 -6.65 -3.68
CA ILE A 59 -8.46 -5.48 -3.28
C ILE A 59 -7.97 -5.62 -1.83
N LYS A 60 -6.73 -5.24 -1.58
CA LYS A 60 -6.17 -5.36 -0.23
C LYS A 60 -5.22 -4.21 0.12
N HIS A 61 -5.21 -3.85 1.40
CA HIS A 61 -4.35 -2.78 1.91
C HIS A 61 -3.39 -3.31 2.97
N TYR A 62 -2.26 -2.64 3.15
CA TYR A 62 -1.28 -3.03 4.15
C TYR A 62 -0.76 -1.81 4.90
N HIS A 63 -0.71 -1.91 6.22
CA HIS A 63 -0.23 -0.82 7.05
C HIS A 63 1.29 -0.84 7.15
N ILE A 64 1.93 0.20 6.61
CA ILE A 64 3.37 0.30 6.64
C ILE A 64 3.88 0.43 8.07
N LYS A 65 4.81 -0.44 8.46
CA LYS A 65 5.37 -0.43 9.81
C LYS A 65 6.66 0.37 9.84
N GLU A 66 6.88 1.08 10.95
CA GLU A 66 8.08 1.90 11.11
C GLU A 66 9.17 1.15 11.87
N THR A 67 10.43 1.47 11.56
CA THR A 67 11.56 0.82 12.21
C THR A 67 12.72 1.79 12.37
N ASN A 68 13.81 1.33 12.98
CA ASN A 68 14.98 2.16 13.20
C ASN A 68 16.24 1.58 12.56
N ASP A 69 16.11 1.07 11.34
CA ASP A 69 17.25 0.49 10.64
C ASP A 69 17.49 1.20 9.31
N SER A 70 18.76 1.46 8.99
CA SER A 70 19.11 2.13 7.76
C SER A 70 19.16 1.16 6.57
N PRO A 71 18.26 1.30 5.60
CA PRO A 71 17.23 2.33 5.60
C PRO A 71 15.92 1.82 6.15
N LYS A 72 15.96 0.59 6.67
CA LYS A 72 14.77 -0.04 7.23
C LYS A 72 14.00 0.91 8.12
N ARG A 73 13.14 1.72 7.50
CA ARG A 73 12.33 2.68 8.23
C ARG A 73 10.89 2.19 8.32
N TYR A 74 10.21 2.11 7.17
CA TYR A 74 8.83 1.62 7.13
C TYR A 74 8.78 0.25 6.48
N TYR A 75 7.79 -0.54 6.86
CA TYR A 75 7.64 -1.88 6.29
C TYR A 75 6.23 -2.42 6.40
N VAL A 76 5.78 -3.05 5.33
CA VAL A 76 4.48 -3.70 5.32
C VAL A 76 4.74 -5.18 5.14
N ALA A 77 5.60 -5.68 6.02
CA ALA A 77 6.04 -7.07 6.03
C ALA A 77 7.07 -7.24 7.13
N GLU A 78 7.31 -8.47 7.55
CA GLU A 78 8.26 -8.71 8.62
C GLU A 78 9.59 -9.22 8.11
N LYS A 79 10.31 -8.31 7.51
CA LYS A 79 11.63 -8.59 6.97
C LYS A 79 12.00 -7.58 5.89
N TYR A 80 11.01 -6.80 5.46
CA TYR A 80 11.24 -5.80 4.44
C TYR A 80 10.80 -4.41 4.93
N VAL A 81 11.76 -3.65 5.44
CA VAL A 81 11.49 -2.32 5.94
C VAL A 81 12.34 -1.28 5.19
N PHE A 82 11.71 -0.16 4.88
CA PHE A 82 12.40 0.90 4.15
C PHE A 82 11.90 2.29 4.58
N ASP A 83 12.80 3.28 4.51
CA ASP A 83 12.47 4.65 4.88
C ASP A 83 11.76 5.36 3.74
N SER A 84 11.09 4.57 2.91
CA SER A 84 10.38 5.12 1.77
C SER A 84 9.25 4.19 1.37
N ILE A 85 8.02 4.57 1.72
CA ILE A 85 6.87 3.76 1.37
C ILE A 85 6.83 3.60 -0.15
N PRO A 86 7.26 4.66 -0.87
CA PRO A 86 7.32 4.64 -2.33
C PRO A 86 8.35 3.63 -2.80
N LEU A 87 9.53 3.67 -2.17
CA LEU A 87 10.59 2.73 -2.49
C LEU A 87 10.13 1.36 -2.06
N LEU A 88 9.64 1.31 -0.84
CA LEU A 88 9.11 0.08 -0.31
C LEU A 88 7.96 -0.32 -1.19
N ILE A 89 7.20 0.68 -1.63
CA ILE A 89 6.11 0.45 -2.57
C ILE A 89 6.73 -0.15 -3.82
N GLN A 90 7.82 0.48 -4.26
CA GLN A 90 8.57 0.00 -5.41
C GLN A 90 9.11 -1.39 -5.10
N TYR A 91 9.46 -1.60 -3.84
CA TYR A 91 9.97 -2.87 -3.39
C TYR A 91 8.87 -3.92 -3.45
N HIS A 92 7.69 -3.52 -3.03
CA HIS A 92 6.53 -4.41 -3.05
C HIS A 92 6.07 -4.67 -4.48
N GLN A 93 6.83 -4.15 -5.44
CA GLN A 93 6.51 -4.34 -6.84
C GLN A 93 7.71 -4.89 -7.61
N TYR A 94 8.89 -4.43 -7.22
CA TYR A 94 10.13 -4.85 -7.85
C TYR A 94 10.67 -6.11 -7.17
N ASN A 95 10.32 -6.28 -5.90
CA ASN A 95 10.78 -7.44 -5.14
C ASN A 95 9.71 -8.51 -5.08
N GLY A 96 9.84 -9.43 -4.12
CA GLY A 96 8.88 -10.50 -3.97
C GLY A 96 8.35 -10.61 -2.56
N GLY A 97 7.54 -9.64 -2.15
CA GLY A 97 6.99 -9.66 -0.81
C GLY A 97 5.79 -10.59 -0.68
N GLY A 98 4.79 -10.16 0.08
CA GLY A 98 3.60 -10.97 0.28
C GLY A 98 2.32 -10.23 -0.12
N LEU A 99 2.32 -8.93 0.06
CA LEU A 99 1.17 -8.10 -0.28
C LEU A 99 0.48 -8.62 -1.54
N VAL A 100 -0.83 -8.38 -1.66
CA VAL A 100 -1.57 -8.82 -2.83
C VAL A 100 -0.73 -8.63 -4.08
N THR A 101 -0.22 -9.74 -4.62
CA THR A 101 0.62 -9.67 -5.80
C THR A 101 1.58 -8.50 -5.67
N ARG A 102 1.94 -8.20 -4.43
CA ARG A 102 2.84 -7.10 -4.14
C ARG A 102 2.41 -5.82 -4.88
N LEU A 103 2.95 -4.69 -4.44
CA LEU A 103 2.63 -3.41 -5.07
C LEU A 103 2.74 -3.55 -6.59
N ARG A 104 1.67 -3.21 -7.29
CA ARG A 104 1.65 -3.32 -8.74
C ARG A 104 1.33 -1.99 -9.40
N TYR A 105 0.08 -1.56 -9.26
CA TYR A 105 -0.37 -0.30 -9.85
C TYR A 105 -0.84 0.67 -8.77
N PRO A 106 -0.50 1.95 -8.92
CA PRO A 106 -0.88 2.99 -7.98
C PRO A 106 -2.14 3.73 -8.41
N VAL A 107 -3.29 3.26 -7.91
CA VAL A 107 -4.56 3.88 -8.24
C VAL A 107 -4.86 5.05 -7.30
N CYS A 108 -3.90 5.95 -7.17
CA CYS A 108 -4.07 7.12 -6.30
C CYS A 108 -5.23 7.99 -6.79
N GLY A 109 -6.30 8.04 -6.00
CA GLY A 109 -7.46 8.83 -6.36
C GLY A 109 -7.75 9.93 -5.35
N ALA B 2 -4.13 -5.55 13.65
CA ALA B 2 -5.54 -5.70 13.94
C ALA B 2 -6.33 -4.48 13.50
N ASP B 3 -5.84 -3.30 13.86
CA ASP B 3 -6.50 -2.05 13.52
C ASP B 3 -6.56 -1.88 12.00
N GLU B 5 -4.67 -3.52 8.03
CA GLU B 5 -4.42 -4.76 7.31
C GLU B 5 -2.97 -4.83 6.85
N PRO B 6 -2.01 -4.50 7.74
CA PRO B 6 -0.58 -4.52 7.42
C PRO B 6 -0.09 -5.93 7.09
N PRO B 7 1.23 -6.13 7.09
CA PRO B 7 1.84 -7.42 6.79
C PRO B 7 1.53 -8.47 7.86
N ASN A 2 6.26 14.80 3.25
CA ASN A 2 6.94 13.67 3.87
C ASN A 2 7.61 12.81 2.81
N ASN A 3 7.06 12.84 1.60
CA ASN A 3 7.60 12.08 0.48
C ASN A 3 6.62 10.97 0.09
N LEU A 4 5.78 10.56 1.02
CA LEU A 4 4.81 9.51 0.78
C LEU A 4 3.62 10.04 -0.02
N GLU A 5 3.16 11.22 0.37
CA GLU A 5 2.02 11.85 -0.27
C GLU A 5 2.36 12.36 -1.68
N THR A 6 3.65 12.43 -1.98
CA THR A 6 4.09 12.92 -3.28
C THR A 6 4.10 11.82 -4.34
N TYR A 7 3.91 10.58 -3.91
CA TYR A 7 3.91 9.47 -4.85
C TYR A 7 2.54 9.28 -5.48
N GLU A 8 2.48 8.33 -6.41
CA GLU A 8 1.25 8.05 -7.14
C GLU A 8 0.32 7.14 -6.34
N TRP A 9 0.38 7.22 -5.02
CA TRP A 9 -0.47 6.35 -4.21
C TRP A 9 -0.84 6.95 -2.86
N TYR A 10 -0.17 8.01 -2.43
CA TYR A 10 -0.50 8.61 -1.15
C TYR A 10 -1.42 9.79 -1.31
N ASN A 11 -2.60 9.67 -0.71
CA ASN A 11 -3.60 10.72 -0.77
C ASN A 11 -3.65 11.49 0.55
N LYS A 12 -3.72 12.80 0.45
CA LYS A 12 -3.75 13.68 1.62
C LYS A 12 -4.94 13.42 2.54
N SER A 13 -4.69 12.69 3.62
CA SER A 13 -5.73 12.40 4.60
C SER A 13 -6.99 11.87 3.94
N ILE A 14 -6.81 10.97 3.00
CA ILE A 14 -7.93 10.39 2.28
C ILE A 14 -8.62 9.31 3.11
N SER A 15 -8.09 8.10 3.06
CA SER A 15 -8.66 6.97 3.81
C SER A 15 -8.76 5.74 2.92
N ARG A 16 -8.58 4.57 3.52
CA ARG A 16 -8.65 3.32 2.77
C ARG A 16 -10.01 3.19 2.08
N ASP A 17 -11.01 3.86 2.64
CA ASP A 17 -12.36 3.82 2.06
C ASP A 17 -12.34 4.50 0.70
N LYS A 18 -11.61 5.60 0.63
CA LYS A 18 -11.46 6.34 -0.62
C LYS A 18 -10.64 5.51 -1.58
N ALA A 19 -9.51 5.07 -1.07
CA ALA A 19 -8.61 4.22 -1.83
C ALA A 19 -9.35 2.99 -2.30
N GLU A 20 -10.06 2.34 -1.36
CA GLU A 20 -10.84 1.17 -1.69
C GLU A 20 -11.94 1.55 -2.66
N LYS A 21 -12.67 2.61 -2.32
CA LYS A 21 -13.74 3.12 -3.17
C LYS A 21 -13.19 3.37 -4.56
N LEU A 22 -12.07 4.08 -4.62
CA LEU A 22 -11.41 4.38 -5.88
C LEU A 22 -10.82 3.11 -6.49
N LEU A 23 -10.27 2.25 -5.62
CA LEU A 23 -9.65 1.01 -6.05
C LEU A 23 -10.65 0.03 -6.65
N LEU A 24 -11.72 -0.24 -5.92
CA LEU A 24 -12.73 -1.18 -6.41
C LEU A 24 -13.51 -0.55 -7.56
N ASP A 25 -13.67 0.77 -7.51
CA ASP A 25 -14.37 1.49 -8.55
C ASP A 25 -13.56 1.46 -9.84
N THR A 26 -12.27 1.70 -9.70
CA THR A 26 -11.35 1.69 -10.83
C THR A 26 -11.08 0.26 -11.29
N GLY A 27 -10.79 -0.61 -10.34
CA GLY A 27 -10.52 -1.99 -10.66
C GLY A 27 -9.24 -2.18 -11.44
N LYS A 28 -8.13 -1.68 -10.90
CA LYS A 28 -6.83 -1.80 -11.55
C LYS A 28 -5.94 -2.78 -10.81
N GLU A 29 -5.74 -3.96 -11.39
CA GLU A 29 -4.88 -4.94 -10.74
C GLU A 29 -3.59 -4.26 -10.31
N GLY A 30 -3.27 -4.35 -9.03
CA GLY A 30 -2.06 -3.72 -8.54
C GLY A 30 -2.26 -2.25 -8.26
N ALA A 31 -3.51 -1.79 -8.25
CA ALA A 31 -3.76 -0.37 -7.98
C ALA A 31 -3.69 -0.10 -6.50
N PHE A 32 -2.72 0.73 -6.08
CA PHE A 32 -2.57 1.04 -4.67
C PHE A 32 -2.59 2.53 -4.34
N MET A 33 -2.76 2.79 -3.05
CA MET A 33 -2.77 4.14 -2.51
C MET A 33 -2.46 4.05 -1.01
N VAL A 34 -1.71 5.01 -0.48
CA VAL A 34 -1.34 4.97 0.92
C VAL A 34 -2.03 6.08 1.72
N ARG A 35 -2.48 5.73 2.92
CA ARG A 35 -3.15 6.69 3.77
C ARG A 35 -2.39 6.90 5.07
N ASP A 36 -2.48 8.12 5.61
CA ASP A 36 -1.81 8.45 6.86
C ASP A 36 -2.47 7.73 8.03
N SER A 37 -1.66 7.10 8.87
CA SER A 37 -2.18 6.37 10.02
C SER A 37 -2.74 7.32 11.07
N ARG A 38 -4.00 7.69 10.92
CA ARG A 38 -4.66 8.59 11.87
C ARG A 38 -4.86 7.87 13.20
N THR A 39 -4.37 6.64 13.26
CA THR A 39 -4.48 5.81 14.46
C THR A 39 -3.35 4.79 14.50
N PRO A 40 -3.14 4.05 13.39
CA PRO A 40 -2.09 3.03 13.30
C PRO A 40 -0.71 3.59 13.61
N GLY A 41 0.30 3.03 12.96
CA GLY A 41 1.67 3.45 13.17
C GLY A 41 2.04 4.69 12.36
N THR A 42 2.13 4.53 11.04
CA THR A 42 2.50 5.64 10.17
C THR A 42 1.59 5.74 8.95
N TYR A 43 2.07 5.25 7.81
CA TYR A 43 1.32 5.30 6.57
C TYR A 43 0.80 3.92 6.18
N THR A 44 -0.40 3.87 5.62
CA THR A 44 -1.00 2.60 5.21
C THR A 44 -1.20 2.56 3.70
N VAL A 45 -0.72 1.49 3.07
CA VAL A 45 -0.85 1.34 1.62
C VAL A 45 -2.08 0.52 1.25
N SER A 46 -2.79 0.97 0.23
CA SER A 46 -3.98 0.28 -0.26
C SER A 46 -3.78 -0.13 -1.71
N VAL A 47 -3.68 -1.43 -1.96
CA VAL A 47 -3.47 -1.93 -3.32
C VAL A 47 -4.66 -2.75 -3.81
N PHE A 48 -4.92 -2.69 -5.11
CA PHE A 48 -6.04 -3.42 -5.70
C PHE A 48 -5.59 -4.30 -6.86
N THR A 49 -5.98 -5.57 -6.78
CA THR A 49 -5.66 -6.56 -7.81
C THR A 49 -6.92 -6.97 -8.57
N LYS A 50 -6.79 -7.12 -9.88
CA LYS A 50 -7.91 -7.51 -10.73
C LYS A 50 -8.05 -9.03 -10.81
N ALA A 51 -9.29 -9.50 -10.73
CA ALA A 51 -9.57 -10.93 -10.78
C ALA A 51 -10.07 -11.32 -12.17
N ILE A 52 -9.84 -12.58 -12.54
CA ILE A 52 -10.26 -13.08 -13.84
C ILE A 52 -11.63 -12.53 -14.22
N ILE A 53 -12.60 -12.70 -13.32
CA ILE A 53 -13.95 -12.21 -13.57
C ILE A 53 -14.98 -13.04 -12.80
N SER A 54 -14.65 -14.29 -12.56
CA SER A 54 -15.55 -15.20 -11.83
C SER A 54 -15.32 -15.08 -10.33
N GLU A 55 -14.06 -15.02 -9.93
CA GLU A 55 -13.71 -14.91 -8.52
C GLU A 55 -13.90 -13.48 -8.02
N ASN A 56 -13.71 -12.51 -8.90
CA ASN A 56 -13.87 -11.11 -8.55
C ASN A 56 -12.53 -10.49 -8.15
N PRO A 57 -12.26 -9.25 -8.61
CA PRO A 57 -11.01 -8.55 -8.30
C PRO A 57 -10.65 -8.62 -6.82
N CYS A 58 -9.36 -8.67 -6.53
CA CYS A 58 -8.88 -8.73 -5.16
C CYS A 58 -8.09 -7.49 -4.79
N ILE A 59 -8.62 -6.71 -3.86
CA ILE A 59 -7.97 -5.49 -3.40
C ILE A 59 -7.47 -5.66 -1.97
N LYS A 60 -6.25 -5.19 -1.70
CA LYS A 60 -5.67 -5.31 -0.38
C LYS A 60 -4.84 -4.09 0.01
N HIS A 61 -4.96 -3.67 1.26
CA HIS A 61 -4.22 -2.54 1.78
C HIS A 61 -3.32 -2.97 2.94
N TYR A 62 -2.09 -2.47 2.96
CA TYR A 62 -1.15 -2.80 4.03
C TYR A 62 -0.55 -1.54 4.63
N HIS A 63 -0.61 -1.44 5.95
CA HIS A 63 -0.07 -0.30 6.66
C HIS A 63 1.45 -0.39 6.75
N ILE A 64 2.14 0.53 6.08
CA ILE A 64 3.60 0.52 6.11
C ILE A 64 4.07 0.66 7.54
N LYS A 65 4.74 -0.38 8.03
CA LYS A 65 5.22 -0.39 9.40
C LYS A 65 6.57 0.29 9.52
N GLU A 66 6.60 1.34 10.32
CA GLU A 66 7.83 2.09 10.55
C GLU A 66 8.31 1.82 11.97
N THR A 67 9.62 1.84 12.17
CA THR A 67 10.16 1.60 13.49
C THR A 67 11.32 2.55 13.81
N ASN A 68 12.42 2.01 14.33
CA ASN A 68 13.59 2.82 14.66
C ASN A 68 14.80 2.34 13.87
N ASP A 69 14.59 2.10 12.59
CA ASP A 69 15.65 1.62 11.70
C ASP A 69 16.92 2.44 11.86
N SER A 70 17.34 3.13 10.81
CA SER A 70 18.56 3.93 10.87
C SER A 70 18.64 4.96 9.74
N PRO A 71 17.52 5.58 9.35
CA PRO A 71 16.21 5.35 9.92
C PRO A 71 15.32 4.52 8.99
N LYS A 72 15.88 4.07 7.88
CA LYS A 72 15.13 3.29 6.88
C LYS A 72 14.30 2.20 7.54
N ARG A 73 13.32 2.64 8.33
CA ARG A 73 12.48 1.70 9.05
C ARG A 73 11.05 1.54 8.51
N TYR A 74 10.90 1.22 7.25
CA TYR A 74 9.56 1.03 6.70
C TYR A 74 9.35 -0.40 6.29
N TYR A 75 8.28 -0.98 6.81
CA TYR A 75 8.01 -2.36 6.50
C TYR A 75 6.53 -2.69 6.51
N VAL A 76 6.14 -3.47 5.50
CA VAL A 76 4.78 -3.96 5.40
C VAL A 76 4.89 -5.46 5.34
N ALA A 77 5.65 -5.96 6.32
CA ALA A 77 5.93 -7.37 6.49
C ALA A 77 6.92 -7.51 7.64
N GLU A 78 7.04 -8.70 8.21
CA GLU A 78 7.97 -8.89 9.31
C GLU A 78 9.36 -9.30 8.82
N LYS A 79 9.98 -8.40 8.06
CA LYS A 79 11.31 -8.62 7.54
C LYS A 79 11.62 -7.64 6.40
N TYR A 80 10.56 -7.03 5.87
CA TYR A 80 10.71 -6.05 4.79
C TYR A 80 10.68 -4.64 5.36
N VAL A 81 11.85 -4.09 5.68
CA VAL A 81 11.91 -2.74 6.23
C VAL A 81 12.77 -1.84 5.35
N PHE A 82 12.30 -0.61 5.15
CA PHE A 82 13.02 0.34 4.30
C PHE A 82 12.83 1.79 4.78
N ASP A 83 13.74 2.67 4.35
CA ASP A 83 13.70 4.08 4.71
C ASP A 83 12.72 4.86 3.87
N SER A 84 12.07 4.19 2.93
CA SER A 84 11.12 4.84 2.05
C SER A 84 9.90 3.97 1.82
N ILE A 85 8.74 4.46 2.20
CA ILE A 85 7.52 3.72 1.99
C ILE A 85 7.37 3.44 0.50
N PRO A 86 7.78 4.42 -0.32
CA PRO A 86 7.74 4.31 -1.78
C PRO A 86 8.70 3.24 -2.27
N LEU A 87 9.93 3.27 -1.73
CA LEU A 87 10.91 2.27 -2.09
C LEU A 87 10.42 0.94 -1.57
N LEU A 88 9.88 0.97 -0.36
CA LEU A 88 9.29 -0.22 0.23
C LEU A 88 8.19 -0.66 -0.72
N ILE A 89 7.42 0.33 -1.19
CA ILE A 89 6.37 0.06 -2.15
C ILE A 89 7.02 -0.57 -3.38
N GLN A 90 8.10 0.05 -3.84
CA GLN A 90 8.84 -0.46 -4.98
C GLN A 90 9.36 -1.85 -4.67
N TYR A 91 9.79 -2.03 -3.42
CA TYR A 91 10.28 -3.31 -2.97
C TYR A 91 9.16 -4.32 -3.04
N HIS A 92 8.00 -3.91 -2.58
CA HIS A 92 6.81 -4.77 -2.61
C HIS A 92 6.09 -4.60 -3.94
N GLN A 93 6.72 -3.89 -4.87
CA GLN A 93 6.12 -3.66 -6.18
C GLN A 93 6.89 -4.40 -7.27
N TYR A 94 8.20 -4.52 -7.09
CA TYR A 94 9.04 -5.20 -8.07
C TYR A 94 10.30 -5.77 -7.43
N ASN A 95 10.21 -6.13 -6.15
CA ASN A 95 11.34 -6.69 -5.43
C ASN A 95 10.93 -7.92 -4.64
N GLY A 96 10.07 -8.74 -5.23
CA GLY A 96 9.60 -9.95 -4.57
C GLY A 96 8.41 -9.69 -3.66
N GLY A 97 8.53 -8.69 -2.79
CA GLY A 97 7.46 -8.37 -1.88
C GLY A 97 6.62 -9.58 -1.52
N GLY A 98 5.39 -9.33 -1.08
CA GLY A 98 4.50 -10.40 -0.70
C GLY A 98 3.05 -10.01 -0.76
N LEU A 99 2.73 -8.82 -0.23
CA LEU A 99 1.37 -8.32 -0.23
C LEU A 99 0.67 -8.57 -1.58
N VAL A 100 -0.55 -8.07 -1.71
CA VAL A 100 -1.31 -8.24 -2.94
C VAL A 100 -0.43 -8.02 -4.17
N THR A 101 -0.24 -9.09 -4.94
CA THR A 101 0.57 -9.03 -6.15
C THR A 101 1.57 -7.88 -6.07
N ARG A 102 2.11 -7.65 -4.87
CA ARG A 102 3.08 -6.57 -4.65
C ARG A 102 2.58 -5.27 -5.25
N LEU A 103 3.17 -4.15 -4.82
CA LEU A 103 2.80 -2.84 -5.34
C LEU A 103 2.94 -2.83 -6.85
N ARG A 104 1.81 -2.67 -7.55
CA ARG A 104 1.82 -2.68 -9.01
C ARG A 104 1.51 -1.31 -9.59
N TYR A 105 0.27 -0.86 -9.45
CA TYR A 105 -0.16 0.42 -9.99
C TYR A 105 -0.58 1.38 -8.88
N PRO A 106 -0.03 2.59 -8.89
CA PRO A 106 -0.33 3.62 -7.91
C PRO A 106 -1.50 4.49 -8.33
N VAL A 107 -2.72 3.95 -8.23
CA VAL A 107 -3.90 4.69 -8.61
C VAL A 107 -4.40 5.57 -7.46
N CYS A 108 -3.49 6.35 -6.89
CA CYS A 108 -3.82 7.24 -5.78
C CYS A 108 -5.12 8.00 -6.07
N GLY A 109 -6.25 7.32 -5.89
CA GLY A 109 -7.53 7.96 -6.15
C GLY A 109 -7.52 8.82 -7.40
N ALA B 2 -5.77 -2.41 14.67
CA ALA B 2 -4.93 -1.22 14.65
C ALA B 2 -3.62 -1.49 13.92
N ASP B 3 -3.16 -2.73 14.00
CA ASP B 3 -1.90 -3.11 13.35
C ASP B 3 -2.03 -3.04 11.83
N GLU B 5 -3.89 -4.44 8.05
CA GLU B 5 -3.85 -5.70 7.32
C GLU B 5 -2.61 -6.50 7.71
N PRO B 6 -2.62 -7.81 7.44
CA PRO B 6 -1.52 -8.70 7.76
C PRO B 6 -0.46 -8.74 6.66
N PRO B 7 0.48 -7.78 6.65
CA PRO B 7 1.56 -7.71 5.66
C PRO B 7 2.31 -9.03 5.53
N ASN A 2 7.26 14.05 4.43
CA ASN A 2 6.99 12.77 3.80
C ASN A 2 6.63 12.95 2.33
N ASN A 3 7.56 12.58 1.44
CA ASN A 3 7.33 12.71 0.01
C ASN A 3 6.31 11.70 -0.48
N LEU A 4 5.67 11.01 0.45
CA LEU A 4 4.66 10.01 0.11
C LEU A 4 3.51 10.63 -0.66
N GLU A 5 3.07 11.78 -0.17
CA GLU A 5 1.96 12.51 -0.79
C GLU A 5 2.27 12.93 -2.21
N THR A 6 3.55 12.86 -2.59
CA THR A 6 3.97 13.24 -3.92
C THR A 6 4.03 12.04 -4.86
N TYR A 7 3.86 10.85 -4.29
CA TYR A 7 3.90 9.62 -5.07
C TYR A 7 2.55 9.33 -5.72
N GLU A 8 2.56 8.48 -6.72
CA GLU A 8 1.35 8.12 -7.44
C GLU A 8 0.47 7.19 -6.61
N TRP A 9 0.47 7.35 -5.30
CA TRP A 9 -0.33 6.47 -4.48
C TRP A 9 -0.66 7.04 -3.10
N TYR A 10 -0.04 8.14 -2.69
CA TYR A 10 -0.36 8.69 -1.38
C TYR A 10 -1.47 9.73 -1.45
N ASN A 11 -2.57 9.41 -0.80
CA ASN A 11 -3.71 10.31 -0.75
C ASN A 11 -3.86 10.85 0.66
N LYS A 12 -4.12 12.15 0.79
CA LYS A 12 -4.25 12.78 2.10
C LYS A 12 -5.12 11.95 3.04
N SER A 13 -5.65 12.59 4.07
CA SER A 13 -6.50 11.92 5.04
C SER A 13 -7.55 11.07 4.35
N ILE A 14 -7.59 11.16 3.03
CA ILE A 14 -8.55 10.40 2.24
C ILE A 14 -9.16 9.25 3.04
N SER A 15 -8.56 8.08 2.94
CA SER A 15 -9.04 6.90 3.65
C SER A 15 -9.04 5.69 2.73
N ARG A 16 -8.52 4.57 3.23
CA ARG A 16 -8.47 3.36 2.44
C ARG A 16 -9.86 2.97 1.95
N ASP A 17 -10.89 3.41 2.67
CA ASP A 17 -12.26 3.10 2.27
C ASP A 17 -12.58 3.79 0.95
N LYS A 18 -12.13 5.03 0.85
CA LYS A 18 -12.31 5.80 -0.36
C LYS A 18 -11.30 5.33 -1.36
N ALA A 19 -10.08 5.08 -0.88
CA ALA A 19 -9.03 4.55 -1.71
C ALA A 19 -9.47 3.21 -2.24
N GLU A 20 -10.09 2.43 -1.34
CA GLU A 20 -10.63 1.13 -1.70
C GLU A 20 -11.79 1.34 -2.65
N LYS A 21 -12.69 2.22 -2.27
CA LYS A 21 -13.84 2.55 -3.11
C LYS A 21 -13.34 3.00 -4.47
N LEU A 22 -12.39 3.91 -4.45
CA LEU A 22 -11.80 4.41 -5.69
C LEU A 22 -10.97 3.34 -6.37
N LEU A 23 -10.26 2.55 -5.55
CA LEU A 23 -9.40 1.49 -6.06
C LEU A 23 -10.20 0.37 -6.70
N LEU A 24 -11.17 -0.14 -5.96
CA LEU A 24 -12.00 -1.23 -6.46
C LEU A 24 -12.78 -0.78 -7.69
N ASP A 25 -13.12 0.50 -7.73
CA ASP A 25 -13.85 1.08 -8.84
C ASP A 25 -12.98 1.09 -10.09
N THR A 26 -11.69 1.29 -9.90
CA THR A 26 -10.75 1.34 -11.01
C THR A 26 -10.59 -0.04 -11.63
N GLY A 27 -10.40 -1.04 -10.78
CA GLY A 27 -10.25 -2.40 -11.26
C GLY A 27 -8.89 -2.67 -11.87
N LYS A 28 -7.87 -1.96 -11.39
CA LYS A 28 -6.51 -2.14 -11.91
C LYS A 28 -5.70 -3.04 -11.00
N GLU A 29 -5.43 -4.26 -11.45
CA GLU A 29 -4.65 -5.18 -10.65
C GLU A 29 -3.36 -4.49 -10.21
N GLY A 30 -3.13 -4.45 -8.92
CA GLY A 30 -1.94 -3.81 -8.41
C GLY A 30 -2.14 -2.35 -8.12
N ALA A 31 -3.40 -1.90 -8.10
CA ALA A 31 -3.67 -0.49 -7.84
C ALA A 31 -3.48 -0.19 -6.35
N PHE A 32 -2.52 0.67 -6.02
CA PHE A 32 -2.28 1.01 -4.64
C PHE A 32 -2.35 2.50 -4.34
N MET A 33 -2.49 2.79 -3.06
CA MET A 33 -2.54 4.16 -2.56
C MET A 33 -2.19 4.15 -1.08
N VAL A 34 -1.41 5.12 -0.63
CA VAL A 34 -1.01 5.15 0.77
C VAL A 34 -1.82 6.17 1.55
N ARG A 35 -2.21 5.79 2.77
CA ARG A 35 -3.01 6.64 3.60
C ARG A 35 -2.27 7.13 4.84
N ASP A 36 -2.62 8.34 5.27
CA ASP A 36 -2.04 8.96 6.44
C ASP A 36 -2.18 8.05 7.66
N SER A 37 -1.18 8.08 8.52
CA SER A 37 -1.16 7.25 9.71
C SER A 37 -2.42 7.40 10.57
N ARG A 38 -3.61 7.37 9.96
CA ARG A 38 -4.84 7.46 10.71
C ARG A 38 -4.57 6.90 12.10
N THR A 39 -3.76 5.86 12.09
CA THR A 39 -3.30 5.23 13.31
C THR A 39 -1.88 5.73 13.52
N PRO A 40 -1.77 7.03 13.84
CA PRO A 40 -0.51 7.71 14.03
C PRO A 40 0.64 6.81 14.40
N GLY A 41 1.64 6.84 13.52
CA GLY A 41 2.83 6.04 13.66
C GLY A 41 3.49 5.85 12.31
N THR A 42 2.75 5.26 11.37
CA THR A 42 3.25 5.04 10.03
C THR A 42 2.20 5.40 8.98
N TYR A 43 2.51 5.08 7.72
CA TYR A 43 1.60 5.34 6.61
C TYR A 43 0.97 4.04 6.13
N THR A 44 -0.29 4.10 5.70
CA THR A 44 -0.98 2.89 5.25
C THR A 44 -1.05 2.83 3.72
N VAL A 45 -0.94 1.62 3.17
CA VAL A 45 -1.00 1.45 1.72
C VAL A 45 -2.23 0.66 1.29
N SER A 46 -2.92 1.20 0.29
CA SER A 46 -4.11 0.56 -0.27
C SER A 46 -3.79 0.04 -1.66
N VAL A 47 -3.79 -1.28 -1.80
CA VAL A 47 -3.47 -1.94 -3.06
C VAL A 47 -4.67 -2.69 -3.64
N PHE A 48 -4.79 -2.70 -4.96
CA PHE A 48 -5.90 -3.36 -5.63
C PHE A 48 -5.41 -4.35 -6.68
N THR A 49 -5.82 -5.60 -6.53
CA THR A 49 -5.46 -6.67 -7.45
C THR A 49 -6.67 -7.16 -8.23
N LYS A 50 -6.47 -7.44 -9.52
CA LYS A 50 -7.56 -7.92 -10.37
C LYS A 50 -7.49 -9.43 -10.54
N ALA A 51 -8.48 -10.12 -10.02
CA ALA A 51 -8.55 -11.58 -10.11
C ALA A 51 -9.58 -12.02 -11.14
N ILE A 52 -9.36 -13.19 -11.72
CA ILE A 52 -10.27 -13.72 -12.73
C ILE A 52 -11.72 -13.55 -12.30
N ILE A 53 -12.64 -14.11 -13.08
CA ILE A 53 -14.07 -14.01 -12.78
C ILE A 53 -14.41 -14.67 -11.45
N SER A 54 -13.78 -15.81 -11.19
CA SER A 54 -14.02 -16.55 -9.96
C SER A 54 -13.33 -15.89 -8.77
N GLU A 55 -12.10 -15.45 -8.98
CA GLU A 55 -11.32 -14.80 -7.93
C GLU A 55 -11.87 -13.40 -7.63
N ASN A 56 -12.17 -12.66 -8.68
CA ASN A 56 -12.69 -11.30 -8.54
C ASN A 56 -11.61 -10.34 -8.07
N PRO A 57 -11.57 -9.13 -8.64
CA PRO A 57 -10.58 -8.11 -8.28
C PRO A 57 -10.52 -7.87 -6.78
N CYS A 58 -9.50 -8.43 -6.14
CA CYS A 58 -9.34 -8.26 -4.69
C CYS A 58 -8.36 -7.14 -4.39
N ILE A 59 -8.86 -6.07 -3.79
CA ILE A 59 -8.02 -4.92 -3.43
C ILE A 59 -7.86 -4.81 -1.92
N LYS A 60 -6.62 -4.64 -1.47
CA LYS A 60 -6.35 -4.54 -0.04
C LYS A 60 -5.23 -3.54 0.27
N HIS A 61 -5.20 -3.05 1.50
CA HIS A 61 -4.20 -2.09 1.95
C HIS A 61 -3.37 -2.63 3.11
N TYR A 62 -2.12 -2.19 3.22
CA TYR A 62 -1.25 -2.61 4.32
C TYR A 62 -0.71 -1.40 5.07
N HIS A 63 -0.69 -1.50 6.39
CA HIS A 63 -0.17 -0.42 7.22
C HIS A 63 1.36 -0.52 7.25
N ILE A 64 2.01 0.50 6.73
CA ILE A 64 3.47 0.52 6.68
C ILE A 64 4.06 0.49 8.08
N LYS A 65 4.74 -0.61 8.41
CA LYS A 65 5.36 -0.74 9.73
C LYS A 65 6.77 -0.18 9.72
N GLU A 66 7.08 0.66 10.70
CA GLU A 66 8.40 1.26 10.78
C GLU A 66 9.19 0.71 11.97
N THR A 67 10.52 0.80 11.88
CA THR A 67 11.39 0.30 12.94
C THR A 67 12.16 1.43 13.60
N ASN A 68 13.43 1.17 13.93
CA ASN A 68 14.27 2.17 14.57
C ASN A 68 15.52 2.46 13.75
N ASP A 69 15.97 1.47 12.99
CA ASP A 69 17.17 1.62 12.16
C ASP A 69 17.40 3.09 11.80
N SER A 70 18.67 3.45 11.61
CA SER A 70 19.02 4.81 11.25
C SER A 70 19.36 4.93 9.77
N PRO A 71 18.42 5.46 8.95
CA PRO A 71 17.12 5.90 9.42
C PRO A 71 16.12 4.75 9.54
N LYS A 72 14.89 5.06 9.94
CA LYS A 72 13.86 4.04 10.10
C LYS A 72 13.45 3.41 8.81
N ARG A 73 13.13 2.15 8.93
CA ARG A 73 12.65 1.37 7.83
C ARG A 73 11.16 1.11 7.99
N TYR A 74 10.40 1.29 6.92
CA TYR A 74 8.97 1.03 6.94
C TYR A 74 8.71 -0.30 6.27
N TYR A 75 7.72 -1.04 6.74
CA TYR A 75 7.45 -2.33 6.14
C TYR A 75 5.98 -2.69 6.17
N VAL A 76 5.52 -3.22 5.04
CA VAL A 76 4.18 -3.72 4.92
C VAL A 76 4.31 -5.20 4.65
N ALA A 77 5.08 -5.81 5.54
CA ALA A 77 5.41 -7.22 5.50
C ALA A 77 6.38 -7.52 6.63
N GLU A 78 6.53 -8.77 7.01
CA GLU A 78 7.43 -9.13 8.09
C GLU A 78 8.88 -9.30 7.63
N LYS A 79 9.42 -8.23 7.03
CA LYS A 79 10.82 -8.26 6.58
C LYS A 79 11.13 -7.15 5.58
N TYR A 80 10.14 -6.32 5.26
CA TYR A 80 10.36 -5.22 4.31
C TYR A 80 10.23 -3.88 5.02
N VAL A 81 11.22 -3.54 5.86
CA VAL A 81 11.19 -2.28 6.60
C VAL A 81 12.18 -1.29 6.03
N PHE A 82 11.67 -0.17 5.51
CA PHE A 82 12.54 0.85 4.94
C PHE A 82 12.01 2.26 5.13
N ASP A 83 12.94 3.19 5.28
CA ASP A 83 12.62 4.60 5.49
C ASP A 83 12.03 5.21 4.23
N SER A 84 11.67 4.37 3.28
CA SER A 84 11.10 4.83 2.04
C SER A 84 9.88 3.98 1.69
N ILE A 85 8.71 4.46 2.09
CA ILE A 85 7.49 3.74 1.81
C ILE A 85 7.38 3.55 0.30
N PRO A 86 7.87 4.52 -0.46
CA PRO A 86 7.89 4.44 -1.91
C PRO A 86 8.86 3.35 -2.33
N LEU A 87 9.94 3.24 -1.55
CA LEU A 87 10.95 2.22 -1.80
C LEU A 87 10.36 0.87 -1.47
N LEU A 88 9.77 0.76 -0.29
CA LEU A 88 9.12 -0.47 0.11
C LEU A 88 7.96 -0.66 -0.85
N ILE A 89 7.35 0.46 -1.22
CA ILE A 89 6.28 0.43 -2.19
C ILE A 89 6.85 -0.15 -3.47
N GLN A 90 8.02 0.37 -3.85
CA GLN A 90 8.73 -0.11 -5.03
C GLN A 90 9.09 -1.57 -4.84
N TYR A 91 9.50 -1.88 -3.61
CA TYR A 91 9.87 -3.25 -3.26
C TYR A 91 8.66 -4.16 -3.42
N HIS A 92 7.51 -3.69 -2.96
CA HIS A 92 6.28 -4.45 -3.06
C HIS A 92 5.76 -4.44 -4.50
N GLN A 93 6.62 -4.00 -5.43
CA GLN A 93 6.26 -3.94 -6.84
C GLN A 93 7.39 -4.48 -7.70
N TYR A 94 8.62 -4.23 -7.26
CA TYR A 94 9.80 -4.68 -7.99
C TYR A 94 10.41 -5.90 -7.31
N ASN A 95 10.11 -6.06 -6.03
CA ASN A 95 10.63 -7.20 -5.26
C ASN A 95 9.59 -8.30 -5.13
N GLY A 96 9.80 -9.18 -4.17
CA GLY A 96 8.87 -10.28 -3.95
C GLY A 96 8.15 -10.17 -2.62
N GLY A 97 7.36 -9.12 -2.45
CA GLY A 97 6.63 -8.93 -1.22
C GLY A 97 5.74 -10.11 -0.87
N GLY A 98 4.81 -9.90 0.06
CA GLY A 98 3.91 -10.97 0.46
C GLY A 98 2.46 -10.52 0.51
N LEU A 99 2.20 -9.33 -0.03
CA LEU A 99 0.85 -8.78 -0.04
C LEU A 99 0.26 -8.82 -1.44
N VAL A 100 -1.04 -8.56 -1.55
CA VAL A 100 -1.72 -8.57 -2.84
C VAL A 100 -0.72 -8.36 -3.97
N THR A 101 -0.25 -9.45 -4.55
CA THR A 101 0.72 -9.37 -5.64
C THR A 101 1.60 -8.15 -5.46
N ARG A 102 1.81 -7.78 -4.21
CA ARG A 102 2.64 -6.63 -3.87
C ARG A 102 2.29 -5.42 -4.73
N LEU A 103 2.68 -4.24 -4.26
CA LEU A 103 2.41 -3.01 -4.99
C LEU A 103 2.71 -3.18 -6.47
N ARG A 104 1.73 -2.89 -7.31
CA ARG A 104 1.89 -3.04 -8.74
C ARG A 104 1.62 -1.73 -9.47
N TYR A 105 0.42 -1.18 -9.26
CA TYR A 105 0.01 0.06 -9.91
C TYR A 105 -0.48 1.08 -8.88
N PRO A 106 0.07 2.30 -8.92
CA PRO A 106 -0.32 3.37 -7.99
C PRO A 106 -1.70 3.91 -8.30
N VAL A 107 -2.47 4.18 -7.26
CA VAL A 107 -3.82 4.72 -7.41
C VAL A 107 -4.01 6.00 -6.62
N CYS A 108 -3.13 6.97 -6.87
CA CYS A 108 -3.22 8.26 -6.18
C CYS A 108 -4.57 8.91 -6.39
N GLY A 109 -5.62 8.28 -5.86
CA GLY A 109 -6.95 8.81 -5.99
C GLY A 109 -7.53 8.59 -7.38
N ALA B 2 -2.40 -5.17 12.84
CA ALA B 2 -3.04 -6.48 12.79
C ALA B 2 -4.28 -6.45 11.91
N ASP B 3 -5.18 -5.50 12.19
CA ASP B 3 -6.41 -5.36 11.43
C ASP B 3 -6.11 -5.09 9.95
N GLU B 5 -5.11 -5.87 7.07
CA GLU B 5 -4.70 -7.06 6.33
C GLU B 5 -3.26 -7.45 6.69
N PRO B 6 -3.10 -8.29 7.73
CA PRO B 6 -1.78 -8.74 8.16
C PRO B 6 -0.91 -9.22 7.01
N PRO B 7 0.00 -8.37 6.53
CA PRO B 7 0.91 -8.70 5.43
C PRO B 7 1.45 -10.12 5.54
N ASN A 2 10.13 11.87 3.16
CA ASN A 2 9.22 10.76 2.89
C ASN A 2 8.44 11.00 1.60
N ASN A 3 8.54 12.22 1.06
CA ASN A 3 7.85 12.57 -0.18
C ASN A 3 6.91 11.46 -0.62
N LEU A 4 6.00 11.08 0.25
CA LEU A 4 5.04 10.01 -0.05
C LEU A 4 3.87 10.54 -0.88
N GLU A 5 3.48 11.77 -0.61
CA GLU A 5 2.36 12.41 -1.30
C GLU A 5 2.66 12.67 -2.76
N THR A 6 3.94 12.64 -3.12
CA THR A 6 4.34 12.89 -4.50
C THR A 6 4.24 11.61 -5.33
N TYR A 7 4.01 10.49 -4.67
CA TYR A 7 3.90 9.22 -5.36
C TYR A 7 2.49 9.03 -5.87
N GLU A 8 2.36 8.22 -6.92
CA GLU A 8 1.06 7.95 -7.51
C GLU A 8 0.21 7.05 -6.61
N TRP A 9 0.31 7.24 -5.31
CA TRP A 9 -0.46 6.41 -4.40
C TRP A 9 -0.64 7.01 -3.00
N TYR A 10 -0.02 8.15 -2.71
CA TYR A 10 -0.18 8.74 -1.39
C TYR A 10 -1.23 9.84 -1.41
N ASN A 11 -2.03 9.88 -0.36
CA ASN A 11 -3.08 10.86 -0.22
C ASN A 11 -2.91 11.63 1.09
N LYS A 12 -3.11 12.93 1.04
CA LYS A 12 -2.94 13.78 2.22
C LYS A 12 -3.57 13.16 3.45
N SER A 13 -4.79 12.69 3.30
CA SER A 13 -5.50 12.06 4.41
C SER A 13 -6.95 11.76 4.04
N ILE A 14 -7.13 10.84 3.11
CA ILE A 14 -8.46 10.47 2.65
C ILE A 14 -9.01 9.28 3.43
N SER A 15 -8.34 8.13 3.34
CA SER A 15 -8.77 6.93 4.04
C SER A 15 -8.81 5.74 3.10
N ARG A 16 -8.50 4.56 3.62
CA ARG A 16 -8.51 3.34 2.82
C ARG A 16 -9.88 3.11 2.20
N ASP A 17 -10.92 3.69 2.82
CA ASP A 17 -12.27 3.55 2.30
C ASP A 17 -12.35 4.19 0.93
N LYS A 18 -11.70 5.33 0.80
CA LYS A 18 -11.65 6.04 -0.46
C LYS A 18 -10.85 5.23 -1.45
N ALA A 19 -9.67 4.83 -1.01
CA ALA A 19 -8.80 4.02 -1.82
C ALA A 19 -9.52 2.75 -2.23
N GLU A 20 -10.20 2.13 -1.27
CA GLU A 20 -10.97 0.92 -1.55
C GLU A 20 -12.13 1.24 -2.46
N LYS A 21 -12.87 2.29 -2.11
CA LYS A 21 -14.00 2.71 -2.93
C LYS A 21 -13.50 3.22 -4.28
N LEU A 22 -12.43 3.98 -4.24
CA LEU A 22 -11.83 4.50 -5.46
C LEU A 22 -11.20 3.37 -6.26
N LEU A 23 -10.52 2.47 -5.55
CA LEU A 23 -9.85 1.34 -6.18
C LEU A 23 -10.84 0.31 -6.70
N LEU A 24 -11.76 -0.11 -5.84
CA LEU A 24 -12.75 -1.09 -6.23
C LEU A 24 -13.55 -0.60 -7.42
N ASP A 25 -13.80 0.71 -7.44
CA ASP A 25 -14.55 1.34 -8.52
C ASP A 25 -13.75 1.31 -9.82
N THR A 26 -12.48 1.64 -9.72
CA THR A 26 -11.59 1.67 -10.87
C THR A 26 -11.44 0.27 -11.47
N GLY A 27 -11.18 -0.69 -10.60
CA GLY A 27 -11.02 -2.06 -11.06
C GLY A 27 -9.72 -2.29 -11.81
N LYS A 28 -8.66 -1.62 -11.37
CA LYS A 28 -7.35 -1.76 -12.02
C LYS A 28 -6.48 -2.73 -11.25
N GLU A 29 -5.94 -3.71 -11.95
CA GLU A 29 -5.07 -4.67 -11.30
C GLU A 29 -3.77 -3.99 -10.89
N GLY A 30 -3.44 -4.05 -9.61
CA GLY A 30 -2.24 -3.43 -9.13
C GLY A 30 -2.42 -1.98 -8.76
N ALA A 31 -3.65 -1.57 -8.44
CA ALA A 31 -3.86 -0.18 -8.07
C ALA A 31 -3.67 0.00 -6.57
N PHE A 32 -2.67 0.81 -6.19
CA PHE A 32 -2.42 1.03 -4.78
C PHE A 32 -2.40 2.50 -4.40
N MET A 33 -2.53 2.72 -3.08
CA MET A 33 -2.49 4.06 -2.49
C MET A 33 -1.95 3.94 -1.08
N VAL A 34 -1.59 5.05 -0.46
CA VAL A 34 -1.05 5.00 0.89
C VAL A 34 -1.59 6.12 1.76
N ARG A 35 -1.90 5.80 3.01
CA ARG A 35 -2.43 6.77 3.95
C ARG A 35 -1.44 7.07 5.07
N ASP A 36 -1.37 8.36 5.42
CA ASP A 36 -0.47 8.86 6.47
C ASP A 36 -0.90 8.38 7.85
N SER A 37 0.08 8.11 8.70
CA SER A 37 -0.18 7.65 10.06
C SER A 37 -1.14 8.59 10.77
N ARG A 38 -2.41 8.53 10.39
CA ARG A 38 -3.43 9.36 11.00
C ARG A 38 -4.42 8.50 11.77
N THR A 39 -4.04 7.25 11.98
CA THR A 39 -4.88 6.30 12.69
C THR A 39 -4.06 5.21 13.36
N PRO A 40 -3.44 4.32 12.57
CA PRO A 40 -2.63 3.22 13.09
C PRO A 40 -1.22 3.64 13.46
N GLY A 41 -1.07 4.93 13.73
CA GLY A 41 0.21 5.49 14.12
C GLY A 41 1.24 5.48 13.01
N THR A 42 0.94 4.78 11.91
CA THR A 42 1.88 4.72 10.79
C THR A 42 1.17 4.94 9.45
N TYR A 43 1.91 4.71 8.36
CA TYR A 43 1.37 4.87 7.03
C TYR A 43 0.76 3.57 6.52
N THR A 44 -0.33 3.68 5.78
CA THR A 44 -0.98 2.49 5.25
C THR A 44 -1.09 2.57 3.72
N VAL A 45 -0.94 1.43 3.04
CA VAL A 45 -1.03 1.42 1.59
C VAL A 45 -2.22 0.59 1.08
N SER A 46 -3.10 1.26 0.33
CA SER A 46 -4.28 0.60 -0.25
C SER A 46 -3.93 0.08 -1.64
N VAL A 47 -3.90 -1.23 -1.80
CA VAL A 47 -3.56 -1.85 -3.07
C VAL A 47 -4.74 -2.59 -3.69
N PHE A 48 -4.81 -2.56 -5.01
CA PHE A 48 -5.89 -3.22 -5.74
C PHE A 48 -5.33 -4.16 -6.81
N THR A 49 -5.56 -5.46 -6.62
CA THR A 49 -5.11 -6.48 -7.56
C THR A 49 -6.29 -6.97 -8.41
N LYS A 50 -6.11 -6.95 -9.73
CA LYS A 50 -7.16 -7.39 -10.64
C LYS A 50 -6.82 -8.74 -11.27
N ALA A 51 -7.72 -9.71 -11.08
CA ALA A 51 -7.53 -11.04 -11.63
C ALA A 51 -8.43 -11.25 -12.84
N ILE A 52 -8.00 -12.13 -13.75
CA ILE A 52 -8.76 -12.42 -14.96
C ILE A 52 -10.27 -12.45 -14.66
N ILE A 53 -10.66 -13.27 -13.69
CA ILE A 53 -12.06 -13.38 -13.32
C ILE A 53 -12.54 -12.12 -12.62
N SER A 54 -13.84 -12.06 -12.33
CA SER A 54 -14.42 -10.90 -11.65
C SER A 54 -14.29 -11.04 -10.14
N GLU A 55 -14.55 -12.24 -9.63
CA GLU A 55 -14.45 -12.51 -8.20
C GLU A 55 -13.00 -12.69 -7.78
N ASN A 56 -12.13 -12.91 -8.75
CA ASN A 56 -10.70 -13.10 -8.49
C ASN A 56 -10.04 -11.80 -8.06
N PRO A 57 -10.24 -10.72 -8.83
CA PRO A 57 -9.65 -9.41 -8.52
C PRO A 57 -9.97 -8.96 -7.10
N CYS A 58 -8.98 -9.08 -6.21
CA CYS A 58 -9.16 -8.68 -4.82
C CYS A 58 -8.24 -7.53 -4.46
N ILE A 59 -8.84 -6.39 -4.15
CA ILE A 59 -8.08 -5.20 -3.77
C ILE A 59 -7.78 -5.23 -2.28
N LYS A 60 -6.54 -4.90 -1.91
CA LYS A 60 -6.15 -4.92 -0.50
C LYS A 60 -5.18 -3.80 -0.15
N HIS A 61 -5.19 -3.40 1.11
CA HIS A 61 -4.32 -2.35 1.61
C HIS A 61 -3.40 -2.88 2.71
N TYR A 62 -2.12 -2.57 2.63
CA TYR A 62 -1.18 -3.00 3.67
C TYR A 62 -0.78 -1.84 4.57
N HIS A 63 -0.89 -2.07 5.87
CA HIS A 63 -0.54 -1.06 6.85
C HIS A 63 0.97 -1.01 7.02
N ILE A 64 1.59 0.08 6.59
CA ILE A 64 3.03 0.23 6.69
C ILE A 64 3.47 0.45 8.13
N LYS A 65 4.42 -0.36 8.60
CA LYS A 65 4.92 -0.21 9.97
C LYS A 65 6.21 0.60 9.96
N GLU A 66 6.46 1.28 11.06
CA GLU A 66 7.67 2.10 11.19
C GLU A 66 8.65 1.48 12.18
N THR A 67 9.93 1.84 12.05
CA THR A 67 10.94 1.32 12.95
C THR A 67 11.92 2.42 13.36
N ASN A 68 13.03 2.02 13.97
CA ASN A 68 14.05 2.96 14.41
C ASN A 68 15.17 3.02 13.39
N ASP A 69 14.84 2.61 12.17
CA ASP A 69 15.80 2.61 11.07
C ASP A 69 16.62 1.33 11.07
N SER A 70 16.37 0.49 10.07
CA SER A 70 17.07 -0.77 9.92
C SER A 70 18.18 -0.71 8.85
N PRO A 71 18.47 0.46 8.26
CA PRO A 71 17.81 1.74 8.58
C PRO A 71 16.39 1.83 8.01
N LYS A 72 15.80 0.69 7.70
CA LYS A 72 14.45 0.65 7.18
C LYS A 72 13.45 1.10 8.24
N ARG A 73 12.75 2.20 7.98
CA ARG A 73 11.79 2.76 8.93
C ARG A 73 10.34 2.48 8.56
N TYR A 74 10.11 1.83 7.42
CA TYR A 74 8.75 1.57 6.97
C TYR A 74 8.47 0.11 6.75
N TYR A 75 7.23 -0.27 7.02
CA TYR A 75 6.80 -1.64 6.92
C TYR A 75 5.49 -1.85 6.18
N VAL A 76 5.47 -2.85 5.33
CA VAL A 76 4.24 -3.29 4.69
C VAL A 76 4.46 -4.77 4.42
N ALA A 77 4.91 -5.40 5.49
CA ALA A 77 5.21 -6.81 5.56
C ALA A 77 5.85 -7.08 6.91
N GLU A 78 5.88 -8.31 7.36
CA GLU A 78 6.51 -8.61 8.64
C GLU A 78 7.90 -9.17 8.43
N LYS A 79 8.76 -8.31 7.90
CA LYS A 79 10.14 -8.63 7.62
C LYS A 79 10.64 -7.67 6.56
N TYR A 80 9.70 -7.08 5.82
CA TYR A 80 10.01 -6.11 4.78
C TYR A 80 9.90 -4.70 5.33
N VAL A 81 11.03 -4.12 5.70
CA VAL A 81 11.05 -2.77 6.26
C VAL A 81 11.91 -1.87 5.39
N PHE A 82 11.46 -0.62 5.21
CA PHE A 82 12.23 0.32 4.39
C PHE A 82 12.09 1.76 4.88
N ASP A 83 13.13 2.55 4.62
CA ASP A 83 13.14 3.96 5.03
C ASP A 83 12.36 4.80 4.03
N SER A 84 11.70 4.13 3.11
CA SER A 84 10.91 4.79 2.08
C SER A 84 9.74 3.91 1.69
N ILE A 85 8.53 4.36 2.02
CA ILE A 85 7.34 3.60 1.70
C ILE A 85 7.28 3.39 0.19
N PRO A 86 7.68 4.40 -0.57
CA PRO A 86 7.72 4.34 -2.04
C PRO A 86 8.76 3.35 -2.51
N LEU A 87 9.96 3.44 -1.93
CA LEU A 87 11.02 2.51 -2.25
C LEU A 87 10.57 1.15 -1.79
N LEU A 88 10.03 1.15 -0.59
CA LEU A 88 9.49 -0.05 -0.01
C LEU A 88 8.40 -0.55 -0.94
N ILE A 89 7.62 0.41 -1.45
CA ILE A 89 6.59 0.09 -2.42
C ILE A 89 7.27 -0.53 -3.63
N GLN A 90 8.35 0.13 -4.07
CA GLN A 90 9.12 -0.36 -5.20
C GLN A 90 9.71 -1.72 -4.87
N TYR A 91 10.11 -1.88 -3.61
CA TYR A 91 10.68 -3.14 -3.15
C TYR A 91 9.64 -4.24 -3.14
N HIS A 92 8.48 -3.94 -2.57
CA HIS A 92 7.40 -4.92 -2.50
C HIS A 92 7.07 -5.45 -3.88
N GLN A 93 7.61 -4.80 -4.91
CA GLN A 93 7.38 -5.21 -6.29
C GLN A 93 8.70 -5.58 -6.96
N TYR A 94 9.74 -4.84 -6.62
CA TYR A 94 11.06 -5.07 -7.19
C TYR A 94 11.69 -6.34 -6.60
N ASN A 95 11.04 -6.90 -5.60
CA ASN A 95 11.53 -8.12 -4.95
C ASN A 95 10.40 -9.14 -4.78
N GLY A 96 10.71 -10.23 -4.10
CA GLY A 96 9.71 -11.26 -3.88
C GLY A 96 8.64 -10.84 -2.89
N GLY A 97 8.13 -9.62 -3.07
CA GLY A 97 7.09 -9.12 -2.19
C GLY A 97 6.01 -10.14 -1.92
N GLY A 98 5.56 -10.22 -0.67
CA GLY A 98 4.52 -11.15 -0.31
C GLY A 98 3.15 -10.51 -0.31
N LEU A 99 3.09 -9.24 0.06
CA LEU A 99 1.83 -8.50 0.12
C LEU A 99 0.99 -8.75 -1.13
N VAL A 100 -0.02 -7.90 -1.33
CA VAL A 100 -0.91 -8.01 -2.48
C VAL A 100 -0.14 -7.87 -3.79
N THR A 101 -0.10 -8.96 -4.56
CA THR A 101 0.60 -8.98 -5.84
C THR A 101 1.64 -7.87 -5.92
N ARG A 102 2.32 -7.62 -4.81
CA ARG A 102 3.35 -6.58 -4.75
C ARG A 102 2.83 -5.27 -5.33
N LEU A 103 3.47 -4.16 -4.95
CA LEU A 103 3.07 -2.85 -5.46
C LEU A 103 3.14 -2.88 -6.99
N ARG A 104 1.98 -2.76 -7.62
CA ARG A 104 1.91 -2.81 -9.07
C ARG A 104 1.57 -1.46 -9.69
N TYR A 105 0.33 -1.03 -9.50
CA TYR A 105 -0.14 0.22 -10.07
C TYR A 105 -0.62 1.19 -9.01
N PRO A 106 -0.13 2.44 -9.06
CA PRO A 106 -0.49 3.49 -8.13
C PRO A 106 -1.69 4.31 -8.61
N VAL A 107 -2.87 4.03 -8.05
CA VAL A 107 -4.07 4.74 -8.44
C VAL A 107 -4.42 5.85 -7.44
N CYS A 108 -3.42 6.29 -6.69
CA CYS A 108 -3.61 7.35 -5.69
C CYS A 108 -4.96 8.04 -5.87
N GLY A 109 -5.86 7.82 -4.91
CA GLY A 109 -7.17 8.43 -4.98
C GLY A 109 -7.53 8.89 -6.38
N ALA B 2 -6.10 -4.95 13.98
CA ALA B 2 -7.54 -4.69 14.01
C ALA B 2 -7.89 -3.49 13.14
N ASP B 3 -7.02 -2.49 13.13
CA ASP B 3 -7.24 -1.29 12.34
C ASP B 3 -6.87 -1.51 10.88
N GLU B 5 -4.68 -4.68 8.01
CA GLU B 5 -4.30 -6.06 7.76
C GLU B 5 -2.78 -6.22 7.82
N PRO B 6 -2.21 -6.17 9.04
CA PRO B 6 -0.77 -6.32 9.24
C PRO B 6 -0.18 -7.48 8.46
N PRO B 7 0.67 -7.19 7.47
CA PRO B 7 1.32 -8.20 6.64
C PRO B 7 1.78 -9.41 7.46
N ASN A 2 8.67 12.42 3.51
CA ASN A 2 8.59 11.04 3.07
C ASN A 2 8.27 10.97 1.57
N ASN A 3 7.88 12.11 1.01
CA ASN A 3 7.54 12.17 -0.41
C ASN A 3 6.43 11.18 -0.75
N LEU A 4 5.84 10.58 0.28
CA LEU A 4 4.78 9.61 0.09
C LEU A 4 3.58 10.24 -0.62
N GLU A 5 3.23 11.44 -0.18
CA GLU A 5 2.11 12.19 -0.74
C GLU A 5 2.38 12.62 -2.17
N THR A 6 3.65 12.60 -2.57
CA THR A 6 4.02 13.00 -3.92
C THR A 6 4.02 11.82 -4.87
N TYR A 7 3.80 10.62 -4.34
CA TYR A 7 3.76 9.43 -5.15
C TYR A 7 2.39 9.23 -5.78
N GLU A 8 2.29 8.28 -6.69
CA GLU A 8 1.03 8.01 -7.38
C GLU A 8 0.13 7.11 -6.55
N TRP A 9 0.19 7.23 -5.23
CA TRP A 9 -0.62 6.39 -4.38
C TRP A 9 -0.91 6.99 -3.01
N TYR A 10 -0.33 8.14 -2.67
CA TYR A 10 -0.59 8.74 -1.38
C TYR A 10 -1.64 9.82 -1.48
N ASN A 11 -2.76 9.60 -0.81
CA ASN A 11 -3.86 10.54 -0.81
C ASN A 11 -4.04 11.15 0.58
N LYS A 12 -4.18 12.47 0.64
CA LYS A 12 -4.35 13.17 1.90
C LYS A 12 -5.81 13.16 2.36
N SER A 13 -6.02 12.81 3.63
CA SER A 13 -7.36 12.76 4.20
C SER A 13 -8.27 11.88 3.36
N ILE A 14 -7.79 10.69 3.06
CA ILE A 14 -8.55 9.73 2.26
C ILE A 14 -8.96 8.52 3.08
N SER A 15 -8.00 7.64 3.34
CA SER A 15 -8.25 6.43 4.10
C SER A 15 -8.40 5.23 3.17
N ARG A 16 -8.17 4.05 3.70
CA ARG A 16 -8.27 2.84 2.90
C ARG A 16 -9.67 2.73 2.29
N ASP A 17 -10.63 3.39 2.91
CA ASP A 17 -12.00 3.36 2.41
C ASP A 17 -12.08 4.07 1.07
N LYS A 18 -11.37 5.18 0.96
CA LYS A 18 -11.32 5.91 -0.28
C LYS A 18 -10.42 5.15 -1.23
N ALA A 19 -9.25 4.78 -0.73
CA ALA A 19 -8.32 4.00 -1.51
C ALA A 19 -9.07 2.82 -2.09
N GLU A 20 -9.79 2.13 -1.21
CA GLU A 20 -10.62 1.01 -1.64
C GLU A 20 -11.71 1.54 -2.55
N LYS A 21 -12.30 2.66 -2.14
CA LYS A 21 -13.35 3.28 -2.94
C LYS A 21 -12.86 3.54 -4.37
N LEU A 22 -11.71 4.19 -4.48
CA LEU A 22 -11.14 4.46 -5.79
C LEU A 22 -10.67 3.16 -6.44
N LEU A 23 -10.00 2.32 -5.64
CA LEU A 23 -9.50 1.06 -6.14
C LEU A 23 -10.62 0.16 -6.64
N LEU A 24 -11.63 -0.02 -5.82
CA LEU A 24 -12.77 -0.86 -6.19
C LEU A 24 -13.40 -0.33 -7.46
N ASP A 25 -13.64 0.97 -7.48
CA ASP A 25 -14.24 1.62 -8.63
C ASP A 25 -13.29 1.60 -9.83
N THR A 26 -12.00 1.70 -9.56
CA THR A 26 -11.00 1.69 -10.61
C THR A 26 -11.00 0.38 -11.37
N GLY A 27 -10.99 -0.72 -10.62
CA GLY A 27 -11.01 -2.03 -11.24
C GLY A 27 -9.68 -2.39 -11.89
N LYS A 28 -8.60 -1.73 -11.46
CA LYS A 28 -7.28 -2.01 -12.00
C LYS A 28 -6.49 -2.93 -11.09
N GLU A 29 -5.95 -3.99 -11.66
CA GLU A 29 -5.16 -4.93 -10.88
C GLU A 29 -3.84 -4.27 -10.50
N GLY A 30 -3.55 -4.22 -9.21
CA GLY A 30 -2.33 -3.61 -8.77
C GLY A 30 -2.49 -2.14 -8.47
N ALA A 31 -3.74 -1.66 -8.42
CA ALA A 31 -3.96 -0.25 -8.14
C ALA A 31 -3.81 0.01 -6.65
N PHE A 32 -2.82 0.82 -6.27
CA PHE A 32 -2.62 1.11 -4.86
C PHE A 32 -2.58 2.60 -4.52
N MET A 33 -2.78 2.85 -3.24
CA MET A 33 -2.74 4.20 -2.66
C MET A 33 -2.50 4.07 -1.16
N VAL A 34 -1.61 4.87 -0.60
CA VAL A 34 -1.31 4.77 0.81
C VAL A 34 -1.75 6.00 1.57
N ARG A 35 -2.47 5.80 2.67
CA ARG A 35 -2.96 6.90 3.47
C ARG A 35 -2.50 6.78 4.92
N ASP A 36 -2.43 7.92 5.60
CA ASP A 36 -2.03 7.94 7.00
C ASP A 36 -3.21 7.66 7.91
N SER A 37 -3.21 6.49 8.53
CA SER A 37 -4.31 6.09 9.43
C SER A 37 -4.54 7.15 10.51
N ARG A 38 -5.26 6.76 11.56
CA ARG A 38 -5.55 7.68 12.66
C ARG A 38 -4.73 7.31 13.89
N THR A 39 -5.27 6.39 14.70
CA THR A 39 -4.58 5.94 15.88
C THR A 39 -3.25 5.29 15.46
N PRO A 40 -3.19 3.96 15.28
CA PRO A 40 -1.98 3.31 14.81
C PRO A 40 -1.97 3.32 13.30
N GLY A 41 -0.81 3.20 12.69
CA GLY A 41 -0.79 3.23 11.27
C GLY A 41 -0.75 4.65 10.79
N THR A 42 0.44 5.14 10.59
CA THR A 42 0.63 6.51 10.15
C THR A 42 0.57 6.58 8.63
N TYR A 43 1.10 5.56 7.98
CA TYR A 43 1.05 5.48 6.53
C TYR A 43 0.64 4.08 6.08
N THR A 44 -0.51 3.98 5.43
CA THR A 44 -1.00 2.69 4.96
C THR A 44 -1.21 2.68 3.45
N VAL A 45 -0.81 1.57 2.82
CA VAL A 45 -0.94 1.41 1.39
C VAL A 45 -2.20 0.64 1.00
N SER A 46 -2.89 1.11 -0.02
CA SER A 46 -4.09 0.47 -0.52
C SER A 46 -3.87 0.02 -1.96
N VAL A 47 -3.71 -1.29 -2.16
CA VAL A 47 -3.49 -1.83 -3.50
C VAL A 47 -4.68 -2.65 -3.95
N PHE A 48 -4.97 -2.59 -5.25
CA PHE A 48 -6.09 -3.31 -5.80
C PHE A 48 -5.69 -4.20 -6.98
N THR A 49 -5.94 -5.50 -6.82
CA THR A 49 -5.63 -6.49 -7.84
C THR A 49 -6.91 -7.09 -8.42
N LYS A 50 -6.91 -7.31 -9.73
CA LYS A 50 -8.08 -7.87 -10.41
C LYS A 50 -7.93 -9.38 -10.58
N ALA A 51 -9.06 -10.08 -10.60
CA ALA A 51 -9.06 -11.52 -10.75
C ALA A 51 -9.50 -11.93 -12.15
N ILE A 52 -9.03 -13.08 -12.60
CA ILE A 52 -9.38 -13.59 -13.91
C ILE A 52 -10.83 -13.31 -14.25
N ILE A 53 -11.74 -13.67 -13.35
CA ILE A 53 -13.16 -13.45 -13.55
C ILE A 53 -13.99 -14.27 -12.59
N SER A 54 -13.47 -15.43 -12.20
CA SER A 54 -14.16 -16.32 -11.28
C SER A 54 -13.84 -15.96 -9.83
N GLU A 55 -12.58 -15.67 -9.56
CA GLU A 55 -12.13 -15.31 -8.23
C GLU A 55 -12.54 -13.88 -7.89
N ASN A 56 -12.90 -13.10 -8.90
CA ASN A 56 -13.30 -11.72 -8.71
C ASN A 56 -12.11 -10.86 -8.30
N PRO A 57 -12.12 -9.58 -8.69
CA PRO A 57 -11.04 -8.64 -8.36
C PRO A 57 -10.62 -8.73 -6.90
N CYS A 58 -9.30 -8.70 -6.67
CA CYS A 58 -8.77 -8.78 -5.32
C CYS A 58 -8.03 -7.49 -4.95
N ILE A 59 -8.58 -6.77 -3.98
CA ILE A 59 -7.99 -5.52 -3.53
C ILE A 59 -7.44 -5.68 -2.12
N LYS A 60 -6.25 -5.13 -1.87
CA LYS A 60 -5.63 -5.27 -0.55
C LYS A 60 -4.90 -4.00 -0.10
N HIS A 61 -5.03 -3.70 1.19
CA HIS A 61 -4.38 -2.55 1.80
C HIS A 61 -3.44 -3.00 2.92
N TYR A 62 -2.43 -2.17 3.22
CA TYR A 62 -1.49 -2.49 4.28
C TYR A 62 -0.88 -1.23 4.88
N HIS A 63 -0.81 -1.17 6.19
CA HIS A 63 -0.25 -0.02 6.87
C HIS A 63 1.28 -0.10 6.88
N ILE A 64 1.92 0.96 6.40
CA ILE A 64 3.38 0.99 6.35
C ILE A 64 3.94 1.00 7.77
N LYS A 65 4.63 -0.08 8.13
CA LYS A 65 5.21 -0.20 9.46
C LYS A 65 6.62 0.38 9.49
N GLU A 66 6.94 1.07 10.58
CA GLU A 66 8.26 1.67 10.75
C GLU A 66 9.03 0.94 11.84
N THR A 67 10.36 0.96 11.73
CA THR A 67 11.20 0.30 12.71
C THR A 67 11.93 1.30 13.61
N ASN A 68 13.27 1.29 13.59
CA ASN A 68 14.02 2.19 14.46
C ASN A 68 15.00 3.11 13.72
N ASP A 69 15.95 2.53 13.02
CA ASP A 69 17.01 3.29 12.34
C ASP A 69 16.46 4.30 11.34
N SER A 70 16.64 5.59 11.63
CA SER A 70 16.20 6.63 10.72
C SER A 70 17.00 6.60 9.43
N PRO A 71 16.34 6.56 8.27
CA PRO A 71 14.90 6.54 8.15
C PRO A 71 14.38 5.16 7.73
N LYS A 72 15.29 4.21 7.56
CA LYS A 72 14.95 2.84 7.12
C LYS A 72 13.88 2.20 7.99
N ARG A 73 12.91 2.98 8.43
CA ARG A 73 11.83 2.47 9.27
C ARG A 73 10.51 2.30 8.53
N TYR A 74 10.51 1.71 7.35
CA TYR A 74 9.28 1.54 6.60
C TYR A 74 9.10 0.13 6.10
N TYR A 75 7.97 -0.47 6.44
CA TYR A 75 7.67 -1.81 5.99
C TYR A 75 6.19 -2.13 6.04
N VAL A 76 5.71 -2.79 4.98
CA VAL A 76 4.33 -3.23 4.93
C VAL A 76 4.38 -4.74 4.82
N ALA A 77 5.13 -5.30 5.76
CA ALA A 77 5.38 -6.72 5.86
C ALA A 77 6.37 -6.96 7.00
N GLU A 78 6.44 -8.18 7.51
CA GLU A 78 7.35 -8.46 8.61
C GLU A 78 8.71 -8.92 8.12
N LYS A 79 9.39 -8.02 7.44
CA LYS A 79 10.73 -8.28 6.92
C LYS A 79 11.14 -7.23 5.90
N TYR A 80 10.16 -6.48 5.38
CA TYR A 80 10.43 -5.43 4.40
C TYR A 80 10.49 -4.06 5.09
N VAL A 81 11.59 -3.79 5.77
CA VAL A 81 11.77 -2.53 6.46
C VAL A 81 12.65 -1.61 5.62
N PHE A 82 12.18 -0.40 5.39
CA PHE A 82 12.94 0.54 4.57
C PHE A 82 12.71 1.97 5.02
N ASP A 83 13.62 2.87 4.61
CA ASP A 83 13.53 4.27 4.95
C ASP A 83 12.55 5.01 4.02
N SER A 84 12.05 4.30 3.02
CA SER A 84 11.14 4.90 2.05
C SER A 84 9.91 4.03 1.83
N ILE A 85 8.74 4.57 2.16
CA ILE A 85 7.49 3.84 1.97
C ILE A 85 7.36 3.49 0.50
N PRO A 86 7.70 4.46 -0.36
CA PRO A 86 7.67 4.28 -1.80
C PRO A 86 8.69 3.22 -2.20
N LEU A 87 9.83 3.26 -1.52
CA LEU A 87 10.88 2.29 -1.77
C LEU A 87 10.39 0.92 -1.37
N LEU A 88 9.85 0.83 -0.15
CA LEU A 88 9.29 -0.43 0.29
C LEU A 88 8.14 -0.74 -0.65
N ILE A 89 7.44 0.31 -1.06
CA ILE A 89 6.36 0.16 -2.02
C ILE A 89 6.97 -0.46 -3.28
N GLN A 90 8.10 0.10 -3.69
CA GLN A 90 8.82 -0.42 -4.84
C GLN A 90 9.25 -1.85 -4.56
N TYR A 91 9.74 -2.07 -3.35
CA TYR A 91 10.18 -3.40 -2.93
C TYR A 91 9.02 -4.37 -2.92
N HIS A 92 7.84 -3.86 -2.54
CA HIS A 92 6.64 -4.69 -2.48
C HIS A 92 6.05 -4.89 -3.88
N GLN A 93 6.73 -4.37 -4.89
CA GLN A 93 6.27 -4.50 -6.26
C GLN A 93 7.37 -5.04 -7.17
N TYR A 94 8.61 -4.75 -6.81
CA TYR A 94 9.75 -5.19 -7.58
C TYR A 94 10.50 -6.31 -6.85
N ASN A 95 10.32 -6.37 -5.54
CA ASN A 95 10.96 -7.38 -4.72
C ASN A 95 9.97 -8.45 -4.27
N GLY A 96 9.42 -9.17 -5.24
CA GLY A 96 8.46 -10.22 -4.93
C GLY A 96 7.87 -10.08 -3.54
N GLY A 97 7.24 -8.94 -3.29
CA GLY A 97 6.65 -8.70 -1.98
C GLY A 97 5.58 -9.72 -1.65
N GLY A 98 4.93 -9.54 -0.50
CA GLY A 98 3.90 -10.47 -0.08
C GLY A 98 2.50 -9.91 -0.31
N LEU A 99 2.25 -8.72 0.20
CA LEU A 99 0.95 -8.08 0.05
C LEU A 99 0.38 -8.33 -1.35
N VAL A 100 -0.86 -7.90 -1.57
CA VAL A 100 -1.51 -8.08 -2.86
C VAL A 100 -0.48 -8.22 -3.98
N THR A 101 -0.22 -9.45 -4.39
CA THR A 101 0.75 -9.72 -5.45
C THR A 101 1.71 -8.54 -5.61
N ARG A 102 2.23 -8.06 -4.49
CA ARG A 102 3.17 -6.94 -4.53
C ARG A 102 2.53 -5.70 -5.13
N LEU A 103 3.19 -4.55 -5.00
CA LEU A 103 2.67 -3.31 -5.55
C LEU A 103 2.72 -3.37 -7.08
N ARG A 104 1.66 -2.93 -7.74
CA ARG A 104 1.62 -2.97 -9.19
C ARG A 104 1.36 -1.60 -9.80
N TYR A 105 0.18 -1.06 -9.55
CA TYR A 105 -0.20 0.23 -10.08
C TYR A 105 -0.65 1.18 -8.98
N PRO A 106 -0.11 2.40 -8.97
CA PRO A 106 -0.44 3.41 -7.97
C PRO A 106 -1.69 4.20 -8.36
N VAL A 107 -2.85 3.69 -7.95
CA VAL A 107 -4.11 4.34 -8.25
C VAL A 107 -4.45 5.41 -7.21
N CYS A 108 -3.54 6.37 -7.04
CA CYS A 108 -3.73 7.45 -6.09
C CYS A 108 -4.99 8.25 -6.41
N GLY A 109 -6.15 7.63 -6.21
CA GLY A 109 -7.40 8.30 -6.50
C GLY A 109 -7.49 8.80 -7.92
N ALA B 2 -2.29 -7.69 11.89
CA ALA B 2 -3.72 -7.72 12.11
C ALA B 2 -4.24 -6.37 12.60
N ASP B 3 -3.31 -5.52 13.04
CA ASP B 3 -3.67 -4.19 13.52
C ASP B 3 -4.38 -3.39 12.44
N GLU B 5 -3.91 -4.10 8.20
CA GLU B 5 -4.20 -5.03 7.12
C GLU B 5 -3.01 -5.95 6.87
N PRO B 6 -3.12 -7.22 7.29
CA PRO B 6 -2.06 -8.21 7.13
C PRO B 6 -1.27 -8.03 5.84
N PRO B 7 -0.25 -7.16 5.87
CA PRO B 7 0.61 -6.89 4.71
C PRO B 7 1.00 -8.16 3.97
N ASN A 2 7.07 12.50 4.28
CA ASN A 2 8.10 11.70 3.62
C ASN A 2 7.77 11.52 2.14
N ASN A 3 7.60 12.63 1.43
CA ASN A 3 7.28 12.60 0.01
C ASN A 3 6.43 11.38 -0.33
N LEU A 4 5.69 10.89 0.65
CA LEU A 4 4.83 9.73 0.46
C LEU A 4 3.57 10.11 -0.30
N GLU A 5 3.03 11.28 0.03
CA GLU A 5 1.82 11.79 -0.59
C GLU A 5 2.08 12.25 -2.03
N THR A 6 3.35 12.44 -2.36
CA THR A 6 3.71 12.89 -3.70
C THR A 6 3.76 11.73 -4.69
N TYR A 7 3.57 10.51 -4.19
CA TYR A 7 3.59 9.34 -5.04
C TYR A 7 2.24 9.11 -5.70
N GLU A 8 2.20 8.18 -6.64
CA GLU A 8 0.97 7.87 -7.37
C GLU A 8 0.05 6.97 -6.56
N TRP A 9 0.12 7.07 -5.24
CA TRP A 9 -0.72 6.22 -4.41
C TRP A 9 -1.00 6.78 -3.02
N TYR A 10 -0.28 7.81 -2.59
CA TYR A 10 -0.53 8.36 -1.27
C TYR A 10 -1.57 9.47 -1.32
N ASN A 11 -2.66 9.23 -0.64
CA ASN A 11 -3.75 10.16 -0.54
C ASN A 11 -3.58 11.00 0.72
N LYS A 12 -3.84 12.29 0.60
CA LYS A 12 -3.65 13.23 1.72
C LYS A 12 -4.16 12.68 3.04
N SER A 13 -5.38 13.05 3.40
CA SER A 13 -5.98 12.62 4.66
C SER A 13 -7.46 12.30 4.48
N ILE A 14 -7.75 11.44 3.52
CA ILE A 14 -9.13 11.04 3.24
C ILE A 14 -9.50 9.77 3.99
N SER A 15 -8.90 8.66 3.59
CA SER A 15 -9.17 7.37 4.22
C SER A 15 -9.15 6.24 3.20
N ARG A 16 -8.87 5.03 3.69
CA ARG A 16 -8.80 3.86 2.83
C ARG A 16 -10.11 3.62 2.07
N ASP A 17 -11.21 4.17 2.57
CA ASP A 17 -12.50 3.98 1.93
C ASP A 17 -12.46 4.43 0.47
N LYS A 18 -11.79 5.54 0.23
CA LYS A 18 -11.64 6.03 -1.12
C LYS A 18 -10.58 5.20 -1.79
N ALA A 19 -9.52 4.93 -1.05
CA ALA A 19 -8.45 4.09 -1.54
C ALA A 19 -9.08 2.81 -2.09
N GLU A 20 -9.95 2.22 -1.26
CA GLU A 20 -10.68 1.03 -1.67
C GLU A 20 -11.66 1.41 -2.77
N LYS A 21 -12.37 2.52 -2.54
CA LYS A 21 -13.33 3.00 -3.52
C LYS A 21 -12.66 3.16 -4.88
N LEU A 22 -11.53 3.86 -4.89
CA LEU A 22 -10.78 4.05 -6.12
C LEU A 22 -10.18 2.72 -6.56
N LEU A 23 -9.62 1.97 -5.60
CA LEU A 23 -9.04 0.67 -5.91
C LEU A 23 -10.11 -0.26 -6.48
N LEU A 24 -11.32 -0.15 -5.96
CA LEU A 24 -12.43 -0.96 -6.43
C LEU A 24 -12.91 -0.47 -7.77
N ASP A 25 -13.23 0.82 -7.82
CA ASP A 25 -13.70 1.46 -9.04
C ASP A 25 -12.60 1.48 -10.09
N THR A 26 -11.37 1.64 -9.63
CA THR A 26 -10.22 1.66 -10.52
C THR A 26 -9.94 0.27 -11.09
N GLY A 27 -10.04 -0.72 -10.23
CA GLY A 27 -9.81 -2.09 -10.66
C GLY A 27 -8.54 -2.23 -11.48
N LYS A 28 -7.44 -1.69 -10.96
CA LYS A 28 -6.16 -1.77 -11.64
C LYS A 28 -5.31 -2.89 -11.06
N GLU A 29 -4.52 -3.53 -11.90
CA GLU A 29 -3.66 -4.57 -11.40
C GLU A 29 -2.87 -4.01 -10.24
N GLY A 30 -2.97 -4.65 -9.09
CA GLY A 30 -2.27 -4.16 -7.92
C GLY A 30 -2.39 -2.66 -7.76
N ALA A 31 -3.59 -2.12 -7.95
CA ALA A 31 -3.79 -0.68 -7.80
C ALA A 31 -3.67 -0.32 -6.32
N PHE A 32 -2.70 0.52 -5.97
CA PHE A 32 -2.51 0.87 -4.58
C PHE A 32 -2.57 2.37 -4.29
N MET A 33 -2.70 2.64 -3.00
CA MET A 33 -2.74 4.00 -2.47
C MET A 33 -2.26 3.94 -1.02
N VAL A 34 -1.89 5.06 -0.45
CA VAL A 34 -1.40 5.06 0.92
C VAL A 34 -1.92 6.24 1.72
N ARG A 35 -2.28 5.98 2.98
CA ARG A 35 -2.81 7.00 3.86
C ARG A 35 -1.96 7.11 5.13
N ASP A 36 -1.65 8.34 5.54
CA ASP A 36 -0.87 8.57 6.75
C ASP A 36 -1.54 7.91 7.94
N SER A 37 -0.75 7.16 8.71
CA SER A 37 -1.27 6.47 9.88
C SER A 37 -1.82 7.44 10.92
N ARG A 38 -2.68 8.37 10.48
CA ARG A 38 -3.26 9.34 11.40
C ARG A 38 -3.65 8.64 12.69
N THR A 39 -4.05 7.38 12.57
CA THR A 39 -4.43 6.57 13.71
C THR A 39 -3.47 5.39 13.87
N PRO A 40 -3.18 4.68 12.77
CA PRO A 40 -2.27 3.53 12.79
C PRO A 40 -0.87 3.90 13.27
N GLY A 41 0.13 3.21 12.73
CA GLY A 41 1.50 3.46 13.11
C GLY A 41 2.11 4.65 12.40
N THR A 42 2.30 4.52 11.08
CA THR A 42 2.89 5.59 10.30
C THR A 42 2.11 5.85 9.01
N TYR A 43 2.20 4.92 8.06
CA TYR A 43 1.50 5.06 6.78
C TYR A 43 0.78 3.78 6.38
N THR A 44 -0.39 3.93 5.77
CA THR A 44 -1.17 2.79 5.32
C THR A 44 -1.27 2.77 3.79
N VAL A 45 -1.23 1.57 3.19
CA VAL A 45 -1.28 1.45 1.75
C VAL A 45 -2.49 0.62 1.28
N SER A 46 -3.35 1.25 0.48
CA SER A 46 -4.53 0.57 -0.07
C SER A 46 -4.19 0.02 -1.45
N VAL A 47 -4.24 -1.31 -1.62
CA VAL A 47 -3.91 -1.93 -2.89
C VAL A 47 -5.05 -2.76 -3.46
N PHE A 48 -5.12 -2.78 -4.78
CA PHE A 48 -6.14 -3.53 -5.50
C PHE A 48 -5.52 -4.47 -6.52
N THR A 49 -5.66 -5.77 -6.30
CA THR A 49 -5.11 -6.78 -7.18
C THR A 49 -6.11 -7.19 -8.25
N LYS A 50 -5.63 -7.37 -9.48
CA LYS A 50 -6.50 -7.77 -10.58
C LYS A 50 -6.69 -9.28 -10.61
N ALA A 51 -7.91 -9.73 -10.37
CA ALA A 51 -8.23 -11.14 -10.36
C ALA A 51 -8.54 -11.65 -11.76
N ILE A 52 -8.27 -12.94 -11.99
CA ILE A 52 -8.53 -13.55 -13.29
C ILE A 52 -9.97 -13.31 -13.73
N ILE A 53 -10.85 -14.23 -13.34
CA ILE A 53 -12.26 -14.13 -13.68
C ILE A 53 -13.15 -14.40 -12.48
N SER A 54 -13.66 -15.62 -12.38
CA SER A 54 -14.53 -16.01 -11.27
C SER A 54 -13.87 -15.69 -9.94
N GLU A 55 -12.54 -15.68 -9.92
CA GLU A 55 -11.80 -15.38 -8.69
C GLU A 55 -12.09 -13.98 -8.20
N ASN A 56 -12.68 -13.16 -9.07
CA ASN A 56 -13.02 -11.79 -8.71
C ASN A 56 -11.79 -11.03 -8.23
N PRO A 57 -11.58 -9.80 -8.72
CA PRO A 57 -10.44 -8.97 -8.34
C PRO A 57 -10.30 -8.84 -6.83
N CYS A 58 -9.09 -9.08 -6.33
CA CYS A 58 -8.82 -8.99 -4.91
C CYS A 58 -8.00 -7.75 -4.59
N ILE A 59 -8.61 -6.83 -3.84
CA ILE A 59 -7.94 -5.59 -3.44
C ILE A 59 -7.65 -5.60 -1.95
N LYS A 60 -6.45 -5.15 -1.57
CA LYS A 60 -6.05 -5.13 -0.17
C LYS A 60 -5.20 -3.91 0.17
N HIS A 61 -5.30 -3.46 1.41
CA HIS A 61 -4.53 -2.32 1.91
C HIS A 61 -3.63 -2.75 3.06
N TYR A 62 -2.35 -2.37 3.00
CA TYR A 62 -1.42 -2.72 4.06
C TYR A 62 -0.77 -1.48 4.65
N HIS A 63 -0.68 -1.46 5.98
CA HIS A 63 -0.08 -0.35 6.68
C HIS A 63 1.43 -0.54 6.80
N ILE A 64 2.19 0.36 6.19
CA ILE A 64 3.65 0.25 6.25
C ILE A 64 4.11 0.28 7.69
N LYS A 65 4.83 -0.76 8.08
CA LYS A 65 5.32 -0.88 9.44
C LYS A 65 6.64 -0.13 9.59
N GLU A 66 6.68 0.76 10.57
CA GLU A 66 7.88 1.53 10.84
C GLU A 66 8.52 1.03 12.13
N THR A 67 9.85 1.13 12.20
CA THR A 67 10.55 0.67 13.38
C THR A 67 11.58 1.71 13.82
N ASN A 68 12.27 1.42 14.93
CA ASN A 68 13.28 2.33 15.44
C ASN A 68 14.67 1.85 15.01
N ASP A 69 14.78 0.56 14.78
CA ASP A 69 16.04 -0.05 14.35
C ASP A 69 17.17 0.97 14.36
N SER A 70 17.59 1.36 13.17
CA SER A 70 18.65 2.33 13.03
C SER A 70 19.07 2.49 11.57
N PRO A 71 18.45 3.44 10.85
CA PRO A 71 17.44 4.34 11.37
C PRO A 71 16.02 4.04 10.87
N LYS A 72 15.77 4.43 9.61
CA LYS A 72 14.46 4.29 8.95
C LYS A 72 14.03 2.88 8.69
N ARG A 73 13.04 2.44 9.45
CA ARG A 73 12.51 1.11 9.26
C ARG A 73 11.11 1.06 8.63
N TYR A 74 11.00 1.11 7.29
CA TYR A 74 9.68 1.01 6.68
C TYR A 74 9.45 -0.39 6.20
N TYR A 75 8.39 -1.00 6.67
CA TYR A 75 8.08 -2.35 6.27
C TYR A 75 6.62 -2.72 6.46
N VAL A 76 6.07 -3.39 5.46
CA VAL A 76 4.71 -3.88 5.55
C VAL A 76 4.79 -5.39 5.41
N ALA A 77 5.68 -5.93 6.24
CA ALA A 77 5.97 -7.35 6.31
C ALA A 77 7.13 -7.56 7.28
N GLU A 78 7.00 -8.46 8.23
CA GLU A 78 8.07 -8.70 9.18
C GLU A 78 9.31 -9.21 8.46
N LYS A 79 9.72 -8.46 7.45
CA LYS A 79 10.88 -8.79 6.67
C LYS A 79 11.00 -7.89 5.44
N TYR A 80 10.89 -6.59 5.68
CA TYR A 80 11.00 -5.58 4.62
C TYR A 80 10.99 -4.18 5.20
N VAL A 81 12.10 -3.79 5.82
CA VAL A 81 12.23 -2.47 6.41
C VAL A 81 13.08 -1.58 5.54
N PHE A 82 12.51 -0.47 5.09
CA PHE A 82 13.23 0.46 4.23
C PHE A 82 13.06 1.90 4.70
N ASP A 83 13.90 2.77 4.14
CA ASP A 83 13.92 4.20 4.44
C ASP A 83 12.84 4.96 3.70
N SER A 84 12.09 4.26 2.85
CA SER A 84 11.06 4.91 2.08
C SER A 84 9.88 3.99 1.84
N ILE A 85 8.73 4.41 2.35
CA ILE A 85 7.52 3.65 2.17
C ILE A 85 7.28 3.48 0.68
N PRO A 86 7.51 4.56 -0.09
CA PRO A 86 7.37 4.53 -1.55
C PRO A 86 8.34 3.56 -2.17
N LEU A 87 9.60 3.61 -1.73
CA LEU A 87 10.60 2.68 -2.23
C LEU A 87 10.15 1.29 -1.85
N LEU A 88 9.76 1.16 -0.60
CA LEU A 88 9.24 -0.09 -0.11
C LEU A 88 8.01 -0.43 -0.96
N ILE A 89 7.25 0.62 -1.27
CA ILE A 89 6.09 0.48 -2.13
C ILE A 89 6.59 -0.06 -3.47
N GLN A 90 7.65 0.57 -3.96
CA GLN A 90 8.27 0.15 -5.21
C GLN A 90 8.78 -1.27 -5.05
N TYR A 91 9.28 -1.56 -3.85
CA TYR A 91 9.78 -2.88 -3.53
C TYR A 91 8.64 -3.87 -3.58
N HIS A 92 7.50 -3.46 -3.03
CA HIS A 92 6.31 -4.28 -3.02
C HIS A 92 5.81 -4.49 -4.44
N GLN A 93 6.50 -3.90 -5.40
CA GLN A 93 6.13 -4.01 -6.81
C GLN A 93 7.30 -4.50 -7.64
N TYR A 94 8.49 -4.03 -7.29
CA TYR A 94 9.71 -4.40 -7.99
C TYR A 94 10.27 -5.71 -7.46
N ASN A 95 9.72 -6.17 -6.34
CA ASN A 95 10.17 -7.41 -5.72
C ASN A 95 8.98 -8.29 -5.34
N GLY A 96 9.26 -9.48 -4.82
CA GLY A 96 8.21 -10.39 -4.43
C GLY A 96 7.15 -9.71 -3.58
N GLY A 97 7.42 -9.60 -2.28
CA GLY A 97 6.47 -8.97 -1.39
C GLY A 97 5.57 -9.98 -0.68
N GLY A 98 4.26 -9.78 -0.81
CA GLY A 98 3.32 -10.69 -0.19
C GLY A 98 2.00 -10.00 0.17
N LEU A 99 1.58 -9.08 -0.68
CA LEU A 99 0.33 -8.35 -0.46
C LEU A 99 -0.53 -8.34 -1.70
N VAL A 100 -1.72 -8.90 -1.59
CA VAL A 100 -2.64 -8.97 -2.71
C VAL A 100 -1.89 -8.86 -4.04
N THR A 101 -0.74 -9.52 -4.11
CA THR A 101 0.09 -9.50 -5.31
C THR A 101 1.05 -8.33 -5.29
N ARG A 102 1.56 -8.01 -4.11
CA ARG A 102 2.51 -6.91 -3.94
C ARG A 102 2.05 -5.67 -4.71
N LEU A 103 2.72 -4.55 -4.45
CA LEU A 103 2.39 -3.30 -5.12
C LEU A 103 2.51 -3.45 -6.62
N ARG A 104 1.47 -3.07 -7.35
CA ARG A 104 1.47 -3.19 -8.80
C ARG A 104 1.21 -1.85 -9.47
N TYR A 105 0.05 -1.27 -9.20
CA TYR A 105 -0.34 0.01 -9.80
C TYR A 105 -0.73 1.03 -8.73
N PRO A 106 -0.20 2.26 -8.84
CA PRO A 106 -0.49 3.34 -7.90
C PRO A 106 -1.72 4.13 -8.31
N VAL A 107 -2.71 4.18 -7.43
CA VAL A 107 -3.93 4.91 -7.71
C VAL A 107 -4.26 5.91 -6.61
N CYS A 108 -3.24 6.64 -6.16
CA CYS A 108 -3.43 7.64 -5.11
C CYS A 108 -4.76 8.36 -5.28
N GLY A 109 -5.83 7.74 -4.78
CA GLY A 109 -7.15 8.33 -4.89
C GLY A 109 -7.10 9.80 -5.25
N ALA B 2 -5.93 -5.16 13.16
CA ALA B 2 -7.37 -5.07 13.44
C ALA B 2 -7.98 -3.87 12.74
N ASP B 3 -7.40 -2.69 12.96
CA ASP B 3 -7.91 -1.47 12.35
C ASP B 3 -7.69 -1.47 10.85
N GLU B 5 -5.46 -3.42 7.32
CA GLU B 5 -5.13 -4.73 6.76
C GLU B 5 -3.63 -4.84 6.50
N PRO B 6 -2.81 -4.56 7.52
CA PRO B 6 -1.35 -4.62 7.42
C PRO B 6 -0.84 -6.04 7.27
N PRO B 7 0.49 -6.21 7.23
CA PRO B 7 1.12 -7.54 7.10
C PRO B 7 0.70 -8.49 8.21
N ASN A 2 4.72 14.98 1.30
CA ASN A 2 4.77 14.02 2.39
C ASN A 2 4.85 12.59 1.86
N ASN A 3 6.02 11.98 2.00
CA ASN A 3 6.25 10.62 1.54
C ASN A 3 5.20 10.22 0.49
N LEU A 4 4.28 9.35 0.88
CA LEU A 4 3.22 8.89 -0.02
C LEU A 4 2.36 10.04 -0.52
N GLU A 5 1.89 10.85 0.41
CA GLU A 5 1.04 11.99 0.11
C GLU A 5 1.52 12.72 -1.14
N THR A 6 2.74 12.43 -1.58
CA THR A 6 3.28 13.08 -2.76
C THR A 6 3.43 12.11 -3.93
N TYR A 7 3.34 10.81 -3.64
CA TYR A 7 3.48 9.80 -4.68
C TYR A 7 2.16 9.55 -5.39
N GLU A 8 2.20 8.66 -6.37
CA GLU A 8 1.02 8.32 -7.15
C GLU A 8 0.13 7.34 -6.41
N TRP A 9 0.17 7.35 -5.10
CA TRP A 9 -0.61 6.39 -4.36
C TRP A 9 -0.97 6.83 -2.94
N TYR A 10 -0.94 8.12 -2.65
CA TYR A 10 -1.31 8.57 -1.31
C TYR A 10 -2.54 9.46 -1.34
N ASN A 11 -3.42 9.24 -0.39
CA ASN A 11 -4.63 10.03 -0.27
C ASN A 11 -4.71 10.66 1.13
N LYS A 12 -5.09 11.93 1.18
CA LYS A 12 -5.19 12.63 2.45
C LYS A 12 -5.90 11.78 3.50
N SER A 13 -6.34 12.41 4.58
CA SER A 13 -7.04 11.71 5.65
C SER A 13 -8.28 11.00 5.11
N ILE A 14 -8.49 11.10 3.80
CA ILE A 14 -9.63 10.47 3.16
C ILE A 14 -9.99 9.14 3.82
N SER A 15 -9.04 8.20 3.81
CA SER A 15 -9.26 6.89 4.41
C SER A 15 -9.05 5.80 3.37
N ARG A 16 -8.51 4.67 3.80
CA ARG A 16 -8.27 3.55 2.90
C ARG A 16 -9.56 3.13 2.22
N ASP A 17 -10.69 3.43 2.87
CA ASP A 17 -11.98 3.08 2.30
C ASP A 17 -12.13 3.76 0.96
N LYS A 18 -11.71 5.01 0.91
CA LYS A 18 -11.75 5.76 -0.33
C LYS A 18 -10.77 5.12 -1.28
N ALA A 19 -9.61 4.79 -0.71
CA ALA A 19 -8.57 4.10 -1.45
C ALA A 19 -9.19 2.88 -2.11
N GLU A 20 -9.94 2.13 -1.31
CA GLU A 20 -10.63 0.95 -1.78
C GLU A 20 -11.71 1.32 -2.79
N LYS A 21 -12.47 2.37 -2.47
CA LYS A 21 -13.55 2.81 -3.37
C LYS A 21 -12.98 3.24 -4.71
N LEU A 22 -12.01 4.12 -4.68
CA LEU A 22 -11.37 4.58 -5.90
C LEU A 22 -10.54 3.45 -6.50
N LEU A 23 -9.87 2.68 -5.64
CA LEU A 23 -9.03 1.58 -6.08
C LEU A 23 -9.86 0.48 -6.75
N LEU A 24 -10.89 0.03 -6.06
CA LEU A 24 -11.75 -1.02 -6.58
C LEU A 24 -12.54 -0.51 -7.78
N ASP A 25 -12.86 0.78 -7.76
CA ASP A 25 -13.61 1.41 -8.84
C ASP A 25 -12.79 1.45 -10.11
N THR A 26 -11.50 1.73 -9.94
CA THR A 26 -10.57 1.79 -11.07
C THR A 26 -10.41 0.43 -11.71
N GLY A 27 -10.24 -0.58 -10.87
CA GLY A 27 -10.08 -1.93 -11.36
C GLY A 27 -8.72 -2.18 -11.99
N LYS A 28 -7.69 -1.50 -11.47
CA LYS A 28 -6.34 -1.66 -11.99
C LYS A 28 -5.54 -2.63 -11.13
N GLU A 29 -5.25 -3.81 -11.66
CA GLU A 29 -4.47 -4.77 -10.90
C GLU A 29 -3.21 -4.11 -10.38
N GLY A 30 -3.02 -4.15 -9.07
CA GLY A 30 -1.86 -3.54 -8.48
C GLY A 30 -2.07 -2.10 -8.11
N ALA A 31 -3.32 -1.64 -8.14
CA ALA A 31 -3.59 -0.24 -7.80
C ALA A 31 -3.43 -0.04 -6.30
N PHE A 32 -2.47 0.81 -5.91
CA PHE A 32 -2.25 1.06 -4.49
C PHE A 32 -2.33 2.54 -4.12
N MET A 33 -2.52 2.75 -2.82
CA MET A 33 -2.59 4.08 -2.23
C MET A 33 -2.33 4.00 -0.73
N VAL A 34 -1.49 4.88 -0.19
CA VAL A 34 -1.20 4.84 1.24
C VAL A 34 -1.85 6.00 1.97
N ARG A 35 -2.48 5.68 3.08
CA ARG A 35 -3.13 6.69 3.89
C ARG A 35 -2.58 6.68 5.31
N ASP A 36 -2.38 7.88 5.86
CA ASP A 36 -1.88 8.01 7.21
C ASP A 36 -3.03 7.97 8.21
N SER A 37 -3.14 6.87 8.95
CA SER A 37 -4.20 6.71 9.93
C SER A 37 -3.88 7.44 11.23
N ARG A 38 -4.52 7.03 12.30
CA ARG A 38 -4.28 7.63 13.61
C ARG A 38 -2.86 7.34 14.00
N THR A 39 -2.58 6.08 14.31
CA THR A 39 -1.23 5.67 14.67
C THR A 39 -0.24 6.42 13.79
N PRO A 40 0.09 7.65 14.18
CA PRO A 40 0.99 8.52 13.43
C PRO A 40 2.42 8.02 13.41
N GLY A 41 2.58 6.77 13.03
CA GLY A 41 3.89 6.16 12.95
C GLY A 41 4.08 5.41 11.64
N THR A 42 2.97 4.87 11.12
CA THR A 42 3.00 4.13 9.88
C THR A 42 1.88 4.58 8.94
N TYR A 43 2.08 4.33 7.65
CA TYR A 43 1.10 4.69 6.62
C TYR A 43 0.41 3.44 6.10
N THR A 44 -0.88 3.54 5.80
CA THR A 44 -1.63 2.39 5.30
C THR A 44 -1.72 2.41 3.78
N VAL A 45 -1.11 1.43 3.14
CA VAL A 45 -1.12 1.34 1.68
C VAL A 45 -2.23 0.44 1.17
N SER A 46 -3.13 1.02 0.39
CA SER A 46 -4.23 0.29 -0.21
C SER A 46 -3.86 -0.14 -1.61
N VAL A 47 -3.86 -1.45 -1.84
CA VAL A 47 -3.50 -2.01 -3.13
C VAL A 47 -4.66 -2.79 -3.74
N PHE A 48 -4.82 -2.67 -5.07
CA PHE A 48 -5.91 -3.35 -5.76
C PHE A 48 -5.41 -4.20 -6.92
N THR A 49 -5.74 -5.49 -6.88
CA THR A 49 -5.37 -6.44 -7.92
C THR A 49 -6.59 -6.92 -8.69
N LYS A 50 -6.44 -7.06 -10.01
CA LYS A 50 -7.53 -7.51 -10.86
C LYS A 50 -7.61 -9.04 -10.88
N ALA A 51 -8.83 -9.56 -10.73
CA ALA A 51 -9.05 -10.99 -10.73
C ALA A 51 -9.68 -11.45 -12.04
N ILE A 52 -9.42 -12.70 -12.41
CA ILE A 52 -9.95 -13.26 -13.65
C ILE A 52 -11.37 -12.76 -13.90
N ILE A 53 -12.34 -13.46 -13.32
CA ILE A 53 -13.74 -13.09 -13.49
C ILE A 53 -14.62 -13.84 -12.50
N SER A 54 -14.19 -15.01 -12.09
CA SER A 54 -14.95 -15.83 -11.14
C SER A 54 -14.59 -15.46 -9.70
N GLU A 55 -13.30 -15.26 -9.45
CA GLU A 55 -12.82 -14.89 -8.12
C GLU A 55 -13.09 -13.41 -7.84
N ASN A 56 -13.02 -12.60 -8.88
CA ASN A 56 -13.24 -11.16 -8.74
C ASN A 56 -11.98 -10.46 -8.25
N PRO A 57 -11.73 -9.23 -8.72
CA PRO A 57 -10.56 -8.45 -8.33
C PRO A 57 -10.48 -8.25 -6.82
N CYS A 58 -9.33 -8.59 -6.24
CA CYS A 58 -9.14 -8.44 -4.80
C CYS A 58 -8.23 -7.27 -4.48
N ILE A 59 -8.79 -6.25 -3.83
CA ILE A 59 -8.03 -5.07 -3.44
C ILE A 59 -7.84 -5.03 -1.93
N LYS A 60 -6.60 -4.80 -1.49
CA LYS A 60 -6.32 -4.75 -0.06
C LYS A 60 -5.27 -3.70 0.28
N HIS A 61 -5.31 -3.21 1.51
CA HIS A 61 -4.36 -2.22 1.99
C HIS A 61 -3.56 -2.75 3.18
N TYR A 62 -2.33 -2.26 3.33
CA TYR A 62 -1.48 -2.67 4.44
C TYR A 62 -0.81 -1.46 5.08
N HIS A 63 -0.82 -1.41 6.40
CA HIS A 63 -0.20 -0.31 7.11
C HIS A 63 1.31 -0.45 7.09
N ILE A 64 1.98 0.48 6.42
CA ILE A 64 3.42 0.45 6.32
C ILE A 64 4.07 0.83 7.65
N LYS A 65 4.74 -0.14 8.26
CA LYS A 65 5.41 0.06 9.55
C LYS A 65 6.80 0.63 9.35
N GLU A 66 7.27 1.41 10.32
CA GLU A 66 8.60 2.01 10.25
C GLU A 66 9.54 1.38 11.28
N THR A 67 10.85 1.49 11.03
CA THR A 67 11.83 0.93 11.96
C THR A 67 13.17 1.67 11.89
N ASN A 68 14.22 1.06 12.42
CA ASN A 68 15.54 1.69 12.42
C ASN A 68 16.58 0.82 11.75
N ASP A 69 16.32 0.41 10.52
CA ASP A 69 17.29 -0.44 9.81
C ASP A 69 18.52 0.34 9.39
N SER A 70 18.51 0.87 8.17
CA SER A 70 19.64 1.61 7.68
C SER A 70 19.25 2.69 6.66
N PRO A 71 18.11 3.37 6.86
CA PRO A 71 17.21 3.19 7.98
C PRO A 71 15.86 2.59 7.56
N LYS A 72 15.58 1.35 7.91
CA LYS A 72 14.30 0.74 7.55
C LYS A 72 13.19 1.45 8.31
N ARG A 73 12.61 2.45 7.67
CA ARG A 73 11.57 3.24 8.28
C ARG A 73 10.18 2.88 7.75
N TYR A 74 10.13 2.02 6.74
CA TYR A 74 8.86 1.63 6.14
C TYR A 74 8.81 0.15 5.85
N TYR A 75 7.79 -0.50 6.37
CA TYR A 75 7.60 -1.92 6.13
C TYR A 75 6.16 -2.37 6.32
N VAL A 76 5.71 -3.20 5.39
CA VAL A 76 4.37 -3.76 5.47
C VAL A 76 4.53 -5.27 5.48
N ALA A 77 5.38 -5.70 6.39
CA ALA A 77 5.72 -7.09 6.60
C ALA A 77 6.79 -7.16 7.68
N GLU A 78 6.99 -8.30 8.29
CA GLU A 78 7.99 -8.41 9.34
C GLU A 78 9.35 -8.78 8.77
N LYS A 79 9.87 -7.87 7.98
CA LYS A 79 11.17 -8.04 7.34
C LYS A 79 11.29 -7.08 6.17
N TYR A 80 10.14 -6.67 5.65
CA TYR A 80 10.07 -5.75 4.52
C TYR A 80 10.05 -4.30 4.99
N VAL A 81 11.19 -3.79 5.45
CA VAL A 81 11.26 -2.42 5.92
C VAL A 81 12.25 -1.61 5.10
N PHE A 82 11.89 -0.36 4.84
CA PHE A 82 12.73 0.53 4.06
C PHE A 82 12.58 1.98 4.50
N ASP A 83 13.52 2.83 4.09
CA ASP A 83 13.48 4.24 4.46
C ASP A 83 12.52 5.02 3.56
N SER A 84 11.64 4.32 2.86
CA SER A 84 10.69 4.98 1.96
C SER A 84 9.56 4.03 1.55
N ILE A 85 8.33 4.40 1.92
CA ILE A 85 7.18 3.59 1.57
C ILE A 85 7.10 3.45 0.05
N PRO A 86 7.42 4.53 -0.67
CA PRO A 86 7.41 4.52 -2.14
C PRO A 86 8.35 3.45 -2.68
N LEU A 87 9.56 3.44 -2.12
CA LEU A 87 10.54 2.43 -2.50
C LEU A 87 10.05 1.10 -2.01
N LEU A 88 9.54 1.12 -0.78
CA LEU A 88 8.98 -0.07 -0.20
C LEU A 88 7.80 -0.47 -1.07
N ILE A 89 7.09 0.56 -1.56
CA ILE A 89 5.98 0.36 -2.46
C ILE A 89 6.54 -0.34 -3.69
N GLN A 90 7.64 0.21 -4.19
CA GLN A 90 8.33 -0.35 -5.33
C GLN A 90 8.83 -1.76 -5.01
N TYR A 91 9.32 -1.90 -3.78
CA TYR A 91 9.86 -3.17 -3.30
C TYR A 91 8.79 -4.23 -3.10
N HIS A 92 7.63 -3.80 -2.64
CA HIS A 92 6.52 -4.72 -2.37
C HIS A 92 6.22 -5.60 -3.58
N GLN A 93 6.58 -5.12 -4.77
CA GLN A 93 6.34 -5.89 -5.99
C GLN A 93 7.65 -6.20 -6.70
N TYR A 94 8.56 -5.24 -6.66
CA TYR A 94 9.86 -5.40 -7.29
C TYR A 94 10.63 -6.56 -6.66
N ASN A 95 10.07 -7.09 -5.58
CA ASN A 95 10.69 -8.20 -4.87
C ASN A 95 9.66 -9.28 -4.57
N GLY A 96 9.98 -10.16 -3.61
CA GLY A 96 9.07 -11.22 -3.25
C GLY A 96 7.64 -10.75 -3.14
N GLY A 97 7.31 -10.12 -2.01
CA GLY A 97 5.96 -9.62 -1.81
C GLY A 97 5.25 -10.31 -0.67
N GLY A 98 3.95 -10.50 -0.81
CA GLY A 98 3.17 -11.16 0.22
C GLY A 98 1.76 -10.60 0.34
N LEU A 99 1.50 -9.53 -0.40
CA LEU A 99 0.18 -8.89 -0.38
C LEU A 99 -0.48 -8.98 -1.75
N VAL A 100 -1.76 -8.61 -1.82
CA VAL A 100 -2.49 -8.65 -3.07
C VAL A 100 -1.60 -8.26 -4.24
N THR A 101 -0.93 -9.23 -4.82
CA THR A 101 -0.03 -8.98 -5.94
C THR A 101 0.89 -7.81 -5.63
N ARG A 102 1.16 -7.62 -4.34
CA ARG A 102 2.03 -6.55 -3.88
C ARG A 102 1.75 -5.24 -4.63
N LEU A 103 2.29 -4.14 -4.13
CA LEU A 103 2.09 -2.84 -4.77
C LEU A 103 2.53 -2.92 -6.23
N ARG A 104 1.61 -2.60 -7.14
CA ARG A 104 1.90 -2.65 -8.57
C ARG A 104 1.67 -1.31 -9.25
N TYR A 105 0.43 -0.82 -9.18
CA TYR A 105 0.06 0.44 -9.80
C TYR A 105 -0.38 1.46 -8.77
N PRO A 106 0.15 2.69 -8.86
CA PRO A 106 -0.18 3.77 -7.94
C PRO A 106 -1.31 4.65 -8.46
N VAL A 107 -2.54 4.20 -8.26
CA VAL A 107 -3.71 4.96 -8.70
C VAL A 107 -4.13 5.99 -7.66
N CYS A 108 -3.40 7.09 -7.59
CA CYS A 108 -3.70 8.15 -6.64
C CYS A 108 -4.85 9.02 -7.14
N GLY A 109 -6.06 8.46 -7.12
CA GLY A 109 -7.23 9.20 -7.56
C GLY A 109 -8.38 8.28 -7.94
N ALA B 2 -6.80 -1.97 13.23
CA ALA B 2 -5.97 -0.77 13.17
C ALA B 2 -4.53 -1.12 12.86
N ASP B 3 -4.19 -2.40 12.97
CA ASP B 3 -2.84 -2.85 12.71
C ASP B 3 -2.59 -2.97 11.21
N GLU B 5 -3.64 -4.86 7.44
CA GLU B 5 -3.30 -6.19 6.94
C GLU B 5 -1.95 -6.63 7.49
N PRO B 6 -1.95 -7.26 8.67
CA PRO B 6 -0.73 -7.72 9.32
C PRO B 6 0.26 -8.33 8.33
N PRO B 7 1.21 -7.52 7.83
CA PRO B 7 2.22 -7.98 6.89
C PRO B 7 2.67 -9.41 7.15
N ASN A 2 10.33 11.02 3.41
CA ASN A 2 9.30 10.01 3.22
C ASN A 2 8.33 10.42 2.11
N ASN A 3 8.35 11.71 1.76
CA ASN A 3 7.47 12.24 0.72
C ASN A 3 6.57 11.14 0.17
N LEU A 4 5.68 10.64 1.01
CA LEU A 4 4.74 9.59 0.62
C LEU A 4 3.58 10.17 -0.18
N GLU A 5 3.18 11.38 0.18
CA GLU A 5 2.08 12.07 -0.47
C GLU A 5 2.44 12.53 -1.88
N THR A 6 3.73 12.57 -2.19
CA THR A 6 4.18 13.01 -3.49
C THR A 6 4.21 11.86 -4.50
N TYR A 7 3.99 10.65 -4.02
CA TYR A 7 4.01 9.48 -4.88
C TYR A 7 2.66 9.28 -5.57
N GLU A 8 2.62 8.36 -6.51
CA GLU A 8 1.40 8.07 -7.26
C GLU A 8 0.47 7.15 -6.49
N TRP A 9 0.44 7.28 -5.17
CA TRP A 9 -0.41 6.42 -4.37
C TRP A 9 -0.79 7.01 -3.01
N TYR A 10 -0.16 8.11 -2.59
CA TYR A 10 -0.50 8.70 -1.30
C TYR A 10 -1.49 9.85 -1.47
N ASN A 11 -2.65 9.68 -0.87
CA ASN A 11 -3.70 10.68 -0.92
C ASN A 11 -3.90 11.33 0.45
N LYS A 12 -4.04 12.65 0.47
CA LYS A 12 -4.23 13.38 1.71
C LYS A 12 -5.69 13.41 2.12
N SER A 13 -5.95 13.17 3.41
CA SER A 13 -7.31 13.16 3.93
C SER A 13 -8.20 12.28 3.06
N ILE A 14 -7.71 11.09 2.76
CA ILE A 14 -8.44 10.14 1.94
C ILE A 14 -9.04 9.01 2.76
N SER A 15 -8.21 8.08 3.18
CA SER A 15 -8.65 6.93 3.96
C SER A 15 -8.60 5.68 3.09
N ARG A 16 -8.19 4.57 3.69
CA ARG A 16 -8.10 3.32 2.96
C ARG A 16 -9.46 2.97 2.36
N ASP A 17 -10.52 3.52 2.95
CA ASP A 17 -11.86 3.26 2.46
C ASP A 17 -12.04 3.87 1.08
N LYS A 18 -11.50 5.07 0.92
CA LYS A 18 -11.55 5.75 -0.35
C LYS A 18 -10.55 5.10 -1.26
N ALA A 19 -9.34 4.94 -0.75
CA ALA A 19 -8.29 4.29 -1.50
C ALA A 19 -8.85 2.98 -2.02
N GLU A 20 -9.46 2.21 -1.12
CA GLU A 20 -10.09 0.97 -1.50
C GLU A 20 -11.24 1.29 -2.43
N LYS A 21 -12.00 2.32 -2.09
CA LYS A 21 -13.12 2.76 -2.91
C LYS A 21 -12.66 3.00 -4.34
N LEU A 22 -11.62 3.80 -4.48
CA LEU A 22 -11.07 4.09 -5.80
C LEU A 22 -10.39 2.84 -6.37
N LEU A 23 -9.70 2.12 -5.49
CA LEU A 23 -8.99 0.91 -5.89
C LEU A 23 -9.93 -0.13 -6.45
N LEU A 24 -10.99 -0.42 -5.71
CA LEU A 24 -11.96 -1.41 -6.16
C LEU A 24 -12.84 -0.84 -7.27
N ASP A 25 -13.21 0.42 -7.13
CA ASP A 25 -14.04 1.10 -8.11
C ASP A 25 -13.28 1.29 -9.41
N THR A 26 -12.02 1.67 -9.29
CA THR A 26 -11.17 1.90 -10.46
C THR A 26 -10.95 0.61 -11.23
N GLY A 27 -10.79 -0.48 -10.48
CA GLY A 27 -10.58 -1.78 -11.10
C GLY A 27 -9.27 -1.87 -11.87
N LYS A 28 -8.22 -1.28 -11.30
CA LYS A 28 -6.91 -1.31 -11.94
C LYS A 28 -6.04 -2.39 -11.32
N GLU A 29 -5.74 -3.43 -12.09
CA GLU A 29 -4.90 -4.49 -11.57
C GLU A 29 -3.66 -3.87 -10.95
N GLY A 30 -3.43 -4.16 -9.68
CA GLY A 30 -2.28 -3.61 -9.00
C GLY A 30 -2.43 -2.14 -8.70
N ALA A 31 -3.64 -1.70 -8.36
CA ALA A 31 -3.83 -0.29 -8.04
C ALA A 31 -3.65 -0.04 -6.55
N PHE A 32 -2.65 0.76 -6.18
CA PHE A 32 -2.40 1.05 -4.78
C PHE A 32 -2.38 2.53 -4.46
N MET A 33 -2.49 2.81 -3.17
CA MET A 33 -2.44 4.17 -2.64
C MET A 33 -2.05 4.08 -1.17
N VAL A 34 -1.62 5.18 -0.56
CA VAL A 34 -1.22 5.14 0.84
C VAL A 34 -1.84 6.30 1.61
N ARG A 35 -2.43 5.99 2.76
CA ARG A 35 -3.05 7.02 3.58
C ARG A 35 -2.49 7.02 5.00
N ASP A 36 -2.47 8.20 5.60
CA ASP A 36 -1.99 8.38 6.96
C ASP A 36 -3.14 8.23 7.95
N SER A 37 -3.13 7.12 8.69
CA SER A 37 -4.18 6.86 9.67
C SER A 37 -4.06 7.81 10.86
N ARG A 38 -4.50 7.32 12.02
CA ARG A 38 -4.46 8.14 13.24
C ARG A 38 -3.69 7.41 14.34
N THR A 39 -4.38 6.53 15.05
CA THR A 39 -3.77 5.78 16.13
C THR A 39 -2.67 4.86 15.59
N PRO A 40 -2.96 3.56 15.33
CA PRO A 40 -1.98 2.63 14.79
C PRO A 40 -2.07 2.56 13.29
N GLY A 41 -1.00 2.15 12.62
CA GLY A 41 -1.06 2.08 11.20
C GLY A 41 -1.34 3.45 10.66
N THR A 42 -0.29 4.22 10.52
CA THR A 42 -0.40 5.59 10.08
C THR A 42 -0.38 5.67 8.56
N TYR A 43 0.73 5.34 7.92
CA TYR A 43 0.76 5.37 6.48
C TYR A 43 0.47 3.99 5.93
N THR A 44 -0.72 3.82 5.36
CA THR A 44 -1.11 2.54 4.80
C THR A 44 -1.40 2.65 3.32
N VAL A 45 -0.94 1.68 2.56
CA VAL A 45 -1.16 1.67 1.14
C VAL A 45 -2.32 0.77 0.73
N SER A 46 -3.29 1.36 0.04
CA SER A 46 -4.44 0.63 -0.45
C SER A 46 -4.10 0.12 -1.84
N VAL A 47 -4.17 -1.19 -2.02
CA VAL A 47 -3.81 -1.81 -3.29
C VAL A 47 -4.97 -2.61 -3.89
N PHE A 48 -5.02 -2.61 -5.21
CA PHE A 48 -6.05 -3.34 -5.94
C PHE A 48 -5.44 -4.29 -6.96
N THR A 49 -5.74 -5.57 -6.78
CA THR A 49 -5.22 -6.61 -7.67
C THR A 49 -6.32 -7.20 -8.54
N LYS A 50 -5.99 -7.47 -9.80
CA LYS A 50 -6.94 -8.03 -10.74
C LYS A 50 -7.11 -9.54 -10.50
N ALA A 51 -8.34 -9.96 -10.28
CA ALA A 51 -8.63 -11.36 -10.03
C ALA A 51 -9.28 -12.01 -11.24
N ILE A 52 -9.08 -13.32 -11.39
CA ILE A 52 -9.64 -14.08 -12.50
C ILE A 52 -11.14 -13.79 -12.64
N ILE A 53 -11.86 -14.77 -13.19
CA ILE A 53 -13.30 -14.64 -13.38
C ILE A 53 -14.04 -14.69 -12.04
N SER A 54 -14.51 -15.88 -11.68
CA SER A 54 -15.24 -16.06 -10.43
C SER A 54 -14.44 -15.53 -9.24
N GLU A 55 -13.13 -15.50 -9.39
CA GLU A 55 -12.24 -15.01 -8.33
C GLU A 55 -12.53 -13.55 -8.02
N ASN A 56 -13.09 -12.84 -8.98
CA ASN A 56 -13.42 -11.42 -8.81
C ASN A 56 -12.20 -10.64 -8.33
N PRO A 57 -11.99 -9.44 -8.89
CA PRO A 57 -10.85 -8.60 -8.51
C PRO A 57 -10.73 -8.43 -7.01
N CYS A 58 -9.53 -8.70 -6.49
CA CYS A 58 -9.29 -8.58 -5.05
C CYS A 58 -8.33 -7.43 -4.76
N ILE A 59 -8.83 -6.41 -4.07
CA ILE A 59 -8.02 -5.25 -3.72
C ILE A 59 -7.77 -5.21 -2.21
N LYS A 60 -6.55 -4.83 -1.82
CA LYS A 60 -6.21 -4.77 -0.40
C LYS A 60 -5.30 -3.59 -0.06
N HIS A 61 -5.33 -3.20 1.21
CA HIS A 61 -4.51 -2.10 1.71
C HIS A 61 -3.56 -2.61 2.80
N TYR A 62 -2.47 -1.90 3.02
CA TYR A 62 -1.50 -2.30 4.05
C TYR A 62 -0.84 -1.09 4.69
N HIS A 63 -0.83 -1.09 6.02
CA HIS A 63 -0.20 -0.03 6.76
C HIS A 63 1.30 -0.26 6.84
N ILE A 64 2.08 0.61 6.24
CA ILE A 64 3.52 0.45 6.28
C ILE A 64 4.01 0.62 7.72
N LYS A 65 4.68 -0.41 8.22
CA LYS A 65 5.18 -0.39 9.58
C LYS A 65 6.52 0.29 9.66
N GLU A 66 6.69 1.12 10.70
CA GLU A 66 7.93 1.84 10.91
C GLU A 66 8.92 0.99 11.71
N THR A 67 10.20 1.19 11.45
CA THR A 67 11.23 0.43 12.14
C THR A 67 12.36 1.34 12.62
N ASN A 68 13.56 0.78 12.69
CA ASN A 68 14.72 1.54 13.15
C ASN A 68 15.57 1.98 11.97
N ASP A 69 16.21 1.01 11.32
CA ASP A 69 17.07 1.29 10.18
C ASP A 69 16.98 2.76 9.79
N SER A 70 18.09 3.46 9.95
CA SER A 70 18.13 4.89 9.62
C SER A 70 18.37 5.12 8.13
N PRO A 71 17.30 5.43 7.37
CA PRO A 71 15.94 5.56 7.85
C PRO A 71 15.06 4.38 7.46
N LYS A 72 15.69 3.26 7.09
CA LYS A 72 14.96 2.06 6.67
C LYS A 72 13.93 1.62 7.71
N ARG A 73 12.98 2.50 8.04
CA ARG A 73 11.96 2.17 9.02
C ARG A 73 10.58 1.90 8.42
N TYR A 74 10.51 1.33 7.22
CA TYR A 74 9.22 1.08 6.61
C TYR A 74 9.04 -0.38 6.25
N TYR A 75 7.95 -0.96 6.74
CA TYR A 75 7.65 -2.35 6.42
C TYR A 75 6.19 -2.68 6.59
N VAL A 76 5.68 -3.43 5.62
CA VAL A 76 4.32 -3.92 5.68
C VAL A 76 4.39 -5.42 5.53
N ALA A 77 5.24 -5.98 6.38
CA ALA A 77 5.52 -7.40 6.44
C ALA A 77 6.62 -7.62 7.48
N GLU A 78 6.78 -8.83 7.97
CA GLU A 78 7.77 -9.10 8.99
C GLU A 78 9.14 -9.42 8.39
N LYS A 79 9.68 -8.45 7.69
CA LYS A 79 11.01 -8.59 7.08
C LYS A 79 11.23 -7.51 6.01
N TYR A 80 10.12 -6.94 5.53
CA TYR A 80 10.19 -5.89 4.52
C TYR A 80 10.26 -4.51 5.16
N VAL A 81 11.44 -4.15 5.65
CA VAL A 81 11.65 -2.86 6.29
C VAL A 81 12.48 -1.97 5.38
N PHE A 82 12.04 -0.73 5.20
CA PHE A 82 12.76 0.19 4.32
C PHE A 82 12.68 1.63 4.79
N ASP A 83 13.61 2.46 4.30
CA ASP A 83 13.67 3.87 4.66
C ASP A 83 12.65 4.70 3.88
N SER A 84 11.82 4.05 3.09
CA SER A 84 10.83 4.76 2.29
C SER A 84 9.65 3.85 1.96
N ILE A 85 8.44 4.33 2.29
CA ILE A 85 7.26 3.58 1.97
C ILE A 85 7.21 3.35 0.48
N PRO A 86 7.62 4.37 -0.28
CA PRO A 86 7.68 4.32 -1.74
C PRO A 86 8.67 3.27 -2.21
N LEU A 87 9.86 3.28 -1.61
CA LEU A 87 10.86 2.29 -1.96
C LEU A 87 10.34 0.94 -1.53
N LEU A 88 9.78 0.91 -0.33
CA LEU A 88 9.17 -0.30 0.17
C LEU A 88 8.03 -0.62 -0.78
N ILE A 89 7.35 0.43 -1.22
CA ILE A 89 6.28 0.32 -2.19
C ILE A 89 6.89 -0.31 -3.43
N GLN A 90 8.05 0.21 -3.81
CA GLN A 90 8.79 -0.30 -4.95
C GLN A 90 9.15 -1.75 -4.68
N TYR A 91 9.56 -2.02 -3.45
CA TYR A 91 9.90 -3.36 -3.04
C TYR A 91 8.66 -4.24 -3.15
N HIS A 92 7.53 -3.64 -2.83
CA HIS A 92 6.24 -4.34 -2.89
C HIS A 92 5.84 -4.65 -4.34
N GLN A 93 6.51 -4.03 -5.30
CA GLN A 93 6.20 -4.28 -6.70
C GLN A 93 7.36 -5.01 -7.39
N TYR A 94 8.52 -4.92 -6.78
CA TYR A 94 9.72 -5.57 -7.32
C TYR A 94 9.81 -7.02 -6.88
N ASN A 95 9.54 -7.26 -5.61
CA ASN A 95 9.58 -8.59 -5.04
C ASN A 95 8.22 -9.27 -5.09
N GLY A 96 8.02 -10.23 -4.19
CA GLY A 96 6.77 -10.95 -4.13
C GLY A 96 5.94 -10.57 -2.92
N GLY A 97 6.55 -10.66 -1.75
CA GLY A 97 5.85 -10.31 -0.52
C GLY A 97 4.48 -10.95 -0.41
N GLY A 98 3.71 -10.53 0.58
CA GLY A 98 2.38 -11.08 0.79
C GLY A 98 1.29 -10.13 0.32
N LEU A 99 1.20 -8.98 0.97
CA LEU A 99 0.19 -7.98 0.61
C LEU A 99 -0.36 -8.23 -0.79
N VAL A 100 -1.67 -8.06 -0.97
CA VAL A 100 -2.30 -8.26 -2.27
C VAL A 100 -1.31 -7.98 -3.38
N THR A 101 -0.50 -8.97 -3.72
CA THR A 101 0.49 -8.80 -4.77
C THR A 101 1.36 -7.59 -4.46
N ARG A 102 1.63 -7.38 -3.18
CA ARG A 102 2.43 -6.26 -2.72
C ARG A 102 2.02 -4.98 -3.45
N LEU A 103 2.97 -4.36 -4.16
CA LEU A 103 2.69 -3.15 -4.90
C LEU A 103 2.83 -3.40 -6.39
N ARG A 104 1.82 -2.99 -7.16
CA ARG A 104 1.85 -3.18 -8.60
C ARG A 104 1.67 -1.86 -9.32
N TYR A 105 0.47 -1.30 -9.21
CA TYR A 105 0.14 -0.04 -9.86
C TYR A 105 -0.42 0.99 -8.86
N PRO A 106 0.14 2.19 -8.83
CA PRO A 106 -0.30 3.25 -7.93
C PRO A 106 -1.56 3.93 -8.44
N VAL A 107 -2.69 3.63 -7.81
CA VAL A 107 -3.96 4.23 -8.21
C VAL A 107 -4.21 5.53 -7.47
N CYS A 108 -3.13 6.24 -7.14
CA CYS A 108 -3.23 7.51 -6.43
C CYS A 108 -4.42 8.32 -6.94
N GLY A 109 -5.52 8.28 -6.21
CA GLY A 109 -6.71 9.01 -6.62
C GLY A 109 -7.50 9.51 -5.42
N ALA B 2 -6.83 -3.27 13.83
CA ALA B 2 -5.84 -2.41 14.48
C ALA B 2 -4.51 -2.44 13.73
N ASP B 3 -4.00 -3.64 13.50
CA ASP B 3 -2.73 -3.80 12.79
C ASP B 3 -2.76 -3.07 11.46
N GLU B 5 -4.45 -4.20 8.95
CA GLU B 5 -4.64 -5.24 7.94
C GLU B 5 -3.51 -5.20 6.91
N PRO B 6 -2.28 -4.94 7.37
CA PRO B 6 -1.11 -4.86 6.50
C PRO B 6 -0.46 -6.25 6.29
N PRO B 7 0.85 -6.42 6.55
CA PRO B 7 1.51 -7.71 6.37
C PRO B 7 1.11 -8.73 7.44
N ASN A 2 6.30 15.23 2.65
CA ASN A 2 6.72 14.04 3.38
C ASN A 2 7.38 13.05 2.44
N ASN A 3 7.06 13.15 1.16
CA ASN A 3 7.61 12.28 0.15
C ASN A 3 6.63 11.19 -0.23
N LEU A 4 5.94 10.66 0.78
CA LEU A 4 4.95 9.62 0.59
C LEU A 4 3.71 10.16 -0.14
N GLU A 5 3.21 11.27 0.34
CA GLU A 5 2.03 11.92 -0.24
C GLU A 5 2.31 12.43 -1.65
N THR A 6 3.58 12.49 -2.02
CA THR A 6 3.97 12.97 -3.34
C THR A 6 3.99 11.85 -4.38
N TYR A 7 3.81 10.62 -3.93
CA TYR A 7 3.83 9.48 -4.84
C TYR A 7 2.46 9.26 -5.48
N GLU A 8 2.41 8.30 -6.40
CA GLU A 8 1.18 7.98 -7.10
C GLU A 8 0.28 7.07 -6.28
N TRP A 9 0.35 7.19 -4.96
CA TRP A 9 -0.47 6.33 -4.12
C TRP A 9 -0.82 6.96 -2.77
N TYR A 10 -0.10 7.99 -2.36
CA TYR A 10 -0.38 8.62 -1.08
C TYR A 10 -1.26 9.84 -1.26
N ASN A 11 -2.43 9.78 -0.63
CA ASN A 11 -3.39 10.86 -0.69
C ASN A 11 -3.24 11.76 0.54
N LYS A 12 -3.31 13.06 0.32
CA LYS A 12 -3.15 14.05 1.39
C LYS A 12 -3.94 13.67 2.64
N SER A 13 -5.22 13.38 2.47
CA SER A 13 -6.06 13.02 3.60
C SER A 13 -7.52 12.82 3.18
N ILE A 14 -7.77 11.78 2.40
CA ILE A 14 -9.11 11.47 1.94
C ILE A 14 -9.71 10.31 2.74
N SER A 15 -9.12 9.12 2.60
CA SER A 15 -9.58 7.94 3.31
C SER A 15 -9.35 6.68 2.47
N ARG A 16 -8.75 5.66 3.08
CA ARG A 16 -8.48 4.41 2.40
C ARG A 16 -9.77 3.80 1.85
N ASP A 17 -10.90 4.17 2.44
CA ASP A 17 -12.18 3.65 2.00
C ASP A 17 -12.47 4.15 0.59
N LYS A 18 -12.14 5.42 0.37
CA LYS A 18 -12.31 6.02 -0.94
C LYS A 18 -11.25 5.45 -1.87
N ALA A 19 -10.06 5.28 -1.30
CA ALA A 19 -8.96 4.70 -2.02
C ALA A 19 -9.35 3.30 -2.46
N GLU A 20 -9.86 2.53 -1.51
CA GLU A 20 -10.33 1.19 -1.79
C GLU A 20 -11.50 1.27 -2.74
N LYS A 21 -12.45 2.12 -2.40
CA LYS A 21 -13.62 2.34 -3.25
C LYS A 21 -13.15 2.69 -4.64
N LEU A 22 -12.15 3.56 -4.70
CA LEU A 22 -11.57 3.97 -5.96
C LEU A 22 -10.84 2.80 -6.59
N LEU A 23 -10.13 2.04 -5.77
CA LEU A 23 -9.40 0.88 -6.24
C LEU A 23 -10.36 -0.14 -6.84
N LEU A 24 -11.41 -0.47 -6.09
CA LEU A 24 -12.40 -1.42 -6.58
C LEU A 24 -13.10 -0.86 -7.80
N ASP A 25 -13.62 0.35 -7.66
CA ASP A 25 -14.31 1.03 -8.75
C ASP A 25 -13.34 1.27 -9.90
N THR A 26 -12.09 1.54 -9.55
CA THR A 26 -11.05 1.79 -10.53
C THR A 26 -10.72 0.51 -11.29
N GLY A 27 -10.51 -0.56 -10.54
CA GLY A 27 -10.22 -1.84 -11.15
C GLY A 27 -8.87 -1.85 -11.86
N LYS A 28 -7.81 -1.57 -11.12
CA LYS A 28 -6.46 -1.57 -11.68
C LYS A 28 -5.64 -2.73 -11.14
N GLU A 29 -4.78 -3.29 -11.98
CA GLU A 29 -3.93 -4.37 -11.52
C GLU A 29 -3.00 -3.81 -10.46
N GLY A 30 -3.03 -4.42 -9.28
CA GLY A 30 -2.20 -3.95 -8.19
C GLY A 30 -2.29 -2.46 -8.00
N ALA A 31 -3.50 -1.91 -8.05
CA ALA A 31 -3.67 -0.48 -7.86
C ALA A 31 -3.57 -0.15 -6.38
N PHE A 32 -2.59 0.67 -6.01
CA PHE A 32 -2.41 1.00 -4.60
C PHE A 32 -2.43 2.49 -4.30
N MET A 33 -2.61 2.76 -3.02
CA MET A 33 -2.61 4.11 -2.47
C MET A 33 -2.16 4.01 -1.02
N VAL A 34 -1.80 5.12 -0.40
CA VAL A 34 -1.36 5.07 0.98
C VAL A 34 -1.90 6.26 1.78
N ARG A 35 -2.48 5.94 2.93
CA ARG A 35 -3.08 6.94 3.79
C ARG A 35 -2.47 6.92 5.18
N ASP A 36 -2.37 8.09 5.79
CA ASP A 36 -1.84 8.20 7.14
C ASP A 36 -2.98 8.08 8.15
N SER A 37 -3.04 6.96 8.85
CA SER A 37 -4.08 6.71 9.82
C SER A 37 -3.71 7.26 11.19
N ARG A 38 -4.43 6.81 12.22
CA ARG A 38 -4.15 7.23 13.58
C ARG A 38 -2.76 6.78 13.95
N THR A 39 -2.58 5.47 14.06
CA THR A 39 -1.27 4.91 14.38
C THR A 39 -0.19 5.87 13.89
N PRO A 40 0.01 6.96 14.64
CA PRO A 40 0.98 8.00 14.28
C PRO A 40 2.41 7.51 14.29
N GLY A 41 2.85 7.03 13.13
CA GLY A 41 4.19 6.52 12.98
C GLY A 41 4.41 5.92 11.61
N THR A 42 3.36 5.31 11.06
CA THR A 42 3.44 4.69 9.75
C THR A 42 2.34 5.20 8.82
N TYR A 43 2.36 4.70 7.59
CA TYR A 43 1.37 5.07 6.57
C TYR A 43 0.70 3.82 6.04
N THR A 44 -0.59 3.91 5.74
CA THR A 44 -1.33 2.75 5.24
C THR A 44 -1.42 2.79 3.73
N VAL A 45 -1.22 1.63 3.11
CA VAL A 45 -1.27 1.53 1.66
C VAL A 45 -2.46 0.70 1.18
N SER A 46 -3.33 1.33 0.40
CA SER A 46 -4.49 0.66 -0.17
C SER A 46 -4.14 0.13 -1.55
N VAL A 47 -4.12 -1.20 -1.71
CA VAL A 47 -3.77 -1.81 -2.97
C VAL A 47 -4.88 -2.67 -3.55
N PHE A 48 -4.95 -2.70 -4.87
CA PHE A 48 -5.95 -3.49 -5.56
C PHE A 48 -5.28 -4.42 -6.57
N THR A 49 -5.45 -5.73 -6.37
CA THR A 49 -4.88 -6.72 -7.24
C THR A 49 -5.95 -7.38 -8.11
N LYS A 50 -5.65 -7.54 -9.40
CA LYS A 50 -6.59 -8.15 -10.31
C LYS A 50 -6.66 -9.66 -10.10
N ALA A 51 -7.81 -10.13 -9.64
CA ALA A 51 -8.01 -11.55 -9.39
C ALA A 51 -8.91 -12.17 -10.46
N ILE A 52 -8.48 -13.29 -11.01
CA ILE A 52 -9.24 -13.99 -12.05
C ILE A 52 -10.36 -14.82 -11.41
N ILE A 53 -11.43 -15.01 -12.17
CA ILE A 53 -12.57 -15.79 -11.69
C ILE A 53 -13.78 -14.89 -11.39
N SER A 54 -14.95 -15.51 -11.34
CA SER A 54 -16.19 -14.80 -11.05
C SER A 54 -16.13 -14.09 -9.71
N GLU A 55 -15.30 -14.59 -8.81
CA GLU A 55 -15.16 -13.99 -7.48
C GLU A 55 -14.67 -12.56 -7.56
N ASN A 56 -14.15 -12.18 -8.72
CA ASN A 56 -13.66 -10.81 -8.93
C ASN A 56 -12.23 -10.67 -8.42
N PRO A 57 -11.68 -9.45 -8.50
CA PRO A 57 -10.31 -9.16 -8.07
C PRO A 57 -10.20 -9.01 -6.55
N CYS A 58 -8.96 -8.99 -6.07
CA CYS A 58 -8.69 -8.85 -4.64
C CYS A 58 -7.95 -7.55 -4.35
N ILE A 59 -8.56 -6.69 -3.56
CA ILE A 59 -7.97 -5.41 -3.20
C ILE A 59 -7.57 -5.40 -1.72
N LYS A 60 -6.34 -4.97 -1.44
CA LYS A 60 -5.86 -4.96 -0.06
C LYS A 60 -4.97 -3.75 0.25
N HIS A 61 -5.06 -3.29 1.49
CA HIS A 61 -4.27 -2.15 1.97
C HIS A 61 -3.40 -2.58 3.14
N TYR A 62 -2.22 -1.99 3.29
CA TYR A 62 -1.33 -2.34 4.40
C TYR A 62 -0.64 -1.10 4.98
N HIS A 63 -0.57 -1.06 6.32
CA HIS A 63 0.08 0.04 7.02
C HIS A 63 1.58 -0.20 7.07
N ILE A 64 2.35 0.68 6.45
CA ILE A 64 3.79 0.53 6.43
C ILE A 64 4.33 0.42 7.86
N LYS A 65 4.95 -0.70 8.16
CA LYS A 65 5.49 -0.93 9.50
C LYS A 65 6.88 -0.33 9.63
N GLU A 66 7.05 0.50 10.64
CA GLU A 66 8.32 1.14 10.92
C GLU A 66 8.92 0.56 12.19
N THR A 67 10.25 0.51 12.25
CA THR A 67 10.92 -0.02 13.42
C THR A 67 11.74 1.05 14.12
N ASN A 68 12.98 0.69 14.48
CA ASN A 68 13.87 1.63 15.15
C ASN A 68 15.15 1.83 14.35
N ASP A 69 14.99 1.99 13.04
CA ASP A 69 16.13 2.18 12.15
C ASP A 69 16.69 3.60 12.25
N SER A 70 16.57 4.36 11.16
CA SER A 70 17.08 5.72 11.14
C SER A 70 16.11 6.70 10.50
N PRO A 71 14.83 6.33 10.30
CA PRO A 71 14.26 5.04 10.65
C PRO A 71 14.00 4.16 9.43
N LYS A 72 15.04 3.93 8.63
CA LYS A 72 14.93 3.12 7.42
C LYS A 72 14.24 1.79 7.63
N ARG A 73 13.36 1.75 8.61
CA ARG A 73 12.65 0.52 8.88
C ARG A 73 11.18 0.54 8.45
N TYR A 74 10.90 0.76 7.17
CA TYR A 74 9.52 0.74 6.70
C TYR A 74 9.22 -0.60 6.10
N TYR A 75 8.20 -1.25 6.60
CA TYR A 75 7.86 -2.55 6.08
C TYR A 75 6.39 -2.87 6.10
N VAL A 76 5.94 -3.47 5.00
CA VAL A 76 4.58 -3.94 4.89
C VAL A 76 4.72 -5.44 4.71
N ALA A 77 5.49 -5.99 5.65
CA ALA A 77 5.83 -7.40 5.70
C ALA A 77 6.80 -7.61 6.86
N GLU A 78 6.96 -8.84 7.33
CA GLU A 78 7.84 -9.09 8.46
C GLU A 78 9.33 -9.06 8.09
N LYS A 79 9.77 -7.91 7.62
CA LYS A 79 11.17 -7.71 7.24
C LYS A 79 11.30 -6.83 6.01
N TYR A 80 10.21 -6.70 5.27
CA TYR A 80 10.22 -5.87 4.09
C TYR A 80 10.23 -4.41 4.52
N VAL A 81 11.19 -4.07 5.38
CA VAL A 81 11.32 -2.73 5.88
C VAL A 81 12.42 -1.99 5.15
N PHE A 82 12.13 -0.75 4.84
CA PHE A 82 13.08 0.08 4.14
C PHE A 82 12.99 1.52 4.61
N ASP A 83 13.99 2.33 4.24
CA ASP A 83 14.04 3.74 4.61
C ASP A 83 13.17 4.59 3.70
N SER A 84 12.31 3.94 2.93
CA SER A 84 11.44 4.66 2.02
C SER A 84 10.16 3.87 1.78
N ILE A 85 9.05 4.44 2.21
CA ILE A 85 7.77 3.77 2.03
C ILE A 85 7.56 3.53 0.54
N PRO A 86 7.91 4.54 -0.27
CA PRO A 86 7.79 4.45 -1.73
C PRO A 86 8.72 3.39 -2.28
N LEU A 87 9.97 3.41 -1.83
CA LEU A 87 10.93 2.40 -2.25
C LEU A 87 10.42 1.07 -1.77
N LEU A 88 9.90 1.08 -0.56
CA LEU A 88 9.30 -0.10 0.02
C LEU A 88 8.17 -0.52 -0.91
N ILE A 89 7.40 0.48 -1.33
CA ILE A 89 6.33 0.24 -2.28
C ILE A 89 6.97 -0.36 -3.53
N GLN A 90 8.08 0.25 -3.95
CA GLN A 90 8.83 -0.22 -5.10
C GLN A 90 9.31 -1.63 -4.86
N TYR A 91 9.74 -1.89 -3.63
CA TYR A 91 10.21 -3.20 -3.24
C TYR A 91 9.08 -4.20 -3.25
N HIS A 92 7.90 -3.74 -2.83
CA HIS A 92 6.72 -4.60 -2.78
C HIS A 92 6.03 -4.68 -4.14
N GLN A 93 6.54 -3.95 -5.12
CA GLN A 93 5.95 -3.97 -6.46
C GLN A 93 6.90 -4.66 -7.44
N TYR A 94 8.19 -4.60 -7.13
CA TYR A 94 9.20 -5.20 -7.98
C TYR A 94 9.76 -6.46 -7.35
N ASN A 95 9.79 -6.47 -6.02
CA ASN A 95 10.30 -7.63 -5.28
C ASN A 95 9.17 -8.57 -4.90
N GLY A 96 9.48 -9.55 -4.05
CA GLY A 96 8.48 -10.50 -3.62
C GLY A 96 7.25 -9.83 -3.06
N GLY A 97 7.46 -8.81 -2.23
CA GLY A 97 6.36 -8.09 -1.63
C GLY A 97 5.68 -8.88 -0.54
N GLY A 98 5.26 -10.10 -0.85
CA GLY A 98 4.60 -10.94 0.12
C GLY A 98 3.26 -10.38 0.55
N LEU A 99 2.89 -9.24 -0.02
CA LEU A 99 1.63 -8.59 0.30
C LEU A 99 0.63 -8.76 -0.84
N VAL A 100 -0.40 -7.93 -0.85
CA VAL A 100 -1.43 -7.98 -1.88
C VAL A 100 -0.81 -8.04 -3.28
N THR A 101 -0.24 -9.20 -3.61
CA THR A 101 0.39 -9.39 -4.91
C THR A 101 1.37 -8.27 -5.22
N ARG A 102 2.09 -7.82 -4.18
CA ARG A 102 3.09 -6.76 -4.34
C ARG A 102 2.44 -5.50 -4.91
N LEU A 103 3.16 -4.38 -4.83
CA LEU A 103 2.67 -3.12 -5.36
C LEU A 103 2.73 -3.17 -6.89
N ARG A 104 1.65 -2.76 -7.55
CA ARG A 104 1.61 -2.80 -9.00
C ARG A 104 1.31 -1.43 -9.61
N TYR A 105 0.14 -0.89 -9.31
CA TYR A 105 -0.25 0.41 -9.87
C TYR A 105 -0.60 1.40 -8.78
N PRO A 106 0.03 2.58 -8.80
CA PRO A 106 -0.22 3.64 -7.85
C PRO A 106 -1.27 4.62 -8.36
N VAL A 107 -2.53 4.19 -8.35
CA VAL A 107 -3.62 5.01 -8.82
C VAL A 107 -4.34 5.69 -7.67
N CYS A 108 -3.61 6.46 -6.87
CA CYS A 108 -4.18 7.16 -5.73
C CYS A 108 -5.47 7.87 -6.12
N GLY A 109 -6.49 7.72 -5.27
CA GLY A 109 -7.77 8.35 -5.54
C GLY A 109 -7.93 8.72 -7.00
N ALA B 2 -5.68 -3.94 13.74
CA ALA B 2 -6.07 -2.55 13.91
C ALA B 2 -5.29 -1.65 12.95
N ASP B 3 -3.96 -1.79 12.97
CA ASP B 3 -3.10 -0.99 12.11
C ASP B 3 -3.41 -1.25 10.63
N GLU B 5 -5.40 -4.81 8.22
CA GLU B 5 -5.33 -6.24 7.97
C GLU B 5 -3.89 -6.66 7.67
N PRO B 6 -3.39 -6.33 6.47
CA PRO B 6 -2.02 -6.67 6.07
C PRO B 6 -1.02 -5.63 6.56
N PRO B 7 0.26 -5.81 6.24
CA PRO B 7 1.32 -4.88 6.64
C PRO B 7 0.96 -3.43 6.34
N ASN A 2 5.24 15.45 3.17
CA ASN A 2 5.00 14.08 3.65
C ASN A 2 5.96 13.12 2.98
N ASN A 3 5.53 12.60 1.84
CA ASN A 3 6.34 11.65 1.08
C ASN A 3 5.54 11.03 -0.05
N LEU A 4 4.70 10.07 0.30
CA LEU A 4 3.86 9.38 -0.67
C LEU A 4 2.77 10.29 -1.19
N GLU A 5 2.21 11.07 -0.30
CA GLU A 5 1.14 12.00 -0.64
C GLU A 5 1.42 12.69 -1.97
N THR A 6 2.69 12.70 -2.37
CA THR A 6 3.09 13.32 -3.62
C THR A 6 3.37 12.27 -4.69
N TYR A 7 3.28 11.00 -4.31
CA TYR A 7 3.53 9.91 -5.23
C TYR A 7 2.29 9.58 -6.04
N GLU A 8 2.42 8.60 -6.92
CA GLU A 8 1.32 8.17 -7.77
C GLU A 8 0.41 7.20 -7.04
N TRP A 9 0.39 7.26 -5.72
CA TRP A 9 -0.43 6.31 -4.99
C TRP A 9 -0.75 6.75 -3.56
N TYR A 10 -0.80 8.05 -3.30
CA TYR A 10 -1.15 8.52 -1.97
C TYR A 10 -2.42 9.34 -2.02
N ASN A 11 -3.31 9.11 -1.07
CA ASN A 11 -4.55 9.86 -1.02
C ASN A 11 -4.74 10.54 0.33
N LYS A 12 -5.18 11.79 0.28
CA LYS A 12 -5.39 12.60 1.49
C LYS A 12 -6.12 11.83 2.57
N SER A 13 -7.16 12.46 3.12
CA SER A 13 -7.95 11.87 4.20
C SER A 13 -8.84 10.73 3.68
N ILE A 14 -8.63 10.33 2.44
CA ILE A 14 -9.41 9.24 1.86
C ILE A 14 -8.98 7.90 2.43
N SER A 15 -9.38 7.63 3.67
CA SER A 15 -9.05 6.39 4.35
C SER A 15 -8.95 5.24 3.36
N ARG A 16 -8.42 4.11 3.81
CA ARG A 16 -8.28 2.94 2.96
C ARG A 16 -9.64 2.52 2.42
N ASP A 17 -10.69 2.82 3.18
CA ASP A 17 -12.04 2.47 2.73
C ASP A 17 -12.40 3.29 1.52
N LYS A 18 -12.01 4.55 1.55
CA LYS A 18 -12.24 5.46 0.43
C LYS A 18 -11.27 5.12 -0.68
N ALA A 19 -10.02 4.87 -0.27
CA ALA A 19 -8.99 4.48 -1.20
C ALA A 19 -9.40 3.19 -1.87
N GLU A 20 -9.87 2.24 -1.06
CA GLU A 20 -10.34 0.97 -1.55
C GLU A 20 -11.61 1.19 -2.37
N LYS A 21 -12.53 1.94 -1.78
CA LYS A 21 -13.79 2.26 -2.45
C LYS A 21 -13.48 2.87 -3.80
N LEU A 22 -12.63 3.89 -3.79
CA LEU A 22 -12.22 4.55 -5.02
C LEU A 22 -11.36 3.61 -5.85
N LEU A 23 -10.49 2.86 -5.18
CA LEU A 23 -9.60 1.93 -5.85
C LEU A 23 -10.39 0.86 -6.60
N LEU A 24 -11.46 0.39 -6.00
CA LEU A 24 -12.29 -0.65 -6.61
C LEU A 24 -12.77 -0.18 -7.98
N ASP A 25 -12.97 1.13 -8.12
CA ASP A 25 -13.43 1.71 -9.37
C ASP A 25 -12.37 1.58 -10.46
N THR A 26 -11.10 1.69 -10.04
CA THR A 26 -9.99 1.58 -10.97
C THR A 26 -10.00 0.25 -11.68
N GLY A 27 -10.23 -0.81 -10.92
CA GLY A 27 -10.27 -2.14 -11.49
C GLY A 27 -8.95 -2.57 -12.10
N LYS A 28 -7.88 -1.89 -11.73
CA LYS A 28 -6.56 -2.21 -12.25
C LYS A 28 -5.78 -3.07 -11.27
N GLU A 29 -5.48 -4.30 -11.66
CA GLU A 29 -4.74 -5.19 -10.79
C GLU A 29 -3.45 -4.50 -10.35
N GLY A 30 -3.26 -4.39 -9.04
CA GLY A 30 -2.06 -3.75 -8.54
C GLY A 30 -2.27 -2.28 -8.25
N ALA A 31 -3.52 -1.82 -8.26
CA ALA A 31 -3.75 -0.41 -7.99
C ALA A 31 -3.53 -0.12 -6.51
N PHE A 32 -2.56 0.74 -6.20
CA PHE A 32 -2.27 1.04 -4.81
C PHE A 32 -2.31 2.53 -4.48
N MET A 33 -2.46 2.79 -3.18
CA MET A 33 -2.50 4.15 -2.64
C MET A 33 -2.18 4.11 -1.14
N VAL A 34 -1.32 5.01 -0.66
CA VAL A 34 -0.97 5.02 0.75
C VAL A 34 -1.49 6.26 1.45
N ARG A 35 -2.00 6.07 2.65
CA ARG A 35 -2.52 7.17 3.44
C ARG A 35 -1.82 7.24 4.79
N ASP A 36 -1.52 8.47 5.23
CA ASP A 36 -0.87 8.67 6.51
C ASP A 36 -1.91 8.82 7.62
N SER A 37 -2.01 7.81 8.47
CA SER A 37 -2.98 7.83 9.56
C SER A 37 -2.38 8.47 10.81
N ARG A 38 -3.21 8.58 11.85
CA ARG A 38 -2.76 9.18 13.11
C ARG A 38 -2.72 8.11 14.21
N THR A 39 -3.77 7.30 14.29
CA THR A 39 -3.86 6.25 15.29
C THR A 39 -2.88 5.13 14.96
N PRO A 40 -2.93 4.61 13.72
CA PRO A 40 -2.05 3.54 13.27
C PRO A 40 -0.59 3.83 13.53
N GLY A 41 0.28 3.24 12.73
CA GLY A 41 1.71 3.46 12.88
C GLY A 41 2.21 4.67 12.10
N THR A 42 2.28 4.52 10.79
CA THR A 42 2.75 5.61 9.94
C THR A 42 1.84 5.78 8.72
N TYR A 43 2.21 5.14 7.62
CA TYR A 43 1.45 5.23 6.38
C TYR A 43 0.78 3.90 6.05
N THR A 44 -0.44 3.98 5.50
CA THR A 44 -1.19 2.77 5.13
C THR A 44 -1.37 2.73 3.61
N VAL A 45 -1.02 1.60 3.00
CA VAL A 45 -1.14 1.45 1.56
C VAL A 45 -2.41 0.70 1.16
N SER A 46 -3.07 1.22 0.13
CA SER A 46 -4.28 0.63 -0.41
C SER A 46 -3.98 0.11 -1.82
N VAL A 47 -4.04 -1.21 -1.99
CA VAL A 47 -3.75 -1.81 -3.28
C VAL A 47 -4.94 -2.59 -3.83
N PHE A 48 -5.08 -2.58 -5.15
CA PHE A 48 -6.18 -3.26 -5.81
C PHE A 48 -5.68 -4.22 -6.88
N THR A 49 -6.03 -5.50 -6.71
CA THR A 49 -5.64 -6.54 -7.65
C THR A 49 -6.86 -7.09 -8.39
N LYS A 50 -6.69 -7.35 -9.68
CA LYS A 50 -7.77 -7.88 -10.50
C LYS A 50 -8.07 -9.34 -10.15
N ALA A 51 -9.33 -9.74 -10.26
CA ALA A 51 -9.74 -11.09 -9.95
C ALA A 51 -9.96 -11.91 -11.23
N ILE A 52 -9.77 -13.22 -11.12
CA ILE A 52 -9.96 -14.11 -12.27
C ILE A 52 -11.14 -13.66 -13.12
N ILE A 53 -12.13 -13.06 -12.48
CA ILE A 53 -13.32 -12.60 -13.19
C ILE A 53 -14.57 -12.76 -12.32
N SER A 54 -15.20 -13.91 -12.44
CA SER A 54 -16.42 -14.20 -11.67
C SER A 54 -16.20 -13.92 -10.19
N GLU A 55 -15.02 -14.26 -9.68
CA GLU A 55 -14.70 -14.05 -8.28
C GLU A 55 -14.72 -12.57 -7.94
N ASN A 56 -14.69 -11.72 -8.97
CA ASN A 56 -14.71 -10.28 -8.78
C ASN A 56 -13.33 -9.77 -8.35
N PRO A 57 -12.90 -8.63 -8.90
CA PRO A 57 -11.60 -8.04 -8.58
C PRO A 57 -11.30 -8.08 -7.09
N CYS A 58 -10.02 -8.22 -6.76
CA CYS A 58 -9.59 -8.28 -5.37
C CYS A 58 -8.70 -7.10 -5.01
N ILE A 59 -9.20 -6.25 -4.11
CA ILE A 59 -8.45 -5.08 -3.68
C ILE A 59 -8.00 -5.25 -2.23
N LYS A 60 -6.75 -4.89 -1.95
CA LYS A 60 -6.22 -5.02 -0.59
C LYS A 60 -5.29 -3.87 -0.21
N HIS A 61 -5.29 -3.54 1.07
CA HIS A 61 -4.46 -2.48 1.61
C HIS A 61 -3.50 -3.02 2.68
N TYR A 62 -2.40 -2.33 2.89
CA TYR A 62 -1.43 -2.72 3.91
C TYR A 62 -0.87 -1.50 4.63
N HIS A 63 -0.96 -1.51 5.96
CA HIS A 63 -0.46 -0.42 6.77
C HIS A 63 1.06 -0.51 6.90
N ILE A 64 1.76 0.54 6.52
CA ILE A 64 3.22 0.55 6.59
C ILE A 64 3.68 0.62 8.04
N LYS A 65 4.47 -0.36 8.45
CA LYS A 65 4.98 -0.41 9.81
C LYS A 65 6.27 0.40 9.92
N GLU A 66 6.38 1.17 11.00
CA GLU A 66 7.56 2.00 11.23
C GLU A 66 8.46 1.40 12.30
N THR A 67 9.77 1.64 12.16
CA THR A 67 10.73 1.13 13.13
C THR A 67 11.93 2.06 13.29
N ASN A 68 13.13 1.51 13.33
CA ASN A 68 14.33 2.33 13.49
C ASN A 68 15.33 2.13 12.35
N ASP A 69 15.28 0.97 11.71
CA ASP A 69 16.20 0.65 10.63
C ASP A 69 16.83 1.92 10.05
N SER A 70 18.15 1.85 9.80
CA SER A 70 18.87 2.98 9.24
C SER A 70 19.01 2.89 7.73
N PRO A 71 18.12 3.52 6.96
CA PRO A 71 17.00 4.31 7.45
C PRO A 71 15.69 3.56 7.29
N LYS A 72 15.77 2.30 6.88
CA LYS A 72 14.58 1.48 6.66
C LYS A 72 13.59 1.65 7.82
N ARG A 73 12.79 2.70 7.74
CA ARG A 73 11.84 3.01 8.77
C ARG A 73 10.39 2.68 8.38
N TYR A 74 10.19 2.00 7.27
CA TYR A 74 8.85 1.65 6.81
C TYR A 74 8.79 0.21 6.37
N TYR A 75 7.83 -0.53 6.89
CA TYR A 75 7.68 -1.92 6.51
C TYR A 75 6.24 -2.39 6.60
N VAL A 76 5.84 -3.14 5.57
CA VAL A 76 4.52 -3.72 5.52
C VAL A 76 4.71 -5.21 5.34
N ALA A 77 5.54 -5.74 6.23
CA ALA A 77 5.90 -7.14 6.26
C ALA A 77 6.97 -7.34 7.33
N GLU A 78 7.16 -8.56 7.78
CA GLU A 78 8.15 -8.84 8.82
C GLU A 78 9.52 -9.08 8.21
N LYS A 79 10.02 -8.07 7.53
CA LYS A 79 11.33 -8.13 6.90
C LYS A 79 11.48 -7.04 5.85
N TYR A 80 10.35 -6.41 5.50
CA TYR A 80 10.34 -5.34 4.53
C TYR A 80 10.38 -3.99 5.22
N VAL A 81 11.54 -3.65 5.79
CA VAL A 81 11.71 -2.39 6.49
C VAL A 81 12.49 -1.40 5.64
N PHE A 82 11.89 -0.26 5.36
CA PHE A 82 12.54 0.74 4.52
C PHE A 82 12.14 2.17 4.91
N ASP A 83 13.05 3.11 4.75
CA ASP A 83 12.79 4.51 5.08
C ASP A 83 12.01 5.21 3.97
N SER A 84 11.52 4.43 3.01
CA SER A 84 10.76 4.98 1.90
C SER A 84 9.59 4.07 1.53
N ILE A 85 8.39 4.53 1.81
CA ILE A 85 7.20 3.74 1.50
C ILE A 85 7.17 3.46 0.00
N PRO A 86 7.58 4.45 -0.81
CA PRO A 86 7.64 4.29 -2.27
C PRO A 86 8.63 3.19 -2.62
N LEU A 87 9.80 3.25 -1.99
CA LEU A 87 10.82 2.25 -2.19
C LEU A 87 10.29 0.93 -1.71
N LEU A 88 9.65 0.99 -0.55
CA LEU A 88 9.04 -0.17 0.04
C LEU A 88 7.95 -0.63 -0.93
N ILE A 89 7.27 0.36 -1.52
CA ILE A 89 6.27 0.06 -2.54
C ILE A 89 7.01 -0.66 -3.64
N GLN A 90 8.15 -0.09 -4.03
CA GLN A 90 8.99 -0.69 -5.05
C GLN A 90 9.45 -2.05 -4.57
N TYR A 91 9.74 -2.14 -3.27
CA TYR A 91 10.17 -3.39 -2.66
C TYR A 91 9.06 -4.42 -2.78
N HIS A 92 7.83 -3.96 -2.59
CA HIS A 92 6.67 -4.82 -2.71
C HIS A 92 6.31 -4.94 -4.19
N GLN A 93 7.32 -4.69 -5.02
CA GLN A 93 7.19 -4.76 -6.46
C GLN A 93 8.40 -4.19 -7.11
N TYR A 94 9.28 -5.10 -7.33
CA TYR A 94 10.58 -4.85 -7.93
C TYR A 94 11.68 -5.53 -7.13
N ASN A 95 11.36 -5.87 -5.88
CA ASN A 95 12.30 -6.52 -4.99
C ASN A 95 11.64 -7.70 -4.29
N GLY A 96 10.75 -8.38 -5.00
CA GLY A 96 10.05 -9.53 -4.43
C GLY A 96 9.14 -9.16 -3.28
N GLY A 97 7.93 -8.70 -3.60
CA GLY A 97 6.98 -8.33 -2.57
C GLY A 97 6.32 -9.53 -1.94
N GLY A 98 5.18 -9.30 -1.28
CA GLY A 98 4.46 -10.40 -0.64
C GLY A 98 3.11 -9.99 -0.09
N LEU A 99 2.56 -8.90 -0.61
CA LEU A 99 1.26 -8.40 -0.15
C LEU A 99 0.37 -8.04 -1.32
N VAL A 100 -0.92 -8.29 -1.19
CA VAL A 100 -1.89 -7.99 -2.25
C VAL A 100 -1.17 -7.71 -3.56
N THR A 101 -1.06 -8.74 -4.40
CA THR A 101 -0.39 -8.59 -5.68
C THR A 101 0.71 -7.54 -5.58
N ARG A 102 1.25 -7.42 -4.38
CA ARG A 102 2.31 -6.46 -4.10
C ARG A 102 2.05 -5.13 -4.78
N LEU A 103 2.79 -4.09 -4.37
CA LEU A 103 2.64 -2.76 -4.95
C LEU A 103 2.85 -2.83 -6.45
N ARG A 104 1.76 -2.87 -7.20
CA ARG A 104 1.83 -2.96 -8.65
C ARG A 104 1.58 -1.63 -9.35
N TYR A 105 0.31 -1.23 -9.40
CA TYR A 105 -0.08 0.00 -10.07
C TYR A 105 -0.58 1.05 -9.08
N PRO A 106 -0.02 2.26 -9.16
CA PRO A 106 -0.39 3.38 -8.29
C PRO A 106 -1.71 4.00 -8.71
N VAL A 107 -2.66 4.07 -7.77
CA VAL A 107 -3.96 4.64 -8.06
C VAL A 107 -4.23 5.87 -7.20
N CYS A 108 -3.17 6.66 -6.96
CA CYS A 108 -3.31 7.86 -6.14
C CYS A 108 -4.60 8.60 -6.46
N GLY A 109 -5.69 8.15 -5.86
CA GLY A 109 -6.97 8.78 -6.10
C GLY A 109 -7.55 8.44 -7.45
N ALA B 2 -5.40 -1.41 14.43
CA ALA B 2 -4.20 -2.15 14.76
C ALA B 2 -4.02 -3.35 13.82
N ASP B 3 -5.12 -3.84 13.29
CA ASP B 3 -5.09 -4.98 12.38
C ASP B 3 -4.54 -4.57 11.01
N GLU B 5 -4.74 -4.87 7.64
CA GLU B 5 -4.19 -5.97 6.84
C GLU B 5 -2.77 -6.28 7.27
N PRO B 6 -2.61 -7.09 8.32
CA PRO B 6 -1.29 -7.47 8.84
C PRO B 6 -0.51 -8.33 7.86
N PRO B 7 0.49 -7.73 7.19
CA PRO B 7 1.34 -8.42 6.22
C PRO B 7 1.60 -9.87 6.61
#